data_6KZZ
# 
_entry.id   6KZZ 
# 
_audit_conform.dict_name       mmcif_pdbx.dic 
_audit_conform.dict_version    5.380 
_audit_conform.dict_location   http://mmcif.pdb.org/dictionaries/ascii/mmcif_pdbx.dic 
# 
loop_
_database_2.database_id 
_database_2.database_code 
_database_2.pdbx_database_accession 
_database_2.pdbx_DOI 
PDB   6KZZ         pdb_00006kzz 10.2210/pdb6kzz/pdb 
WWPDB D_1300013950 ?            ?                   
# 
loop_
_pdbx_database_related.db_name 
_pdbx_database_related.details 
_pdbx_database_related.db_id 
_pdbx_database_related.content_type 
PDB . 6KZV unspecified 
PDB . 6KZX unspecified 
# 
_pdbx_database_status.status_code                     REL 
_pdbx_database_status.status_code_sf                  REL 
_pdbx_database_status.status_code_mr                  ? 
_pdbx_database_status.entry_id                        6KZZ 
_pdbx_database_status.recvd_initial_deposition_date   2019-09-25 
_pdbx_database_status.SG_entry                        N 
_pdbx_database_status.deposit_site                    PDBJ 
_pdbx_database_status.process_site                    PDBJ 
_pdbx_database_status.status_code_cs                  ? 
_pdbx_database_status.methods_development_category    ? 
_pdbx_database_status.pdb_format_compatible           Y 
_pdbx_database_status.status_code_nmr_data            ? 
# 
loop_
_audit_author.name 
_audit_author.pdbx_ordinal 
_audit_author.identifier_ORCID 
'Mima, M.'     1 0000-0003-2336-9129 
'Takeuchi, T.' 2 ?                   
'Ushiyama, F.' 3 0000-0003-3122-8625 
# 
_citation.abstract                  ? 
_citation.abstract_id_CAS           ? 
_citation.book_id_ISBN              ? 
_citation.book_publisher            ? 
_citation.book_publisher_city       ? 
_citation.book_title                ? 
_citation.coordinate_linkage        ? 
_citation.country                   US 
_citation.database_id_Medline       ? 
_citation.details                   ? 
_citation.id                        primary 
_citation.journal_abbrev            'Acs Omega' 
_citation.journal_id_ASTM           ? 
_citation.journal_id_CSD            ? 
_citation.journal_id_ISSN           2470-1343 
_citation.journal_full              ? 
_citation.journal_issue             ? 
_citation.journal_volume            5 
_citation.language                  ? 
_citation.page_first                10145 
_citation.page_last                 10159 
_citation.title                     
;Lead Identification of 8-(Methylamino)-2-oxo-1,2-dihydroquinoline Derivatives as DNA Gyrase Inhibitors: Hit-to-Lead Generation Involving Thermodynamic Evaluation.
;
_citation.year                      2020 
_citation.database_id_CSD           ? 
_citation.pdbx_database_id_DOI      10.1021/acsomega.0c00865 
_citation.pdbx_database_id_PubMed   32391502 
_citation.unpublished_flag          ? 
# 
loop_
_citation_author.citation_id 
_citation_author.name 
_citation_author.ordinal 
_citation_author.identifier_ORCID 
primary 'Ushiyama, F.'        1  ? 
primary 'Amada, H.'           2  ? 
primary 'Takeuchi, T.'        3  ? 
primary 'Tanaka-Yamamoto, N.' 4  ? 
primary 'Kanazawa, H.'        5  ? 
primary 'Nakano, K.'          6  ? 
primary 'Mima, M.'            7  ? 
primary 'Masuko, A.'          8  ? 
primary 'Takata, I.'          9  ? 
primary 'Hitaka, K.'          10 ? 
primary 'Iwamoto, K.'         11 ? 
primary 'Sugiyama, H.'        12 ? 
primary 'Ohtake, N.'          13 ? 
# 
_cell.angle_alpha                  90.00 
_cell.angle_alpha_esd              ? 
_cell.angle_beta                   90.00 
_cell.angle_beta_esd               ? 
_cell.angle_gamma                  90.00 
_cell.angle_gamma_esd              ? 
_cell.entry_id                     6KZZ 
_cell.details                      ? 
_cell.formula_units_Z              ? 
_cell.length_a                     41.303 
_cell.length_a_esd                 ? 
_cell.length_b                     67.080 
_cell.length_b_esd                 ? 
_cell.length_c                     68.285 
_cell.length_c_esd                 ? 
_cell.volume                       ? 
_cell.volume_esd                   ? 
_cell.Z_PDB                        4 
_cell.reciprocal_angle_alpha       ? 
_cell.reciprocal_angle_beta        ? 
_cell.reciprocal_angle_gamma       ? 
_cell.reciprocal_angle_alpha_esd   ? 
_cell.reciprocal_angle_beta_esd    ? 
_cell.reciprocal_angle_gamma_esd   ? 
_cell.reciprocal_length_a          ? 
_cell.reciprocal_length_b          ? 
_cell.reciprocal_length_c          ? 
_cell.reciprocal_length_a_esd      ? 
_cell.reciprocal_length_b_esd      ? 
_cell.reciprocal_length_c_esd      ? 
_cell.pdbx_unique_axis             ? 
# 
_symmetry.entry_id                         6KZZ 
_symmetry.cell_setting                     ? 
_symmetry.Int_Tables_number                19 
_symmetry.space_group_name_Hall            ? 
_symmetry.space_group_name_H-M             'P 21 21 21' 
_symmetry.pdbx_full_space_group_name_H-M   ? 
# 
loop_
_entity.id 
_entity.type 
_entity.src_method 
_entity.pdbx_description 
_entity.formula_weight 
_entity.pdbx_number_of_molecules 
_entity.pdbx_ec 
_entity.pdbx_mutation 
_entity.pdbx_fragment 
_entity.details 
1 polymer     man 'DNA gyrase subunit B'                                                               24191.182 1   5.6.2.2 ? ? ? 
2 non-polymer syn '4-[[8-(methylamino)-2-oxidanylidene-1~{H}-quinolin-3-yl]carbonylamino]benzoic acid' 337.329   1   ?       ? ? ? 
3 water       nat water                                                                                18.015    133 ?       ? ? ? 
# 
_entity_poly.entity_id                      1 
_entity_poly.type                           'polypeptide(L)' 
_entity_poly.nstd_linkage                   no 
_entity_poly.nstd_monomer                   no 
_entity_poly.pdbx_seq_one_letter_code       
;MSNSYDSSSIKVLKGLDAVRKRPGMYIGDTDDGTGLHHMVFEVVDNAIDEALAGHCKEIIVTIHADNSVSVQDDGRGIPT
GIHPEEGVSAAEVIMTVLHAGGKFDDNSYKVSGGLHGVGVSVVNALSQKLELVIQREGKIHRQIYEHGVPQAPLAVTGET
EKTGTMVRFWPSLETFTNVTEFEYEILAKRLRELSFLNSGVSIRLRDKRDGKEDHFHYEG
;
_entity_poly.pdbx_seq_one_letter_code_can   
;MSNSYDSSSIKVLKGLDAVRKRPGMYIGDTDDGTGLHHMVFEVVDNAIDEALAGHCKEIIVTIHADNSVSVQDDGRGIPT
GIHPEEGVSAAEVIMTVLHAGGKFDDNSYKVSGGLHGVGVSVVNALSQKLELVIQREGKIHRQIYEHGVPQAPLAVTGET
EKTGTMVRFWPSLETFTNVTEFEYEILAKRLRELSFLNSGVSIRLRDKRDGKEDHFHYEG
;
_entity_poly.pdbx_strand_id                 A 
_entity_poly.pdbx_target_identifier         ? 
# 
loop_
_entity_poly_seq.entity_id 
_entity_poly_seq.num 
_entity_poly_seq.mon_id 
_entity_poly_seq.hetero 
1 1   MET n 
1 2   SER n 
1 3   ASN n 
1 4   SER n 
1 5   TYR n 
1 6   ASP n 
1 7   SER n 
1 8   SER n 
1 9   SER n 
1 10  ILE n 
1 11  LYS n 
1 12  VAL n 
1 13  LEU n 
1 14  LYS n 
1 15  GLY n 
1 16  LEU n 
1 17  ASP n 
1 18  ALA n 
1 19  VAL n 
1 20  ARG n 
1 21  LYS n 
1 22  ARG n 
1 23  PRO n 
1 24  GLY n 
1 25  MET n 
1 26  TYR n 
1 27  ILE n 
1 28  GLY n 
1 29  ASP n 
1 30  THR n 
1 31  ASP n 
1 32  ASP n 
1 33  GLY n 
1 34  THR n 
1 35  GLY n 
1 36  LEU n 
1 37  HIS n 
1 38  HIS n 
1 39  MET n 
1 40  VAL n 
1 41  PHE n 
1 42  GLU n 
1 43  VAL n 
1 44  VAL n 
1 45  ASP n 
1 46  ASN n 
1 47  ALA n 
1 48  ILE n 
1 49  ASP n 
1 50  GLU n 
1 51  ALA n 
1 52  LEU n 
1 53  ALA n 
1 54  GLY n 
1 55  HIS n 
1 56  CYS n 
1 57  LYS n 
1 58  GLU n 
1 59  ILE n 
1 60  ILE n 
1 61  VAL n 
1 62  THR n 
1 63  ILE n 
1 64  HIS n 
1 65  ALA n 
1 66  ASP n 
1 67  ASN n 
1 68  SER n 
1 69  VAL n 
1 70  SER n 
1 71  VAL n 
1 72  GLN n 
1 73  ASP n 
1 74  ASP n 
1 75  GLY n 
1 76  ARG n 
1 77  GLY n 
1 78  ILE n 
1 79  PRO n 
1 80  THR n 
1 81  GLY n 
1 82  ILE n 
1 83  HIS n 
1 84  PRO n 
1 85  GLU n 
1 86  GLU n 
1 87  GLY n 
1 88  VAL n 
1 89  SER n 
1 90  ALA n 
1 91  ALA n 
1 92  GLU n 
1 93  VAL n 
1 94  ILE n 
1 95  MET n 
1 96  THR n 
1 97  VAL n 
1 98  LEU n 
1 99  HIS n 
1 100 ALA n 
1 101 GLY n 
1 102 GLY n 
1 103 LYS n 
1 104 PHE n 
1 105 ASP n 
1 106 ASP n 
1 107 ASN n 
1 108 SER n 
1 109 TYR n 
1 110 LYS n 
1 111 VAL n 
1 112 SER n 
1 113 GLY n 
1 114 GLY n 
1 115 LEU n 
1 116 HIS n 
1 117 GLY n 
1 118 VAL n 
1 119 GLY n 
1 120 VAL n 
1 121 SER n 
1 122 VAL n 
1 123 VAL n 
1 124 ASN n 
1 125 ALA n 
1 126 LEU n 
1 127 SER n 
1 128 GLN n 
1 129 LYS n 
1 130 LEU n 
1 131 GLU n 
1 132 LEU n 
1 133 VAL n 
1 134 ILE n 
1 135 GLN n 
1 136 ARG n 
1 137 GLU n 
1 138 GLY n 
1 139 LYS n 
1 140 ILE n 
1 141 HIS n 
1 142 ARG n 
1 143 GLN n 
1 144 ILE n 
1 145 TYR n 
1 146 GLU n 
1 147 HIS n 
1 148 GLY n 
1 149 VAL n 
1 150 PRO n 
1 151 GLN n 
1 152 ALA n 
1 153 PRO n 
1 154 LEU n 
1 155 ALA n 
1 156 VAL n 
1 157 THR n 
1 158 GLY n 
1 159 GLU n 
1 160 THR n 
1 161 GLU n 
1 162 LYS n 
1 163 THR n 
1 164 GLY n 
1 165 THR n 
1 166 MET n 
1 167 VAL n 
1 168 ARG n 
1 169 PHE n 
1 170 TRP n 
1 171 PRO n 
1 172 SER n 
1 173 LEU n 
1 174 GLU n 
1 175 THR n 
1 176 PHE n 
1 177 THR n 
1 178 ASN n 
1 179 VAL n 
1 180 THR n 
1 181 GLU n 
1 182 PHE n 
1 183 GLU n 
1 184 TYR n 
1 185 GLU n 
1 186 ILE n 
1 187 LEU n 
1 188 ALA n 
1 189 LYS n 
1 190 ARG n 
1 191 LEU n 
1 192 ARG n 
1 193 GLU n 
1 194 LEU n 
1 195 SER n 
1 196 PHE n 
1 197 LEU n 
1 198 ASN n 
1 199 SER n 
1 200 GLY n 
1 201 VAL n 
1 202 SER n 
1 203 ILE n 
1 204 ARG n 
1 205 LEU n 
1 206 ARG n 
1 207 ASP n 
1 208 LYS n 
1 209 ARG n 
1 210 ASP n 
1 211 GLY n 
1 212 LYS n 
1 213 GLU n 
1 214 ASP n 
1 215 HIS n 
1 216 PHE n 
1 217 HIS n 
1 218 TYR n 
1 219 GLU n 
1 220 GLY n 
# 
_entity_src_gen.entity_id                          1 
_entity_src_gen.pdbx_src_id                        1 
_entity_src_gen.pdbx_alt_source_flag               sample 
_entity_src_gen.pdbx_seq_type                      'Biological sequence' 
_entity_src_gen.pdbx_beg_seq_num                   1 
_entity_src_gen.pdbx_end_seq_num                   220 
_entity_src_gen.gene_src_common_name               ? 
_entity_src_gen.gene_src_genus                     ? 
_entity_src_gen.pdbx_gene_src_gene                 'gyrB, C9Z04_12785' 
_entity_src_gen.gene_src_species                   ? 
_entity_src_gen.gene_src_strain                    ? 
_entity_src_gen.gene_src_tissue                    ? 
_entity_src_gen.gene_src_tissue_fraction           ? 
_entity_src_gen.gene_src_details                   ? 
_entity_src_gen.pdbx_gene_src_fragment             ? 
_entity_src_gen.pdbx_gene_src_scientific_name      'Escherichia coli' 
_entity_src_gen.pdbx_gene_src_ncbi_taxonomy_id     562 
_entity_src_gen.pdbx_gene_src_variant              ? 
_entity_src_gen.pdbx_gene_src_cell_line            ? 
_entity_src_gen.pdbx_gene_src_atcc                 ? 
_entity_src_gen.pdbx_gene_src_organ                ? 
_entity_src_gen.pdbx_gene_src_organelle            ? 
_entity_src_gen.pdbx_gene_src_cell                 ? 
_entity_src_gen.pdbx_gene_src_cellular_location    ? 
_entity_src_gen.host_org_common_name               ? 
_entity_src_gen.pdbx_host_org_scientific_name      'Escherichia coli' 
_entity_src_gen.pdbx_host_org_ncbi_taxonomy_id     562 
_entity_src_gen.host_org_genus                     ? 
_entity_src_gen.pdbx_host_org_gene                 ? 
_entity_src_gen.pdbx_host_org_organ                ? 
_entity_src_gen.host_org_species                   ? 
_entity_src_gen.pdbx_host_org_tissue               ? 
_entity_src_gen.pdbx_host_org_tissue_fraction      ? 
_entity_src_gen.pdbx_host_org_strain               ? 
_entity_src_gen.pdbx_host_org_variant              ? 
_entity_src_gen.pdbx_host_org_cell_line            ? 
_entity_src_gen.pdbx_host_org_atcc                 ? 
_entity_src_gen.pdbx_host_org_culture_collection   ? 
_entity_src_gen.pdbx_host_org_cell                 ? 
_entity_src_gen.pdbx_host_org_organelle            ? 
_entity_src_gen.pdbx_host_org_cellular_location    ? 
_entity_src_gen.pdbx_host_org_vector_type          ? 
_entity_src_gen.pdbx_host_org_vector               ? 
_entity_src_gen.host_org_details                   ? 
_entity_src_gen.expression_system_id               ? 
_entity_src_gen.plasmid_name                       ? 
_entity_src_gen.plasmid_details                    ? 
_entity_src_gen.pdbx_description                   ? 
# 
_struct_ref.id                         1 
_struct_ref.db_name                    UNP 
_struct_ref.db_code                    A0A4V5JMQ9_ECOLX 
_struct_ref.pdbx_db_accession          A0A4V5JMQ9 
_struct_ref.pdbx_db_isoform            ? 
_struct_ref.entity_id                  1 
_struct_ref.pdbx_seq_one_letter_code   
;MSNSYDSSSIKVLKGLDAVRKRPGMYIGDTDDGTGLHHMVFEVVDNAIDEALAGHCKEIIVTIHADNSVSVQDDGRGIPT
GIHPEEGVSAAEVIMTVLHAGGKFDDNSYKVSGGLHGVGVSVVNALSQKLELVIQREGKIHRQIYEHGVPQAPLAVTGET
EKTGTMVRFWPSLETFTNVTEFEYEILAKRLRELSFLNSGVSIRLRDKRDGKEDHFHYEG
;
_struct_ref.pdbx_align_begin           1 
# 
_struct_ref_seq.align_id                      1 
_struct_ref_seq.ref_id                        1 
_struct_ref_seq.pdbx_PDB_id_code              6KZZ 
_struct_ref_seq.pdbx_strand_id                A 
_struct_ref_seq.seq_align_beg                 1 
_struct_ref_seq.pdbx_seq_align_beg_ins_code   ? 
_struct_ref_seq.seq_align_end                 220 
_struct_ref_seq.pdbx_seq_align_end_ins_code   ? 
_struct_ref_seq.pdbx_db_accession             A0A4V5JMQ9 
_struct_ref_seq.db_align_beg                  1 
_struct_ref_seq.pdbx_db_align_beg_ins_code    ? 
_struct_ref_seq.db_align_end                  220 
_struct_ref_seq.pdbx_db_align_end_ins_code    ? 
_struct_ref_seq.pdbx_auth_seq_align_beg       1 
_struct_ref_seq.pdbx_auth_seq_align_end       220 
# 
loop_
_chem_comp.id 
_chem_comp.type 
_chem_comp.mon_nstd_flag 
_chem_comp.name 
_chem_comp.pdbx_synonyms 
_chem_comp.formula 
_chem_comp.formula_weight 
ALA 'L-peptide linking' y ALANINE                                                                              ? 'C3 H7 N O2'     
89.093  
ARG 'L-peptide linking' y ARGININE                                                                             ? 'C6 H15 N4 O2 1' 
175.209 
ASN 'L-peptide linking' y ASPARAGINE                                                                           ? 'C4 H8 N2 O3'    
132.118 
ASP 'L-peptide linking' y 'ASPARTIC ACID'                                                                      ? 'C4 H7 N O4'     
133.103 
CYS 'L-peptide linking' y CYSTEINE                                                                             ? 'C3 H7 N O2 S'   
121.158 
E0R non-polymer         . '4-[[8-(methylamino)-2-oxidanylidene-1~{H}-quinolin-3-yl]carbonylamino]benzoic acid' 
'4-{[8-(methylamino)-2-oxo-1,2-dihydroquinoline-3-carbonyl]amino}benzoic acid' 'C18 H15 N3 O4'  337.329 
GLN 'L-peptide linking' y GLUTAMINE                                                                            ? 'C5 H10 N2 O3'   
146.144 
GLU 'L-peptide linking' y 'GLUTAMIC ACID'                                                                      ? 'C5 H9 N O4'     
147.129 
GLY 'peptide linking'   y GLYCINE                                                                              ? 'C2 H5 N O2'     
75.067  
HIS 'L-peptide linking' y HISTIDINE                                                                            ? 'C6 H10 N3 O2 1' 
156.162 
HOH non-polymer         . WATER                                                                                ? 'H2 O'           
18.015  
ILE 'L-peptide linking' y ISOLEUCINE                                                                           ? 'C6 H13 N O2'    
131.173 
LEU 'L-peptide linking' y LEUCINE                                                                              ? 'C6 H13 N O2'    
131.173 
LYS 'L-peptide linking' y LYSINE                                                                               ? 'C6 H15 N2 O2 1' 
147.195 
MET 'L-peptide linking' y METHIONINE                                                                           ? 'C5 H11 N O2 S'  
149.211 
PHE 'L-peptide linking' y PHENYLALANINE                                                                        ? 'C9 H11 N O2'    
165.189 
PRO 'L-peptide linking' y PROLINE                                                                              ? 'C5 H9 N O2'     
115.130 
SER 'L-peptide linking' y SERINE                                                                               ? 'C3 H7 N O3'     
105.093 
THR 'L-peptide linking' y THREONINE                                                                            ? 'C4 H9 N O3'     
119.119 
TRP 'L-peptide linking' y TRYPTOPHAN                                                                           ? 'C11 H12 N2 O2'  
204.225 
TYR 'L-peptide linking' y TYROSINE                                                                             ? 'C9 H11 N O3'    
181.189 
VAL 'L-peptide linking' y VALINE                                                                               ? 'C5 H11 N O2'    
117.146 
# 
_exptl.absorpt_coefficient_mu     ? 
_exptl.absorpt_correction_T_max   ? 
_exptl.absorpt_correction_T_min   ? 
_exptl.absorpt_correction_type    ? 
_exptl.absorpt_process_details    ? 
_exptl.entry_id                   6KZZ 
_exptl.crystals_number            1 
_exptl.details                    ? 
_exptl.method                     'X-RAY DIFFRACTION' 
_exptl.method_details             ? 
# 
_exptl_crystal.colour                      ? 
_exptl_crystal.density_diffrn              ? 
_exptl_crystal.density_Matthews            1.96 
_exptl_crystal.density_method              ? 
_exptl_crystal.density_percent_sol         37.09 
_exptl_crystal.description                 ? 
_exptl_crystal.F_000                       ? 
_exptl_crystal.id                          1 
_exptl_crystal.preparation                 ? 
_exptl_crystal.size_max                    ? 
_exptl_crystal.size_mid                    ? 
_exptl_crystal.size_min                    ? 
_exptl_crystal.size_rad                    ? 
_exptl_crystal.colour_lustre               ? 
_exptl_crystal.colour_modifier             ? 
_exptl_crystal.colour_primary              ? 
_exptl_crystal.density_meas                ? 
_exptl_crystal.density_meas_esd            ? 
_exptl_crystal.density_meas_gt             ? 
_exptl_crystal.density_meas_lt             ? 
_exptl_crystal.density_meas_temp           ? 
_exptl_crystal.density_meas_temp_esd       ? 
_exptl_crystal.density_meas_temp_gt        ? 
_exptl_crystal.density_meas_temp_lt        ? 
_exptl_crystal.pdbx_crystal_image_url      ? 
_exptl_crystal.pdbx_crystal_image_format   ? 
_exptl_crystal.pdbx_mosaicity              ? 
_exptl_crystal.pdbx_mosaicity_esd          ? 
# 
_exptl_crystal_grow.apparatus       ? 
_exptl_crystal_grow.atmosphere      ? 
_exptl_crystal_grow.crystal_id      1 
_exptl_crystal_grow.details         ? 
_exptl_crystal_grow.method          'VAPOR DIFFUSION' 
_exptl_crystal_grow.method_ref      ? 
_exptl_crystal_grow.pH              ? 
_exptl_crystal_grow.pressure        ? 
_exptl_crystal_grow.pressure_esd    ? 
_exptl_crystal_grow.seeding         ? 
_exptl_crystal_grow.seeding_ref     ? 
_exptl_crystal_grow.temp            293 
_exptl_crystal_grow.temp_details    ? 
_exptl_crystal_grow.temp_esd        ? 
_exptl_crystal_grow.time            ? 
_exptl_crystal_grow.pdbx_details    'MES, n-Octyl-beta-D-glucopyranoside, PEG3350' 
_exptl_crystal_grow.pdbx_pH_range   ? 
# 
_diffrn.ambient_environment              ? 
_diffrn.ambient_temp                     100 
_diffrn.ambient_temp_details             ? 
_diffrn.ambient_temp_esd                 ? 
_diffrn.crystal_id                       1 
_diffrn.crystal_support                  ? 
_diffrn.crystal_treatment                ? 
_diffrn.details                          ? 
_diffrn.id                               1 
_diffrn.ambient_pressure                 ? 
_diffrn.ambient_pressure_esd             ? 
_diffrn.ambient_pressure_gt              ? 
_diffrn.ambient_pressure_lt              ? 
_diffrn.ambient_temp_gt                  ? 
_diffrn.ambient_temp_lt                  ? 
_diffrn.pdbx_serial_crystal_experiment   N 
# 
_diffrn_detector.details                      ? 
_diffrn_detector.detector                     'IMAGE PLATE' 
_diffrn_detector.diffrn_id                    1 
_diffrn_detector.type                         'RIGAKU RAXIS VII' 
_diffrn_detector.area_resol_mean              ? 
_diffrn_detector.dtime                        ? 
_diffrn_detector.pdbx_frames_total            ? 
_diffrn_detector.pdbx_collection_time_total   ? 
_diffrn_detector.pdbx_collection_date         2014-12-11 
_diffrn_detector.pdbx_frequency               ? 
# 
_diffrn_radiation.collimation                      ? 
_diffrn_radiation.diffrn_id                        1 
_diffrn_radiation.filter_edge                      ? 
_diffrn_radiation.inhomogeneity                    ? 
_diffrn_radiation.monochromator                    ? 
_diffrn_radiation.polarisn_norm                    ? 
_diffrn_radiation.polarisn_ratio                   ? 
_diffrn_radiation.probe                            ? 
_diffrn_radiation.type                             ? 
_diffrn_radiation.xray_symbol                      ? 
_diffrn_radiation.wavelength_id                    1 
_diffrn_radiation.pdbx_monochromatic_or_laue_m_l   M 
_diffrn_radiation.pdbx_wavelength_list             ? 
_diffrn_radiation.pdbx_wavelength                  ? 
_diffrn_radiation.pdbx_diffrn_protocol             'SINGLE WAVELENGTH' 
_diffrn_radiation.pdbx_analyzer                    ? 
_diffrn_radiation.pdbx_scattering_type             x-ray 
# 
_diffrn_radiation_wavelength.id           1 
_diffrn_radiation_wavelength.wavelength   1.5418 
_diffrn_radiation_wavelength.wt           1.0 
# 
_diffrn_source.current                     ? 
_diffrn_source.details                     ? 
_diffrn_source.diffrn_id                   1 
_diffrn_source.power                       ? 
_diffrn_source.size                        ? 
_diffrn_source.source                      'ROTATING ANODE' 
_diffrn_source.target                      ? 
_diffrn_source.type                        'RIGAKU MICROMAX-007 HF' 
_diffrn_source.voltage                     ? 
_diffrn_source.take-off_angle              ? 
_diffrn_source.pdbx_wavelength_list        1.5418 
_diffrn_source.pdbx_wavelength             ? 
_diffrn_source.pdbx_synchrotron_beamline   ? 
_diffrn_source.pdbx_synchrotron_site       ? 
# 
_reflns.B_iso_Wilson_estimate            ? 
_reflns.entry_id                         6KZZ 
_reflns.data_reduction_details           ? 
_reflns.data_reduction_method            ? 
_reflns.d_resolution_high                2.00 
_reflns.d_resolution_low                 19.74 
_reflns.details                          ? 
_reflns.limit_h_max                      ? 
_reflns.limit_h_min                      ? 
_reflns.limit_k_max                      ? 
_reflns.limit_k_min                      ? 
_reflns.limit_l_max                      ? 
_reflns.limit_l_min                      ? 
_reflns.number_all                       ? 
_reflns.number_obs                       13170 
_reflns.observed_criterion               ? 
_reflns.observed_criterion_F_max         ? 
_reflns.observed_criterion_F_min         ? 
_reflns.observed_criterion_I_max         ? 
_reflns.observed_criterion_I_min         ? 
_reflns.observed_criterion_sigma_F       ? 
_reflns.observed_criterion_sigma_I       ? 
_reflns.percent_possible_obs             98.7 
_reflns.R_free_details                   ? 
_reflns.Rmerge_F_all                     ? 
_reflns.Rmerge_F_obs                     ? 
_reflns.Friedel_coverage                 ? 
_reflns.number_gt                        ? 
_reflns.threshold_expression             ? 
_reflns.pdbx_redundancy                  6.09 
_reflns.pdbx_Rmerge_I_obs                0.112 
_reflns.pdbx_Rmerge_I_all                ? 
_reflns.pdbx_Rsym_value                  ? 
_reflns.pdbx_netI_over_av_sigmaI         ? 
_reflns.pdbx_netI_over_sigmaI            10.2 
_reflns.pdbx_res_netI_over_av_sigmaI_2   ? 
_reflns.pdbx_res_netI_over_sigmaI_2      ? 
_reflns.pdbx_chi_squared                 ? 
_reflns.pdbx_scaling_rejects             ? 
_reflns.pdbx_d_res_high_opt              ? 
_reflns.pdbx_d_res_low_opt               ? 
_reflns.pdbx_d_res_opt_method            ? 
_reflns.phase_calculation_details        ? 
_reflns.pdbx_Rrim_I_all                  ? 
_reflns.pdbx_Rpim_I_all                  ? 
_reflns.pdbx_d_opt                       ? 
_reflns.pdbx_number_measured_all         ? 
_reflns.pdbx_diffrn_id                   1 
_reflns.pdbx_ordinal                     1 
_reflns.pdbx_CC_half                     ? 
_reflns.pdbx_R_split                     ? 
# 
_reflns_shell.d_res_high                  2.00 
_reflns_shell.d_res_low                   2.07 
_reflns_shell.meanI_over_sigI_all         ? 
_reflns_shell.meanI_over_sigI_obs         ? 
_reflns_shell.number_measured_all         ? 
_reflns_shell.number_measured_obs         ? 
_reflns_shell.number_possible             ? 
_reflns_shell.number_unique_all           ? 
_reflns_shell.number_unique_obs           1283 
_reflns_shell.percent_possible_all        ? 
_reflns_shell.percent_possible_obs        ? 
_reflns_shell.Rmerge_F_all                ? 
_reflns_shell.Rmerge_F_obs                ? 
_reflns_shell.Rmerge_I_all                ? 
_reflns_shell.Rmerge_I_obs                0.289 
_reflns_shell.meanI_over_sigI_gt          ? 
_reflns_shell.meanI_over_uI_all           ? 
_reflns_shell.meanI_over_uI_gt            ? 
_reflns_shell.number_measured_gt          ? 
_reflns_shell.number_unique_gt            ? 
_reflns_shell.percent_possible_gt         ? 
_reflns_shell.Rmerge_F_gt                 ? 
_reflns_shell.Rmerge_I_gt                 ? 
_reflns_shell.pdbx_redundancy             ? 
_reflns_shell.pdbx_Rsym_value             ? 
_reflns_shell.pdbx_chi_squared            ? 
_reflns_shell.pdbx_netI_over_sigmaI_all   ? 
_reflns_shell.pdbx_netI_over_sigmaI_obs   ? 
_reflns_shell.pdbx_Rrim_I_all             ? 
_reflns_shell.pdbx_Rpim_I_all             ? 
_reflns_shell.pdbx_rejects                ? 
_reflns_shell.pdbx_ordinal                1 
_reflns_shell.pdbx_diffrn_id              1 
_reflns_shell.pdbx_CC_half                ? 
_reflns_shell.pdbx_R_split                ? 
# 
_refine.aniso_B[1][1]                            ? 
_refine.aniso_B[1][2]                            ? 
_refine.aniso_B[1][3]                            ? 
_refine.aniso_B[2][2]                            ? 
_refine.aniso_B[2][3]                            ? 
_refine.aniso_B[3][3]                            ? 
_refine.B_iso_max                                ? 
_refine.B_iso_mean                               ? 
_refine.B_iso_min                                ? 
_refine.correlation_coeff_Fo_to_Fc               ? 
_refine.correlation_coeff_Fo_to_Fc_free          ? 
_refine.details                                  ? 
_refine.diff_density_max                         ? 
_refine.diff_density_max_esd                     ? 
_refine.diff_density_min                         ? 
_refine.diff_density_min_esd                     ? 
_refine.diff_density_rms                         ? 
_refine.diff_density_rms_esd                     ? 
_refine.entry_id                                 6KZZ 
_refine.pdbx_refine_id                           'X-RAY DIFFRACTION' 
_refine.ls_abs_structure_details                 ? 
_refine.ls_abs_structure_Flack                   ? 
_refine.ls_abs_structure_Flack_esd               ? 
_refine.ls_abs_structure_Rogers                  ? 
_refine.ls_abs_structure_Rogers_esd              ? 
_refine.ls_d_res_high                            2.00 
_refine.ls_d_res_low                             19.74 
_refine.ls_extinction_coef                       ? 
_refine.ls_extinction_coef_esd                   ? 
_refine.ls_extinction_expression                 ? 
_refine.ls_extinction_method                     ? 
_refine.ls_goodness_of_fit_all                   ? 
_refine.ls_goodness_of_fit_all_esd               ? 
_refine.ls_goodness_of_fit_obs                   ? 
_refine.ls_goodness_of_fit_obs_esd               ? 
_refine.ls_hydrogen_treatment                    ? 
_refine.ls_matrix_type                           ? 
_refine.ls_number_constraints                    ? 
_refine.ls_number_parameters                     ? 
_refine.ls_number_reflns_all                     ? 
_refine.ls_number_reflns_obs                     12495 
_refine.ls_number_reflns_R_free                  644 
_refine.ls_number_reflns_R_work                  ? 
_refine.ls_number_restraints                     ? 
_refine.ls_percent_reflns_obs                    98.33 
_refine.ls_percent_reflns_R_free                 ? 
_refine.ls_R_factor_all                          ? 
_refine.ls_R_factor_obs                          0.19252 
_refine.ls_R_factor_R_free                       0.23834 
_refine.ls_R_factor_R_free_error                 ? 
_refine.ls_R_factor_R_free_error_details         ? 
_refine.ls_R_factor_R_work                       0.19013 
_refine.ls_R_Fsqd_factor_obs                     ? 
_refine.ls_R_I_factor_obs                        ? 
_refine.ls_redundancy_reflns_all                 ? 
_refine.ls_redundancy_reflns_obs                 ? 
_refine.ls_restrained_S_all                      ? 
_refine.ls_restrained_S_obs                      ? 
_refine.ls_shift_over_esd_max                    ? 
_refine.ls_shift_over_esd_mean                   ? 
_refine.ls_structure_factor_coef                 ? 
_refine.ls_weighting_details                     ? 
_refine.ls_weighting_scheme                      ? 
_refine.ls_wR_factor_all                         ? 
_refine.ls_wR_factor_obs                         ? 
_refine.ls_wR_factor_R_free                      ? 
_refine.ls_wR_factor_R_work                      ? 
_refine.occupancy_max                            ? 
_refine.occupancy_min                            ? 
_refine.solvent_model_details                    ? 
_refine.solvent_model_param_bsol                 ? 
_refine.solvent_model_param_ksol                 ? 
_refine.ls_R_factor_gt                           ? 
_refine.ls_goodness_of_fit_gt                    ? 
_refine.ls_goodness_of_fit_ref                   ? 
_refine.ls_shift_over_su_max                     ? 
_refine.ls_shift_over_su_max_lt                  ? 
_refine.ls_shift_over_su_mean                    ? 
_refine.ls_shift_over_su_mean_lt                 ? 
_refine.pdbx_ls_sigma_I                          ? 
_refine.pdbx_ls_sigma_F                          ? 
_refine.pdbx_ls_sigma_Fsqd                       ? 
_refine.pdbx_data_cutoff_high_absF               ? 
_refine.pdbx_data_cutoff_high_rms_absF           ? 
_refine.pdbx_data_cutoff_low_absF                ? 
_refine.pdbx_isotropic_thermal_model             ? 
_refine.pdbx_ls_cross_valid_method               'FREE R-VALUE' 
_refine.pdbx_method_to_determine_struct          'MOLECULAR REPLACEMENT' 
_refine.pdbx_starting_model                      1AJ6 
_refine.pdbx_stereochemistry_target_values       ? 
_refine.pdbx_R_Free_selection_details            ? 
_refine.pdbx_stereochem_target_val_spec_case     ? 
_refine.pdbx_overall_ESU_R                       ? 
_refine.pdbx_overall_ESU_R_Free                  ? 
_refine.pdbx_solvent_vdw_probe_radii             ? 
_refine.pdbx_solvent_ion_probe_radii             ? 
_refine.pdbx_solvent_shrinkage_radii             ? 
_refine.pdbx_real_space_R                        ? 
_refine.pdbx_density_correlation                 ? 
_refine.pdbx_pd_number_of_powder_patterns        ? 
_refine.pdbx_pd_number_of_points                 ? 
_refine.pdbx_pd_meas_number_of_points            ? 
_refine.pdbx_pd_proc_ls_prof_R_factor            ? 
_refine.pdbx_pd_proc_ls_prof_wR_factor           ? 
_refine.pdbx_pd_Marquardt_correlation_coeff      ? 
_refine.pdbx_pd_Fsqrd_R_factor                   ? 
_refine.pdbx_pd_ls_matrix_band_width             ? 
_refine.pdbx_overall_phase_error                 ? 
_refine.pdbx_overall_SU_R_free_Cruickshank_DPI   ? 
_refine.pdbx_overall_SU_R_free_Blow_DPI          ? 
_refine.pdbx_overall_SU_R_Blow_DPI               ? 
_refine.pdbx_TLS_residual_ADP_flag               ? 
_refine.pdbx_diffrn_id                           1 
_refine.overall_SU_B                             ? 
_refine.overall_SU_ML                            ? 
_refine.overall_SU_R_Cruickshank_DPI             ? 
_refine.overall_SU_R_free                        ? 
_refine.overall_FOM_free_R_set                   ? 
_refine.overall_FOM_work_R_set                   ? 
_refine.pdbx_average_fsc_overall                 ? 
_refine.pdbx_average_fsc_work                    ? 
_refine.pdbx_average_fsc_free                    ? 
# 
_refine_hist.pdbx_refine_id                   'X-RAY DIFFRACTION' 
_refine_hist.cycle_id                         LAST 
_refine_hist.pdbx_number_atoms_protein        1524 
_refine_hist.pdbx_number_atoms_nucleic_acid   0 
_refine_hist.pdbx_number_atoms_ligand         25 
_refine_hist.number_atoms_solvent             133 
_refine_hist.number_atoms_total               1682 
_refine_hist.d_res_high                       2.00 
_refine_hist.d_res_low                        19.74 
# 
_refine_ls_shell.R_factor_R_free                  0.390 
_refine_ls_shell.R_factor_R_free_error            ? 
_refine_ls_shell.R_factor_R_work                  0.280 
_refine_ls_shell.R_factor_all                     ? 
_refine_ls_shell.R_factor_obs                     ? 
_refine_ls_shell.d_res_high                       2.000 
_refine_ls_shell.d_res_low                        2.052 
_refine_ls_shell.number_reflns_R_free             53 
_refine_ls_shell.number_reflns_R_work             ? 
_refine_ls_shell.number_reflns_all                ? 
_refine_ls_shell.number_reflns_obs                893 
_refine_ls_shell.pdbx_R_complete                  ? 
_refine_ls_shell.pdbx_fsc_free                    ? 
_refine_ls_shell.pdbx_fsc_work                    ? 
_refine_ls_shell.pdbx_phase_error                 ? 
_refine_ls_shell.pdbx_refine_id                   'X-RAY DIFFRACTION' 
_refine_ls_shell.pdbx_total_number_of_bins_used   ? 
_refine_ls_shell.percent_reflns_R_free            ? 
_refine_ls_shell.percent_reflns_obs               ? 
_refine_ls_shell.redundancy_reflns_all            ? 
_refine_ls_shell.redundancy_reflns_obs            ? 
_refine_ls_shell.wR_factor_R_free                 ? 
_refine_ls_shell.wR_factor_R_work                 ? 
_refine_ls_shell.wR_factor_all                    ? 
_refine_ls_shell.wR_factor_obs                    ? 
# 
_struct.entry_id                     6KZZ 
_struct.title                        
'Crystal structure of E.coli DNA gyrase B in complex with 2-oxo-1,2-dihydroquinoline derivative' 
_struct.pdbx_model_details           ? 
_struct.pdbx_formula_weight          ? 
_struct.pdbx_formula_weight_method   ? 
_struct.pdbx_model_type_details      ? 
_struct.pdbx_CASP_flag               N 
# 
_struct_keywords.entry_id        6KZZ 
_struct_keywords.text            'Inhibitor, Complex, Topoisomerase, Escherichia coli, ISOMERASE' 
_struct_keywords.pdbx_keywords   ISOMERASE 
# 
loop_
_struct_asym.id 
_struct_asym.pdbx_blank_PDB_chainid_flag 
_struct_asym.pdbx_modified 
_struct_asym.entity_id 
_struct_asym.details 
A N N 1 ? 
B N N 2 ? 
C N N 3 ? 
# 
loop_
_struct_conf.conf_type_id 
_struct_conf.id 
_struct_conf.pdbx_PDB_helix_id 
_struct_conf.beg_label_comp_id 
_struct_conf.beg_label_asym_id 
_struct_conf.beg_label_seq_id 
_struct_conf.pdbx_beg_PDB_ins_code 
_struct_conf.end_label_comp_id 
_struct_conf.end_label_asym_id 
_struct_conf.end_label_seq_id 
_struct_conf.pdbx_end_PDB_ins_code 
_struct_conf.beg_auth_comp_id 
_struct_conf.beg_auth_asym_id 
_struct_conf.beg_auth_seq_id 
_struct_conf.end_auth_comp_id 
_struct_conf.end_auth_asym_id 
_struct_conf.end_auth_seq_id 
_struct_conf.pdbx_PDB_helix_class 
_struct_conf.details 
_struct_conf.pdbx_PDB_helix_length 
HELX_P HELX_P1 AA1 ASP A 6   ? ARG A 22  ? ASP A 6   ARG A 22  1 ? 17 
HELX_P HELX_P2 AA2 PRO A 23  ? GLY A 28  ? PRO A 23  GLY A 28  1 ? 6  
HELX_P HELX_P3 AA3 GLY A 33  ? ALA A 53  ? GLY A 33  ALA A 53  1 ? 21 
HELX_P HELX_P4 AA4 SER A 89  ? VAL A 97  ? SER A 89  VAL A 97  1 ? 9  
HELX_P HELX_P5 AA5 GLY A 119 ? LEU A 126 ? GLY A 119 LEU A 126 1 ? 8  
HELX_P HELX_P6 AA6 GLU A 183 ? ASN A 198 ? GLU A 183 ASN A 198 1 ? 16 
# 
_struct_conf_type.id          HELX_P 
_struct_conf_type.criteria    ? 
_struct_conf_type.reference   ? 
# 
loop_
_struct_sheet.id 
_struct_sheet.type 
_struct_sheet.number_strands 
_struct_sheet.details 
AA1 ? 3 ? 
AA2 ? 8 ? 
# 
loop_
_struct_sheet_order.sheet_id 
_struct_sheet_order.range_id_1 
_struct_sheet_order.range_id_2 
_struct_sheet_order.offset 
_struct_sheet_order.sense 
AA1 1 2 ? anti-parallel 
AA1 2 3 ? anti-parallel 
AA2 1 2 ? anti-parallel 
AA2 2 3 ? anti-parallel 
AA2 3 4 ? anti-parallel 
AA2 4 5 ? anti-parallel 
AA2 5 6 ? anti-parallel 
AA2 6 7 ? parallel      
AA2 7 8 ? anti-parallel 
# 
loop_
_struct_sheet_range.sheet_id 
_struct_sheet_range.id 
_struct_sheet_range.beg_label_comp_id 
_struct_sheet_range.beg_label_asym_id 
_struct_sheet_range.beg_label_seq_id 
_struct_sheet_range.pdbx_beg_PDB_ins_code 
_struct_sheet_range.end_label_comp_id 
_struct_sheet_range.end_label_asym_id 
_struct_sheet_range.end_label_seq_id 
_struct_sheet_range.pdbx_end_PDB_ins_code 
_struct_sheet_range.beg_auth_comp_id 
_struct_sheet_range.beg_auth_asym_id 
_struct_sheet_range.beg_auth_seq_id 
_struct_sheet_range.end_auth_comp_id 
_struct_sheet_range.end_auth_asym_id 
_struct_sheet_range.end_auth_seq_id 
AA1 1 VAL A 149 ? PRO A 150 ? VAL A 149 PRO A 150 
AA1 2 LYS A 139 ? GLU A 146 ? LYS A 139 GLU A 146 
AA1 3 ALA A 155 ? GLU A 159 ? ALA A 155 GLU A 159 
AA2 1 VAL A 149 ? PRO A 150 ? VAL A 149 PRO A 150 
AA2 2 LYS A 139 ? GLU A 146 ? LYS A 139 GLU A 146 
AA2 3 SER A 127 ? ARG A 136 ? SER A 127 ARG A 136 
AA2 4 GLY A 164 ? PRO A 171 ? GLY A 164 PRO A 171 
AA2 5 VAL A 69  ? ASP A 73  ? VAL A 69  ASP A 73  
AA2 6 GLU A 58  ? ILE A 63  ? GLU A 58  ILE A 63  
AA2 7 SER A 202 ? ASP A 207 ? SER A 202 ASP A 207 
AA2 8 GLU A 213 ? HIS A 217 ? GLU A 213 HIS A 217 
# 
loop_
_pdbx_struct_sheet_hbond.sheet_id 
_pdbx_struct_sheet_hbond.range_id_1 
_pdbx_struct_sheet_hbond.range_id_2 
_pdbx_struct_sheet_hbond.range_1_label_atom_id 
_pdbx_struct_sheet_hbond.range_1_label_comp_id 
_pdbx_struct_sheet_hbond.range_1_label_asym_id 
_pdbx_struct_sheet_hbond.range_1_label_seq_id 
_pdbx_struct_sheet_hbond.range_1_PDB_ins_code 
_pdbx_struct_sheet_hbond.range_1_auth_atom_id 
_pdbx_struct_sheet_hbond.range_1_auth_comp_id 
_pdbx_struct_sheet_hbond.range_1_auth_asym_id 
_pdbx_struct_sheet_hbond.range_1_auth_seq_id 
_pdbx_struct_sheet_hbond.range_2_label_atom_id 
_pdbx_struct_sheet_hbond.range_2_label_comp_id 
_pdbx_struct_sheet_hbond.range_2_label_asym_id 
_pdbx_struct_sheet_hbond.range_2_label_seq_id 
_pdbx_struct_sheet_hbond.range_2_PDB_ins_code 
_pdbx_struct_sheet_hbond.range_2_auth_atom_id 
_pdbx_struct_sheet_hbond.range_2_auth_comp_id 
_pdbx_struct_sheet_hbond.range_2_auth_asym_id 
_pdbx_struct_sheet_hbond.range_2_auth_seq_id 
AA1 1 2 O VAL A 149 ? O VAL A 149 N GLU A 146 ? N GLU A 146 
AA1 2 3 N ARG A 142 ? N ARG A 142 O ALA A 155 ? O ALA A 155 
AA2 1 2 O VAL A 149 ? O VAL A 149 N GLU A 146 ? N GLU A 146 
AA2 2 3 O TYR A 145 ? O TYR A 145 N LEU A 130 ? N LEU A 130 
AA2 3 4 N GLU A 131 ? N GLU A 131 O ARG A 168 ? O ARG A 168 
AA2 4 5 O VAL A 167 ? O VAL A 167 N VAL A 71  ? N VAL A 71  
AA2 5 6 O SER A 70  ? O SER A 70  N THR A 62  ? N THR A 62  
AA2 6 7 N VAL A 61  ? N VAL A 61  O ARG A 204 ? O ARG A 204 
AA2 7 8 N ILE A 203 ? N ILE A 203 O PHE A 216 ? O PHE A 216 
# 
_struct_site.id                   AC1 
_struct_site.pdbx_evidence_code   Software 
_struct_site.pdbx_auth_asym_id    A 
_struct_site.pdbx_auth_comp_id    E0R 
_struct_site.pdbx_auth_seq_id     301 
_struct_site.pdbx_auth_ins_code   ? 
_struct_site.pdbx_num_residues    11 
_struct_site.details              'binding site for residue E0R A 301' 
# 
loop_
_struct_site_gen.id 
_struct_site_gen.site_id 
_struct_site_gen.pdbx_num_res 
_struct_site_gen.label_comp_id 
_struct_site_gen.label_asym_id 
_struct_site_gen.label_seq_id 
_struct_site_gen.pdbx_auth_ins_code 
_struct_site_gen.auth_comp_id 
_struct_site_gen.auth_asym_id 
_struct_site_gen.auth_seq_id 
_struct_site_gen.label_atom_id 
_struct_site_gen.label_alt_id 
_struct_site_gen.symmetry 
_struct_site_gen.details 
1  AC1 11 ASN A 46  ? ASN A 46  . ? 1_555 ? 
2  AC1 11 GLU A 50  ? GLU A 50  . ? 1_555 ? 
3  AC1 11 VAL A 71  ? VAL A 71  . ? 1_555 ? 
4  AC1 11 ASP A 73  ? ASP A 73  . ? 1_555 ? 
5  AC1 11 ARG A 76  ? ARG A 76  . ? 1_555 ? 
6  AC1 11 GLY A 77  ? GLY A 77  . ? 1_555 ? 
7  AC1 11 ILE A 78  ? ILE A 78  . ? 1_555 ? 
8  AC1 11 PRO A 79  ? PRO A 79  . ? 1_555 ? 
9  AC1 11 ARG A 136 ? ARG A 136 . ? 1_555 ? 
10 AC1 11 THR A 165 ? THR A 165 . ? 1_555 ? 
11 AC1 11 HOH C .   ? HOH A 445 . ? 1_555 ? 
# 
_atom_sites.entry_id                    6KZZ 
_atom_sites.Cartn_transf_matrix[1][1]   ? 
_atom_sites.Cartn_transf_matrix[1][2]   ? 
_atom_sites.Cartn_transf_matrix[1][3]   ? 
_atom_sites.Cartn_transf_matrix[2][1]   ? 
_atom_sites.Cartn_transf_matrix[2][2]   ? 
_atom_sites.Cartn_transf_matrix[2][3]   ? 
_atom_sites.Cartn_transf_matrix[3][1]   ? 
_atom_sites.Cartn_transf_matrix[3][2]   ? 
_atom_sites.Cartn_transf_matrix[3][3]   ? 
_atom_sites.Cartn_transf_vector[1]      ? 
_atom_sites.Cartn_transf_vector[2]      ? 
_atom_sites.Cartn_transf_vector[3]      ? 
_atom_sites.fract_transf_matrix[1][1]   0.00424613 
_atom_sites.fract_transf_matrix[1][2]   -0.02233895 
_atom_sites.fract_transf_matrix[1][3]   0.00831350 
_atom_sites.fract_transf_matrix[2][1]   -0.01234644 
_atom_sites.fract_transf_matrix[2][2]   -0.00487276 
_atom_sites.fract_transf_matrix[2][3]   -0.00678750 
_atom_sites.fract_transf_matrix[3][1]   0.00779534 
_atom_sites.fract_transf_matrix[3][2]   -0.00299509 
_atom_sites.fract_transf_matrix[3][3]   -0.01202950 
_atom_sites.fract_transf_vector[1]      0.014460 
_atom_sites.fract_transf_vector[2]      0.070657 
_atom_sites.fract_transf_vector[3]      0.181378 
_atom_sites.solution_primary            ? 
_atom_sites.solution_secondary          ? 
_atom_sites.solution_hydrogens          ? 
_atom_sites.special_details             ? 
# 
loop_
_atom_type.symbol 
C 
N 
O 
S 
# 
loop_
_atom_site.group_PDB 
_atom_site.id 
_atom_site.type_symbol 
_atom_site.label_atom_id 
_atom_site.label_alt_id 
_atom_site.label_comp_id 
_atom_site.label_asym_id 
_atom_site.label_entity_id 
_atom_site.label_seq_id 
_atom_site.pdbx_PDB_ins_code 
_atom_site.Cartn_x 
_atom_site.Cartn_y 
_atom_site.Cartn_z 
_atom_site.occupancy 
_atom_site.B_iso_or_equiv 
_atom_site.pdbx_formal_charge 
_atom_site.auth_seq_id 
_atom_site.auth_comp_id 
_atom_site.auth_asym_id 
_atom_site.auth_atom_id 
_atom_site.pdbx_PDB_model_num 
ATOM   1    N N   . ASP A 1 6   ? -8.204  7.121   -24.998 1.00 53.55  ? 6   ASP A N   1 
ATOM   2    C CA  . ASP A 1 6   ? -8.010  7.995   -23.810 1.00 52.53  ? 6   ASP A CA  1 
ATOM   3    C C   . ASP A 1 6   ? -6.555  7.903   -23.289 1.00 52.88  ? 6   ASP A C   1 
ATOM   4    O O   . ASP A 1 6   ? -6.158  6.889   -22.685 1.00 44.37  ? 6   ASP A O   1 
ATOM   5    C CB  . ASP A 1 6   ? -9.005  7.612   -22.715 1.00 60.26  ? 6   ASP A CB  1 
ATOM   6    C CG  . ASP A 1 6   ? -8.948  8.535   -21.522 1.00 62.39  ? 6   ASP A CG  1 
ATOM   7    O OD1 . ASP A 1 6   ? -7.877  8.590   -20.867 1.00 64.73  ? 6   ASP A OD1 1 
ATOM   8    O OD2 . ASP A 1 6   ? -9.968  9.208   -21.246 1.00 65.13  ? 6   ASP A OD2 1 
ATOM   9    N N   . SER A 1 7   ? -5.807  8.990   -23.527 1.00 50.48  ? 7   SER A N   1 
ATOM   10   C CA  . SER A 1 7   ? -4.362  9.119   -23.281 1.00 49.10  ? 7   SER A CA  1 
ATOM   11   C C   . SER A 1 7   ? -3.953  8.514   -21.968 1.00 44.44  ? 7   SER A C   1 
ATOM   12   O O   . SER A 1 7   ? -3.014  7.728   -21.878 1.00 45.97  ? 7   SER A O   1 
ATOM   13   C CB  . SER A 1 7   ? -3.983  10.611  -23.241 1.00 47.30  ? 7   SER A CB  1 
ATOM   14   O OG  . SER A 1 7   ? -4.519  11.278  -24.365 1.00 50.26  ? 7   SER A OG  1 
ATOM   15   N N   . SER A 1 8   ? -4.708  8.912   -20.967 1.00 41.62  ? 8   SER A N   1 
ATOM   16   C CA  . SER A 1 8   ? -4.481  8.548   -19.633 1.00 44.40  ? 8   SER A CA  1 
ATOM   17   C C   . SER A 1 8   ? -4.443  6.991   -19.413 1.00 39.89  ? 8   SER A C   1 
ATOM   18   O O   . SER A 1 8   ? -3.473  6.487   -18.860 1.00 38.58  ? 8   SER A O   1 
ATOM   19   C CB  . SER A 1 8   ? -5.520  9.268   -18.773 1.00 43.93  ? 8   SER A CB  1 
ATOM   20   O OG  . SER A 1 8   ? -5.191  9.082   -17.435 1.00 49.02  ? 8   SER A OG  1 
ATOM   21   N N   . SER A 1 9   ? -5.462  6.254   -19.868 1.00 37.91  ? 9   SER A N   1 
ATOM   22   C CA  . SER A 1 9   ? -5.454  4.781   -19.792 1.00 36.34  ? 9   SER A CA  1 
ATOM   23   C C   . SER A 1 9   ? -4.194  4.195   -20.483 1.00 32.89  ? 9   SER A C   1 
ATOM   24   O O   . SER A 1 9   ? -3.498  3.344   -19.928 1.00 33.40  ? 9   SER A O   1 
ATOM   25   C CB  . SER A 1 9   ? -6.741  4.176   -20.383 1.00 36.61  ? 9   SER A CB  1 
ATOM   26   O OG  . SER A 1 9   ? -6.677  2.737   -20.459 1.00 38.42  ? 9   SER A OG  1 
ATOM   27   N N   . ILE A 1 10  ? -3.865  4.741   -21.639 1.00 31.48  ? 10  ILE A N   1 
ATOM   28   C CA  . ILE A 1 10  ? -2.711  4.268   -22.421 1.00 30.00  ? 10  ILE A CA  1 
ATOM   29   C C   . ILE A 1 10  ? -1.464  4.473   -21.584 1.00 26.89  ? 10  ILE A C   1 
ATOM   30   O O   . ILE A 1 10  ? -0.676  3.552   -21.407 1.00 23.18  ? 10  ILE A O   1 
ATOM   31   C CB  . ILE A 1 10  ? -2.601  4.964   -23.817 1.00 31.76  ? 10  ILE A CB  1 
ATOM   32   C CG1 . ILE A 1 10  ? -3.869  4.665   -24.666 1.00 31.46  ? 10  ILE A CG1 1 
ATOM   33   C CG2 . ILE A 1 10  ? -1.345  4.483   -24.545 1.00 33.37  ? 10  ILE A CG2 1 
ATOM   34   C CD1 . ILE A 1 10  ? -4.014  5.383   -25.990 1.00 31.61  ? 10  ILE A CD1 1 
ATOM   35   N N   . LYS A 1 11  ? -1.306  5.678   -21.066 1.00 29.08  ? 11  LYS A N   1 
ATOM   36   C CA  . LYS A 1 11  ? -0.136  6.041   -20.241 1.00 30.92  ? 11  LYS A CA  1 
ATOM   37   C C   . LYS A 1 11  ? 0.062   5.091   -19.070 1.00 26.57  ? 11  LYS A C   1 
ATOM   38   O O   . LYS A 1 11  ? 1.164   4.608   -18.780 1.00 24.36  ? 11  LYS A O   1 
ATOM   39   C CB  . LYS A 1 11  ? -0.336  7.448   -19.665 1.00 35.80  ? 11  LYS A CB  1 
ATOM   40   C CG  . LYS A 1 11  ? 0.590   8.508   -20.198 1.00 41.12  ? 11  LYS A CG  1 
ATOM   41   C CD  . LYS A 1 11  ? 0.062   9.088   -21.487 1.00 49.38  ? 11  LYS A CD  1 
ATOM   42   C CE  . LYS A 1 11  ? 0.539   10.532  -21.686 1.00 51.15  ? 11  LYS A CE  1 
ATOM   43   N NZ  . LYS A 1 11  ? 0.100   11.099  -22.993 1.00 52.51  ? 11  LYS A NZ  1 
ATOM   44   N N   . VAL A 1 12  ? -1.032  4.903   -18.348 1.00 23.73  ? 12  VAL A N   1 
ATOM   45   C CA  . VAL A 1 12  ? -1.038  4.070   -17.155 1.00 24.91  ? 12  VAL A CA  1 
ATOM   46   C C   . VAL A 1 12  ? -0.541  2.674   -17.506 1.00 22.17  ? 12  VAL A C   1 
ATOM   47   O O   . VAL A 1 12  ? 0.285   2.105   -16.772 1.00 21.81  ? 12  VAL A O   1 
ATOM   48   C CB  . VAL A 1 12  ? -2.436  4.052   -16.457 1.00 26.15  ? 12  VAL A CB  1 
ATOM   49   C CG1 . VAL A 1 12  ? -2.583  2.891   -15.487 1.00 24.86  ? 12  VAL A CG1 1 
ATOM   50   C CG2 . VAL A 1 12  ? -2.720  5.383   -15.760 1.00 26.43  ? 12  VAL A CG2 1 
ATOM   51   N N   . LEU A 1 13  ? -1.041  2.112   -18.599 1.00 22.08  ? 13  LEU A N   1 
ATOM   52   C CA  . LEU A 1 13  ? -0.669  0.708   -18.928 1.00 23.93  ? 13  LEU A CA  1 
ATOM   53   C C   . LEU A 1 13  ? 0.784   0.603   -19.338 1.00 22.90  ? 13  LEU A C   1 
ATOM   54   O O   . LEU A 1 13  ? 1.433   -0.337  -18.968 1.00 22.69  ? 13  LEU A O   1 
ATOM   55   C CB  . LEU A 1 13  ? -1.581  0.069   -19.952 1.00 23.59  ? 13  LEU A CB  1 
ATOM   56   C CG  . LEU A 1 13  ? -2.997  -0.196  -19.375 1.00 25.79  ? 13  LEU A CG  1 
ATOM   57   C CD1 . LEU A 1 13  ? -3.962  -0.588  -20.497 1.00 25.70  ? 13  LEU A CD1 1 
ATOM   58   C CD2 . LEU A 1 13  ? -3.006  -1.261  -18.258 1.00 27.06  ? 13  LEU A CD2 1 
ATOM   59   N N   . LYS A 1 14  ? 1.298   1.620   -20.002 1.00 26.78  ? 14  LYS A N   1 
ATOM   60   C CA  . LYS A 1 14  ? 2.742   1.717   -20.344 1.00 27.23  ? 14  LYS A CA  1 
ATOM   61   C C   . LYS A 1 14  ? 3.590   1.779   -19.118 1.00 24.47  ? 14  LYS A C   1 
ATOM   62   O O   . LYS A 1 14  ? 4.598   1.097   -19.047 1.00 22.37  ? 14  LYS A O   1 
ATOM   63   C CB  . LYS A 1 14  ? 3.010   2.946   -21.222 1.00 31.65  ? 14  LYS A CB  1 
ATOM   64   C CG  . LYS A 1 14  ? 2.469   2.745   -22.631 1.00 38.99  ? 14  LYS A CG  1 
ATOM   65   C CD  . LYS A 1 14  ? 2.796   3.894   -23.571 1.00 43.64  ? 14  LYS A CD  1 
ATOM   66   C CE  . LYS A 1 14  ? 2.382   3.562   -25.003 1.00 46.44  ? 14  LYS A CE  1 
ATOM   67   N NZ  . LYS A 1 14  ? 2.294   4.804   -25.813 1.00 47.85  ? 14  LYS A NZ  1 
ATOM   68   N N   . GLY A 1 15  ? 3.137   2.546   -18.126 1.00 22.52  ? 15  GLY A N   1 
ATOM   69   C CA  . GLY A 1 15  ? 3.808   2.596   -16.836 1.00 22.73  ? 15  GLY A CA  1 
ATOM   70   C C   . GLY A 1 15  ? 3.876   1.246   -16.158 1.00 24.05  ? 15  GLY A C   1 
ATOM   71   O O   . GLY A 1 15  ? 4.940   0.814   -15.698 1.00 23.35  ? 15  GLY A O   1 
ATOM   72   N N   . LEU A 1 16  ? 2.740   0.557   -16.106 1.00 23.86  ? 16  LEU A N   1 
ATOM   73   C CA  . LEU A 1 16  ? 2.659   -0.730  -15.379 1.00 24.38  ? 16  LEU A CA  1 
ATOM   74   C C   . LEU A 1 16  ? 3.555   -1.728  -16.036 1.00 24.51  ? 16  LEU A C   1 
ATOM   75   O O   . LEU A 1 16  ? 4.307   -2.439  -15.380 1.00 23.35  ? 16  LEU A O   1 
ATOM   76   C CB  . LEU A 1 16  ? 1.221   -1.306  -15.385 1.00 24.17  ? 16  LEU A CB  1 
ATOM   77   C CG  . LEU A 1 16  ? 0.143   -0.483  -14.687 1.00 25.30  ? 16  LEU A CG  1 
ATOM   78   C CD1 . LEU A 1 16  ? -1.148  -1.282  -14.684 1.00 25.89  ? 16  LEU A CD1 1 
ATOM   79   C CD2 . LEU A 1 16  ? 0.541   -0.101  -13.267 1.00 26.11  ? 16  LEU A CD2 1 
ATOM   80   N N   . ASP A 1 17  ? 3.419   -1.791  -17.352 1.00 25.78  ? 17  ASP A N   1 
ATOM   81   C CA  . ASP A 1 17  ? 4.243   -2.624  -18.182 1.00 26.75  ? 17  ASP A CA  1 
ATOM   82   C C   . ASP A 1 17  ? 5.730   -2.312  -17.945 1.00 26.34  ? 17  ASP A C   1 
ATOM   83   O O   . ASP A 1 17  ? 6.563   -3.220  -17.893 1.00 23.36  ? 17  ASP A O   1 
ATOM   84   C CB  . ASP A 1 17  ? 3.876   -2.392  -19.655 1.00 28.93  ? 17  ASP A CB  1 
ATOM   85   C CG  . ASP A 1 17  ? 4.578   -3.370  -20.601 1.00 34.06  ? 17  ASP A CG  1 
ATOM   86   O OD1 . ASP A 1 17  ? 4.530   -4.601  -20.401 1.00 35.13  ? 17  ASP A OD1 1 
ATOM   87   O OD2 . ASP A 1 17  ? 5.213   -2.915  -21.554 1.00 39.40  ? 17  ASP A OD2 1 
ATOM   88   N N   . ALA A 1 18  ? 6.064   -1.030  -17.843 1.00 24.05  ? 18  ALA A N   1 
ATOM   89   C CA  . ALA A 1 18  ? 7.449   -0.642  -17.647 1.00 23.65  ? 18  ALA A CA  1 
ATOM   90   C C   . ALA A 1 18  ? 8.009   -1.220  -16.351 1.00 24.46  ? 18  ALA A C   1 
ATOM   91   O O   . ALA A 1 18  ? 9.174   -1.741  -16.297 1.00 22.83  ? 18  ALA A O   1 
ATOM   92   C CB  . ALA A 1 18  ? 7.587   0.868   -17.715 1.00 22.02  ? 18  ALA A CB  1 
ATOM   93   N N   . VAL A 1 19  ? 7.178   -1.193  -15.314 1.00 21.88  ? 19  VAL A N   1 
ATOM   94   C CA  . VAL A 1 19  ? 7.621   -1.627  -14.015 1.00 21.88  ? 19  VAL A CA  1 
ATOM   95   C C   . VAL A 1 19  ? 7.789   -3.156  -13.967 1.00 23.48  ? 19  VAL A C   1 
ATOM   96   O O   . VAL A 1 19  ? 8.796   -3.679  -13.370 1.00 22.96  ? 19  VAL A O   1 
ATOM   97   C CB  . VAL A 1 19  ? 6.686   -1.145  -12.880 1.00 21.95  ? 19  VAL A CB  1 
ATOM   98   C CG1 . VAL A 1 19  ? 7.152   -1.703  -11.531 1.00 22.82  ? 19  VAL A CG1 1 
ATOM   99   C CG2 . VAL A 1 19  ? 6.634   0.369   -12.759 1.00 21.38  ? 19  VAL A CG2 1 
ATOM   100  N N   . ARG A 1 20  ? 6.860   -3.874  -14.600 1.00 27.01  ? 20  ARG A N   1 
ATOM   101  C CA  . ARG A 1 20  ? 6.943   -5.372  -14.633 1.00 28.89  ? 20  ARG A CA  1 
ATOM   102  C C   . ARG A 1 20  ? 8.114   -5.874  -15.479 1.00 26.45  ? 20  ARG A C   1 
ATOM   103  O O   . ARG A 1 20  ? 8.666   -6.915  -15.192 1.00 22.55  ? 20  ARG A O   1 
ATOM   104  C CB  . ARG A 1 20  ? 5.653   -6.027  -15.120 1.00 33.94  ? 20  ARG A CB  1 
ATOM   105  C CG  . ARG A 1 20  ? 5.272   -5.665  -16.547 1.00 41.66  ? 20  ARG A CG  1 
ATOM   106  C CD  . ARG A 1 20  ? 4.858   -6.832  -17.426 1.00 48.66  ? 20  ARG A CD  1 
ATOM   107  N NE  . ARG A 1 20  ? 3.396   -7.042  -17.479 1.00 54.81  ? 20  ARG A NE  1 
ATOM   108  C CZ  . ARG A 1 20  ? 2.632   -7.055  -18.576 1.00 56.19  ? 20  ARG A CZ  1 
ATOM   109  N NH1 . ARG A 1 20  ? 1.323   -7.290  -18.457 1.00 57.61  ? 20  ARG A NH1 1 
ATOM   110  N NH2 . ARG A 1 20  ? 3.140   -6.850  -19.795 1.00 59.43  ? 20  ARG A NH2 1 
ATOM   111  N N   . LYS A 1 21  ? 8.515   -5.094  -16.485 1.00 27.26  ? 21  LYS A N   1 
ATOM   112  C CA  . LYS A 1 21  ? 9.650   -5.432  -17.364 1.00 27.14  ? 21  LYS A CA  1 
ATOM   113  C C   . LYS A 1 21  ? 11.028  -5.184  -16.748 1.00 27.85  ? 21  LYS A C   1 
ATOM   114  O O   . LYS A 1 21  ? 11.976  -5.969  -16.962 1.00 25.98  ? 21  LYS A O   1 
ATOM   115  C CB  . LYS A 1 21  ? 9.510   -4.709  -18.704 1.00 30.97  ? 21  LYS A CB  1 
ATOM   116  C CG  . LYS A 1 21  ? 8.748   -5.562  -19.688 1.00 34.95  ? 21  LYS A CG  1 
ATOM   117  C CD  . LYS A 1 21  ? 8.295   -4.865  -20.958 1.00 37.43  ? 21  LYS A CD  1 
ATOM   118  C CE  . LYS A 1 21  ? 7.377   -5.837  -21.709 1.00 44.69  ? 21  LYS A CE  1 
ATOM   119  N NZ  . LYS A 1 21  ? 6.451   -5.244  -22.714 1.00 47.72  ? 21  LYS A NZ  1 
ATOM   120  N N   . ARG A 1 22  ? 11.137  -4.081  -16.005 1.00 27.85  ? 22  ARG A N   1 
ATOM   121  C CA  . ARG A 1 22  ? 12.363  -3.753  -15.289 1.00 26.02  ? 22  ARG A CA  1 
ATOM   122  C C   . ARG A 1 22  ? 12.090  -3.443  -13.804 1.00 26.23  ? 22  ARG A C   1 
ATOM   123  O O   . ARG A 1 22  ? 12.322  -2.326  -13.353 1.00 23.76  ? 22  ARG A O   1 
ATOM   124  C CB  . ARG A 1 22  ? 13.038  -2.592  -15.964 1.00 26.54  ? 22  ARG A CB  1 
ATOM   125  C CG  . ARG A 1 22  ? 13.502  -2.856  -17.393 1.00 25.76  ? 22  ARG A CG  1 
ATOM   126  C CD  . ARG A 1 22  ? 13.932  -1.557  -18.075 1.00 25.81  ? 22  ARG A CD  1 
ATOM   127  N NE  . ARG A 1 22  ? 14.487  -1.779  -19.413 1.00 25.97  ? 22  ARG A NE  1 
ATOM   128  C CZ  . ARG A 1 22  ? 13.786  -2.129  -20.479 1.00 27.86  ? 22  ARG A CZ  1 
ATOM   129  N NH1 . ARG A 1 22  ? 14.416  -2.349  -21.632 1.00 32.64  ? 22  ARG A NH1 1 
ATOM   130  N NH2 . ARG A 1 22  ? 12.476  -2.290  -20.427 1.00 26.16  ? 22  ARG A NH2 1 
ATOM   131  N N   . PRO A 1 23  ? 11.610  -4.440  -13.034 1.00 24.98  ? 23  PRO A N   1 
ATOM   132  C CA  . PRO A 1 23  ? 11.281  -4.236  -11.597 1.00 27.41  ? 23  PRO A CA  1 
ATOM   133  C C   . PRO A 1 23  ? 12.432  -3.808  -10.731 1.00 28.22  ? 23  PRO A C   1 
ATOM   134  O O   . PRO A 1 23  ? 12.247  -3.041  -9.755  1.00 23.92  ? 23  PRO A O   1 
ATOM   135  C CB  . PRO A 1 23  ? 10.691  -5.593  -11.173 1.00 25.82  ? 23  PRO A CB  1 
ATOM   136  C CG  . PRO A 1 23  ? 11.274  -6.560  -12.157 1.00 25.62  ? 23  PRO A CG  1 
ATOM   137  C CD  . PRO A 1 23  ? 11.262  -5.800  -13.454 1.00 24.59  ? 23  PRO A CD  1 
ATOM   138  N N   . GLY A 1 24  ? 13.633  -4.218  -11.138 1.00 28.62  ? 24  GLY A N   1 
ATOM   139  C CA  . GLY A 1 24  ? 14.856  -3.848  -10.434 1.00 29.80  ? 24  GLY A CA  1 
ATOM   140  C C   . GLY A 1 24  ? 15.035  -2.364  -10.368 1.00 31.31  ? 24  GLY A C   1 
ATOM   141  O O   . GLY A 1 24  ? 15.457  -1.838  -9.335  1.00 35.42  ? 24  GLY A O   1 
ATOM   142  N N   . MET A 1 25  ? 14.700  -1.682  -11.458 1.00 29.78  ? 25  MET A N   1 
ATOM   143  C CA  . MET A 1 25  ? 14.782  -0.221  -11.510 1.00 33.39  ? 25  MET A CA  1 
ATOM   144  C C   . MET A 1 25  ? 13.837  0.524   -10.557 1.00 28.72  ? 25  MET A C   1 
ATOM   145  O O   . MET A 1 25  ? 14.048  1.714   -10.309 1.00 26.22  ? 25  MET A O   1 
ATOM   146  C CB  . MET A 1 25  ? 14.541  0.252   -12.960 1.00 42.17  ? 25  MET A CB  1 
ATOM   147  C CG  . MET A 1 25  ? 15.818  0.400   -13.801 1.00 52.59  ? 25  MET A CG  1 
ATOM   148  S SD  . MET A 1 25  ? 17.036  -0.931  -13.769 1.00 60.00  ? 25  MET A SD  1 
ATOM   149  C CE  . MET A 1 25  ? 17.952  -0.697  -12.242 1.00 60.24  ? 25  MET A CE  1 
ATOM   150  N N   . TYR A 1 26  ? 12.780  -0.144  -10.089 1.00 24.86  ? 26  TYR A N   1 
ATOM   151  C CA  . TYR A 1 26  ? 11.758  0.494   -9.258  1.00 26.11  ? 26  TYR A CA  1 
ATOM   152  C C   . TYR A 1 26  ? 11.674  -0.008  -7.806  1.00 26.48  ? 26  TYR A C   1 
ATOM   153  O O   . TYR A 1 26  ? 11.473  0.779   -6.892  1.00 28.14  ? 26  TYR A O   1 
ATOM   154  C CB  . TYR A 1 26  ? 10.396  0.364   -9.924  1.00 24.33  ? 26  TYR A CB  1 
ATOM   155  C CG  . TYR A 1 26  ? 10.340  0.959   -11.301 1.00 24.80  ? 26  TYR A CG  1 
ATOM   156  C CD1 . TYR A 1 26  ? 10.647  0.198   -12.411 1.00 26.01  ? 26  TYR A CD1 1 
ATOM   157  C CD2 . TYR A 1 26  ? 9.969   2.286   -11.505 1.00 25.20  ? 26  TYR A CD2 1 
ATOM   158  C CE1 . TYR A 1 26  ? 10.584  0.713   -13.703 1.00 25.96  ? 26  TYR A CE1 1 
ATOM   159  C CE2 . TYR A 1 26  ? 9.901   2.824   -12.802 1.00 24.51  ? 26  TYR A CE2 1 
ATOM   160  C CZ  . TYR A 1 26  ? 10.216  2.050   -13.889 1.00 25.44  ? 26  TYR A CZ  1 
ATOM   161  O OH  . TYR A 1 26  ? 10.172  2.532   -15.186 1.00 23.94  ? 26  TYR A OH  1 
ATOM   162  N N   . ILE A 1 27  ? 11.804  -1.310  -7.590  1.00 24.62  ? 27  ILE A N   1 
ATOM   163  C CA  . ILE A 1 27  ? 11.630  -1.867  -6.270  1.00 23.41  ? 27  ILE A CA  1 
ATOM   164  C C   . ILE A 1 27  ? 12.927  -2.483  -5.716  1.00 24.78  ? 27  ILE A C   1 
ATOM   165  O O   . ILE A 1 27  ? 12.994  -2.782  -4.525  1.00 24.89  ? 27  ILE A O   1 
ATOM   166  C CB  . ILE A 1 27  ? 10.469  -2.906  -6.318  1.00 23.92  ? 27  ILE A CB  1 
ATOM   167  C CG1 . ILE A 1 27  ? 9.767   -3.134  -4.970  1.00 25.93  ? 27  ILE A CG1 1 
ATOM   168  C CG2 . ILE A 1 27  ? 10.964  -4.246  -6.806  1.00 25.92  ? 27  ILE A CG2 1 
ATOM   169  C CD1 . ILE A 1 27  ? 9.016   -1.924  -4.445  1.00 28.12  ? 27  ILE A CD1 1 
ATOM   170  N N   . GLY A 1 28  ? 13.927  -2.738  -6.558  1.00 24.58  ? 28  GLY A N   1 
ATOM   171  C CA  . GLY A 1 28  ? 15.166  -3.402  -6.121  1.00 22.93  ? 28  GLY A CA  1 
ATOM   172  C C   . GLY A 1 28  ? 15.242  -4.879  -6.466  1.00 23.68  ? 28  GLY A C   1 
ATOM   173  O O   . GLY A 1 28  ? 14.543  -5.349  -7.362  1.00 26.43  ? 28  GLY A O   1 
ATOM   174  N N   . ASP A 1 29  ? 16.128  -5.603  -5.792  1.00 20.67  ? 29  ASP A N   1 
ATOM   175  C CA  . ASP A 1 29  ? 16.440  -6.946  -6.205  1.00 20.51  ? 29  ASP A CA  1 
ATOM   176  C C   . ASP A 1 29  ? 15.234  -7.838  -5.939  1.00 19.09  ? 29  ASP A C   1 
ATOM   177  O O   . ASP A 1 29  ? 14.674  -7.808  -4.846  1.00 20.25  ? 29  ASP A O   1 
ATOM   178  C CB  . ASP A 1 29  ? 17.663  -7.479  -5.460  1.00 22.33  ? 29  ASP A CB  1 
ATOM   179  C CG  . ASP A 1 29  ? 18.129  -8.795  -5.993  1.00 21.43  ? 29  ASP A CG  1 
ATOM   180  O OD1 . ASP A 1 29  ? 17.468  -9.819  -5.739  1.00 24.83  ? 29  ASP A OD1 1 
ATOM   181  O OD2 . ASP A 1 29  ? 19.154  -8.808  -6.695  1.00 25.37  ? 29  ASP A OD2 1 
ATOM   182  N N   . THR A 1 30  ? 14.868  -8.647  -6.913  1.00 16.75  ? 30  THR A N   1 
ATOM   183  C CA  . THR A 1 30  ? 13.666  -9.478  -6.872  1.00 18.84  ? 30  THR A CA  1 
ATOM   184  C C   . THR A 1 30  ? 13.942  -10.916 -6.479  1.00 19.65  ? 30  THR A C   1 
ATOM   185  O O   . THR A 1 30  ? 13.043  -11.767 -6.467  1.00 20.73  ? 30  THR A O   1 
ATOM   186  C CB  . THR A 1 30  ? 12.986  -9.453  -8.253  1.00 21.18  ? 30  THR A CB  1 
ATOM   187  O OG1 . THR A 1 30  ? 13.951  -9.775  -9.284  1.00 20.30  ? 30  THR A OG1 1 
ATOM   188  C CG2 . THR A 1 30  ? 12.409  -8.025  -8.588  1.00 20.19  ? 30  THR A CG2 1 
ATOM   189  N N   . ASP A 1 31  ? 15.195  -11.235 -6.213  1.00 22.43  ? 31  ASP A N   1 
ATOM   190  C CA  . ASP A 1 31  ? 15.564  -12.599 -5.742  1.00 24.00  ? 31  ASP A CA  1 
ATOM   191  C C   . ASP A 1 31  ? 15.923  -12.616 -4.266  1.00 22.80  ? 31  ASP A C   1 
ATOM   192  O O   . ASP A 1 31  ? 15.734  -13.631 -3.656  1.00 23.36  ? 31  ASP A O   1 
ATOM   193  C CB  . ASP A 1 31  ? 16.790  -13.198 -6.495  1.00 26.08  ? 31  ASP A CB  1 
ATOM   194  C CG  . ASP A 1 31  ? 16.628  -13.149 -8.026  1.00 28.40  ? 31  ASP A CG  1 
ATOM   195  O OD1 . ASP A 1 31  ? 15.733  -13.843 -8.570  1.00 30.20  ? 31  ASP A OD1 1 
ATOM   196  O OD2 . ASP A 1 31  ? 17.382  -12.396 -8.669  1.00 29.18  ? 31  ASP A OD2 1 
ATOM   197  N N   . ASP A 1 32  ? 16.493  -11.551 -3.716  1.00 22.06  ? 32  ASP A N   1 
ATOM   198  C CA  . ASP A 1 32  ? 17.169  -11.653 -2.382  1.00 23.73  ? 32  ASP A CA  1 
ATOM   199  C C   . ASP A 1 32  ? 16.294  -11.154 -1.216  1.00 23.60  ? 32  ASP A C   1 
ATOM   200  O O   . ASP A 1 32  ? 16.745  -11.116 -0.073  1.00 25.46  ? 32  ASP A O   1 
ATOM   201  C CB  . ASP A 1 32  ? 18.556  -10.970 -2.381  1.00 22.62  ? 32  ASP A CB  1 
ATOM   202  C CG  . ASP A 1 32  ? 18.497  -9.445  -2.484  1.00 24.79  ? 32  ASP A CG  1 
ATOM   203  O OD1 . ASP A 1 32  ? 17.402  -8.860  -2.298  1.00 22.57  ? 32  ASP A OD1 1 
ATOM   204  O OD2 . ASP A 1 32  ? 19.563  -8.794  -2.732  1.00 22.81  ? 32  ASP A OD2 1 
ATOM   205  N N   . GLY A 1 33  ? 15.073  -10.759 -1.514  1.00 21.01  ? 33  GLY A N   1 
ATOM   206  C CA  . GLY A 1 33  ? 14.135  -10.387 -0.479  1.00 21.10  ? 33  GLY A CA  1 
ATOM   207  C C   . GLY A 1 33  ? 14.064  -8.901  -0.275  1.00 20.64  ? 33  GLY A C   1 
ATOM   208  O O   . GLY A 1 33  ? 13.089  -8.432  0.307   1.00 18.01  ? 33  GLY A O   1 
ATOM   209  N N   . THR A 1 34  ? 15.043  -8.146  -0.770  1.00 20.96  ? 34  THR A N   1 
ATOM   210  C CA  . THR A 1 34  ? 15.098  -6.698  -0.503  1.00 22.47  ? 34  THR A CA  1 
ATOM   211  C C   . THR A 1 34  ? 13.983  -5.958  -1.192  1.00 22.10  ? 34  THR A C   1 
ATOM   212  O O   . THR A 1 34  ? 13.300  -5.087  -0.592  1.00 21.86  ? 34  THR A O   1 
ATOM   213  C CB  . THR A 1 34  ? 16.469  -6.043  -0.867  1.00 24.71  ? 34  THR A CB  1 
ATOM   214  O OG1 . THR A 1 34  ? 16.910  -6.468  -2.141  1.00 28.28  ? 34  THR A OG1 1 
ATOM   215  C CG2 . THR A 1 34  ? 17.548  -6.451  0.102   1.00 27.55  ? 34  THR A CG2 1 
ATOM   216  N N   . GLY A 1 35  ? 13.806  -6.277  -2.463  1.00 19.89  ? 35  GLY A N   1 
ATOM   217  C CA  . GLY A 1 35  ? 12.647  -5.787  -3.211  1.00 17.28  ? 35  GLY A CA  1 
ATOM   218  C C   . GLY A 1 35  ? 11.324  -6.154  -2.603  1.00 15.13  ? 35  GLY A C   1 
ATOM   219  O O   . GLY A 1 35  ? 10.446  -5.339  -2.506  1.00 13.14  ? 35  GLY A O   1 
ATOM   220  N N   . LEU A 1 36  ? 11.190  -7.392  -2.149  1.00 15.94  ? 36  LEU A N   1 
ATOM   221  C CA  . LEU A 1 36  ? 9.909   -7.877  -1.595  1.00 16.01  ? 36  LEU A CA  1 
ATOM   222  C C   . LEU A 1 36  ? 9.501   -7.084  -0.344  1.00 15.79  ? 36  LEU A C   1 
ATOM   223  O O   . LEU A 1 36  ? 8.366   -6.599  -0.234  1.00 14.46  ? 36  LEU A O   1 
ATOM   224  C CB  . LEU A 1 36  ? 10.031  -9.362  -1.241  1.00 17.58  ? 36  LEU A CB  1 
ATOM   225  C CG  . LEU A 1 36  ? 8.830   -9.987  -0.492  1.00 18.71  ? 36  LEU A CG  1 
ATOM   226  C CD1 . LEU A 1 36  ? 7.830   -10.464 -1.497  1.00 21.08  ? 36  LEU A CD1 1 
ATOM   227  C CD2 . LEU A 1 36  ? 9.251   -11.166 0.349   1.00 19.20  ? 36  LEU A CD2 1 
ATOM   228  N N   . HIS A 1 37  ? 10.442  -6.933  0.577   1.00 14.93  ? 37  HIS A N   1 
ATOM   229  C CA  . HIS A 1 37  ? 10.225  -6.074  1.786   1.00 17.27  ? 37  HIS A CA  1 
ATOM   230  C C   . HIS A 1 37  ? 10.082  -4.604  1.459   1.00 16.44  ? 37  HIS A C   1 
ATOM   231  O O   . HIS A 1 37  ? 9.346   -3.953  2.112   1.00 17.76  ? 37  HIS A O   1 
ATOM   232  C CB  . HIS A 1 37  ? 11.290  -6.332  2.868   1.00 15.80  ? 37  HIS A CB  1 
ATOM   233  C CG  . HIS A 1 37  ? 11.213  -7.723  3.376   1.00 15.26  ? 37  HIS A CG  1 
ATOM   234  N ND1 . HIS A 1 37  ? 11.827  -8.778  2.733   1.00 16.76  ? 37  HIS A ND1 1 
ATOM   235  C CD2 . HIS A 1 37  ? 10.527  -8.260  4.415   1.00 17.76  ? 37  HIS A CD2 1 
ATOM   236  C CE1 . HIS A 1 37  ? 11.545  -9.905  3.366   1.00 17.18  ? 37  HIS A CE1 1 
ATOM   237  N NE2 . HIS A 1 37  ? 10.768  -9.618  4.402   1.00 17.22  ? 37  HIS A NE2 1 
ATOM   238  N N   . HIS A 1 38  ? 10.742  -4.118  0.411   1.00 18.14  ? 38  HIS A N   1 
ATOM   239  C CA  . HIS A 1 38  ? 10.572  -2.733  -0.031  1.00 18.87  ? 38  HIS A CA  1 
ATOM   240  C C   . HIS A 1 38  ? 9.134   -2.456  -0.475  1.00 16.48  ? 38  HIS A C   1 
ATOM   241  O O   . HIS A 1 38  ? 8.648   -1.307  -0.376  1.00 15.84  ? 38  HIS A O   1 
ATOM   242  C CB  . HIS A 1 38  ? 11.611  -2.355  -1.126  1.00 21.83  ? 38  HIS A CB  1 
ATOM   243  C CG  . HIS A 1 38  ? 11.580  -0.911  -1.483  1.00 24.48  ? 38  HIS A CG  1 
ATOM   244  N ND1 . HIS A 1 38  ? 11.509  -0.478  -2.775  1.00 31.40  ? 38  HIS A ND1 1 
ATOM   245  C CD2 . HIS A 1 38  ? 11.501  0.198   -0.718  1.00 28.77  ? 38  HIS A CD2 1 
ATOM   246  C CE1 . HIS A 1 38  ? 11.388  0.838   -2.804  1.00 28.81  ? 38  HIS A CE1 1 
ATOM   247  N NE2 . HIS A 1 38  ? 11.358  1.272   -1.566  1.00 27.92  ? 38  HIS A NE2 1 
ATOM   248  N N   . MET A 1 39  ? 8.429   -3.494  -0.925  1.00 15.23  ? 39  MET A N   1 
ATOM   249  C CA  . MET A 1 39  ? 6.987   -3.342  -1.281  1.00 16.04  ? 39  MET A CA  1 
ATOM   250  C C   . MET A 1 39  ? 6.167   -2.801  -0.057  1.00 15.89  ? 39  MET A C   1 
ATOM   251  O O   . MET A 1 39  ? 5.374   -1.851  -0.180  1.00 14.55  ? 39  MET A O   1 
ATOM   252  C CB  . MET A 1 39  ? 6.411   -4.660  -1.761  1.00 15.77  ? 39  MET A CB  1 
ATOM   253  C CG  . MET A 1 39  ? 7.078   -5.276  -2.989  1.00 16.91  ? 39  MET A CG  1 
ATOM   254  S SD  . MET A 1 39  ? 6.291   -4.667  -4.465  1.00 20.47  ? 39  MET A SD  1 
ATOM   255  C CE  . MET A 1 39  ? 4.837   -5.741  -4.485  1.00 17.84  ? 39  MET A CE  1 
ATOM   256  N N   . VAL A 1 40  ? 6.443   -3.378  1.127   1.00 15.76  ? 40  VAL A N   1 
ATOM   257  C CA  . VAL A 1 40  ? 5.792   -3.007  2.378   1.00 15.35  ? 40  VAL A CA  1 
ATOM   258  C C   . VAL A 1 40  ? 6.169   -1.594  2.741   1.00 16.12  ? 40  VAL A C   1 
ATOM   259  O O   . VAL A 1 40  ? 5.314   -0.751  3.002   1.00 18.83  ? 40  VAL A O   1 
ATOM   260  C CB  . VAL A 1 40  ? 6.189   -3.934  3.544   1.00 14.83  ? 40  VAL A CB  1 
ATOM   261  C CG1 . VAL A 1 40  ? 5.555   -3.469  4.848   1.00 16.03  ? 40  VAL A CG1 1 
ATOM   262  C CG2 . VAL A 1 40  ? 5.777   -5.376  3.287   1.00 14.70  ? 40  VAL A CG2 1 
ATOM   263  N N   . PHE A 1 41  ? 7.444   -1.311  2.722   1.00 17.14  ? 41  PHE A N   1 
ATOM   264  C CA  . PHE A 1 41  ? 7.930   0.038   3.135   1.00 17.12  ? 41  PHE A CA  1 
ATOM   265  C C   . PHE A 1 41  ? 7.396   1.178   2.293   1.00 17.92  ? 41  PHE A C   1 
ATOM   266  O O   . PHE A 1 41  ? 7.145   2.281   2.795   1.00 18.96  ? 41  PHE A O   1 
ATOM   267  C CB  . PHE A 1 41  ? 9.428   0.040   3.147   1.00 18.00  ? 41  PHE A CB  1 
ATOM   268  C CG  . PHE A 1 41  ? 10.027  -1.073  3.985   1.00 19.12  ? 41  PHE A CG  1 
ATOM   269  C CD1 . PHE A 1 41  ? 9.409   -1.526  5.140   1.00 21.14  ? 41  PHE A CD1 1 
ATOM   270  C CD2 . PHE A 1 41  ? 11.213  -1.665  3.618   1.00 20.88  ? 41  PHE A CD2 1 
ATOM   271  C CE1 . PHE A 1 41  ? 9.978   -2.588  5.891   1.00 20.07  ? 41  PHE A CE1 1 
ATOM   272  C CE2 . PHE A 1 41  ? 11.762  -2.713  4.367   1.00 18.26  ? 41  PHE A CE2 1 
ATOM   273  C CZ  . PHE A 1 41  ? 11.142  -3.153  5.479   1.00 18.22  ? 41  PHE A CZ  1 
ATOM   274  N N   . GLU A 1 42  ? 7.213   0.932   1.011   1.00 20.06  ? 42  GLU A N   1 
ATOM   275  C CA  . GLU A 1 42  ? 6.641   1.960   0.124   1.00 20.32  ? 42  GLU A CA  1 
ATOM   276  C C   . GLU A 1 42  ? 5.231   2.309   0.518   1.00 18.84  ? 42  GLU A C   1 
ATOM   277  O O   . GLU A 1 42  ? 4.869   3.505   0.550   1.00 16.02  ? 42  GLU A O   1 
ATOM   278  C CB  . GLU A 1 42  ? 6.752   1.554   -1.342  1.00 21.07  ? 42  GLU A CB  1 
ATOM   279  C CG  . GLU A 1 42  ? 6.113   2.560   -2.301  1.00 24.36  ? 42  GLU A CG  1 
ATOM   280  C CD  . GLU A 1 42  ? 6.630   4.014   -2.269  1.00 28.34  ? 42  GLU A CD  1 
ATOM   281  O OE1 . GLU A 1 42  ? 5.745   4.904   -2.420  1.00 31.69  ? 42  GLU A OE1 1 
ATOM   282  O OE2 . GLU A 1 42  ? 7.850   4.320   -2.121  1.00 26.60  ? 42  GLU A OE2 1 
ATOM   283  N N   . VAL A 1 43  ? 4.423   1.280   0.821   1.00 17.39  ? 43  VAL A N   1 
ATOM   284  C CA  . VAL A 1 43  ? 3.049   1.475   1.211   1.00 16.51  ? 43  VAL A CA  1 
ATOM   285  C C   . VAL A 1 43  ? 3.047   2.207   2.580   1.00 16.35  ? 43  VAL A C   1 
ATOM   286  O O   . VAL A 1 43  ? 2.361   3.183   2.780   1.00 16.05  ? 43  VAL A O   1 
ATOM   287  C CB  . VAL A 1 43  ? 2.253   0.134   1.293   1.00 17.53  ? 43  VAL A CB  1 
ATOM   288  C CG1 . VAL A 1 43  ? 0.829   0.416   1.830   1.00 16.29  ? 43  VAL A CG1 1 
ATOM   289  C CG2 . VAL A 1 43  ? 2.160   -0.548  -0.076  1.00 16.03  ? 43  VAL A CG2 1 
ATOM   290  N N   . VAL A 1 44  ? 3.874   1.761   3.493   1.00 15.86  ? 44  VAL A N   1 
ATOM   291  C CA  . VAL A 1 44  ? 3.944   2.398   4.798   1.00 17.15  ? 44  VAL A CA  1 
ATOM   292  C C   . VAL A 1 44  ? 4.329   3.872   4.702   1.00 18.08  ? 44  VAL A C   1 
ATOM   293  O O   . VAL A 1 44  ? 3.749   4.666   5.410   1.00 17.89  ? 44  VAL A O   1 
ATOM   294  C CB  . VAL A 1 44  ? 4.947   1.700   5.719   1.00 17.16  ? 44  VAL A CB  1 
ATOM   295  C CG1 . VAL A 1 44  ? 5.158   2.461   7.012   1.00 17.80  ? 44  VAL A CG1 1 
ATOM   296  C CG2 . VAL A 1 44  ? 4.470   0.295   6.040   1.00 17.83  ? 44  VAL A CG2 1 
ATOM   297  N N   . ASP A 1 45  ? 5.313   4.201   3.878   1.00 18.52  ? 45  ASP A N   1 
ATOM   298  C CA  . ASP A 1 45  ? 5.746   5.585   3.641   1.00 20.82  ? 45  ASP A CA  1 
ATOM   299  C C   . ASP A 1 45  ? 4.612   6.520   3.266   1.00 21.08  ? 45  ASP A C   1 
ATOM   300  O O   . ASP A 1 45  ? 4.624   7.726   3.625   1.00 24.54  ? 45  ASP A O   1 
ATOM   301  C CB  . ASP A 1 45  ? 6.812   5.634   2.535   1.00 21.71  ? 45  ASP A CB  1 
ATOM   302  C CG  . ASP A 1 45  ? 8.187   5.277   2.997   1.00 23.08  ? 45  ASP A CG  1 
ATOM   303  O OD1 . ASP A 1 45  ? 8.447   4.970   4.189   1.00 26.34  ? 45  ASP A OD1 1 
ATOM   304  O OD2 . ASP A 1 45  ? 9.065   5.353   2.140   1.00 26.21  ? 45  ASP A OD2 1 
ATOM   305  N N   . ASN A 1 46  ? 3.642   6.005   2.509   1.00 19.47  ? 46  ASN A N   1 
ATOM   306  C CA  . ASN A 1 46  ? 2.464   6.760   2.153   1.00 19.86  ? 46  ASN A CA  1 
ATOM   307  C C   . ASN A 1 46  ? 1.580   7.117   3.408   1.00 21.19  ? 46  ASN A C   1 
ATOM   308  O O   . ASN A 1 46  ? 1.053   8.207   3.571   1.00 22.82  ? 46  ASN A O   1 
ATOM   309  C CB  . ASN A 1 46  ? 1.673   5.979   1.091   1.00 20.39  ? 46  ASN A CB  1 
ATOM   310  C CG  . ASN A 1 46  ? 2.275   6.110   -0.288  1.00 21.79  ? 46  ASN A CG  1 
ATOM   311  O OD1 . ASN A 1 46  ? 1.976   7.073   -0.984  1.00 23.98  ? 46  ASN A OD1 1 
ATOM   312  N ND2 . ASN A 1 46  ? 3.188   5.230   -0.657  1.00 18.36  ? 46  ASN A ND2 1 
ATOM   313  N N   . ALA A 1 47  ? 1.463   6.163   4.302   1.00 21.32  ? 47  ALA A N   1 
ATOM   314  C CA  . ALA A 1 47  ? 0.741   6.319   5.571   1.00 22.94  ? 47  ALA A CA  1 
ATOM   315  C C   . ALA A 1 47  ? 1.467   7.296   6.513   1.00 22.57  ? 47  ALA A C   1 
ATOM   316  O O   . ALA A 1 47  ? 0.841   8.070   7.250   1.00 22.10  ? 47  ALA A O   1 
ATOM   317  C CB  . ALA A 1 47  ? 0.567   4.924   6.201   1.00 22.13  ? 47  ALA A CB  1 
ATOM   318  N N   . ILE A 1 48  ? 2.805   7.253   6.456   1.00 22.99  ? 48  ILE A N   1 
ATOM   319  C CA  . ILE A 1 48  ? 3.643   8.173   7.198   1.00 24.21  ? 48  ILE A CA  1 
ATOM   320  C C   . ILE A 1 48  ? 3.443   9.631   6.758   1.00 25.58  ? 48  ILE A C   1 
ATOM   321  O O   . ILE A 1 48  ? 3.324   10.523  7.605   1.00 25.70  ? 48  ILE A O   1 
ATOM   322  C CB  . ILE A 1 48  ? 5.101   7.742   7.149   1.00 26.02  ? 48  ILE A CB  1 
ATOM   323  C CG1 . ILE A 1 48  ? 5.189   6.483   8.013   1.00 26.60  ? 48  ILE A CG1 1 
ATOM   324  C CG2 . ILE A 1 48  ? 6.048   8.882   7.637   1.00 24.99  ? 48  ILE A CG2 1 
ATOM   325  C CD1 . ILE A 1 48  ? 6.548   5.955   8.220   1.00 28.53  ? 48  ILE A CD1 1 
ATOM   326  N N   . ASP A 1 49  ? 3.347   9.851   5.451   1.00 27.09  ? 49  ASP A N   1 
ATOM   327  C CA  . ASP A 1 49  ? 2.970   11.185  4.947   1.00 26.55  ? 49  ASP A CA  1 
ATOM   328  C C   . ASP A 1 49  ? 1.685   11.686  5.549   1.00 27.44  ? 49  ASP A C   1 
ATOM   329  O O   . ASP A 1 49  ? 1.590   12.845  5.940   1.00 31.49  ? 49  ASP A O   1 
ATOM   330  C CB  . ASP A 1 49  ? 2.890   11.220  3.426   1.00 29.29  ? 49  ASP A CB  1 
ATOM   331  C CG  . ASP A 1 49  ? 4.249   11.113  2.780   1.00 30.19  ? 49  ASP A CG  1 
ATOM   332  O OD1 . ASP A 1 49  ? 5.228   11.180  3.502   1.00 32.13  ? 49  ASP A OD1 1 
ATOM   333  O OD2 . ASP A 1 49  ? 4.349   10.844  1.575   1.00 37.20  ? 49  ASP A OD2 1 
ATOM   334  N N   . GLU A 1 50  ? 0.691   10.823  5.633   1.00 26.34  ? 50  GLU A N   1 
ATOM   335  C CA  . GLU A 1 50  ? -0.600  11.207  6.211   1.00 25.62  ? 50  GLU A CA  1 
ATOM   336  C C   . GLU A 1 50  ? -0.519  11.538  7.731   1.00 26.84  ? 50  GLU A C   1 
ATOM   337  O O   . GLU A 1 50  ? -1.281  12.362  8.247   1.00 27.05  ? 50  GLU A O   1 
ATOM   338  C CB  . GLU A 1 50  ? -1.626  10.097  5.930   1.00 23.87  ? 50  GLU A CB  1 
ATOM   339  C CG  . GLU A 1 50  ? -3.077  10.402  6.288   1.00 24.28  ? 50  GLU A CG  1 
ATOM   340  C CD  . GLU A 1 50  ? -3.671  11.557  5.484   1.00 25.33  ? 50  GLU A CD  1 
ATOM   341  O OE1 . GLU A 1 50  ? -3.005  12.065  4.567   1.00 24.75  ? 50  GLU A OE1 1 
ATOM   342  O OE2 . GLU A 1 50  ? -4.824  11.951  5.781   1.00 24.83  ? 50  GLU A OE2 1 
ATOM   343  N N   . ALA A 1 51  ? 0.403   10.872  8.415   1.00 26.50  ? 51  ALA A N   1 
ATOM   344  C CA  . ALA A 1 51  ? 0.716   11.146  9.810   1.00 29.61  ? 51  ALA A CA  1 
ATOM   345  C C   . ALA A 1 51  ? 1.473   12.468  9.966   1.00 32.87  ? 51  ALA A C   1 
ATOM   346  O O   . ALA A 1 51  ? 1.127   13.293  10.822  1.00 29.85  ? 51  ALA A O   1 
ATOM   347  C CB  . ALA A 1 51  ? 1.543   9.997   10.409  1.00 28.83  ? 51  ALA A CB  1 
ATOM   348  N N   . LEU A 1 52  ? 2.502   12.649  9.135   1.00 36.15  ? 52  LEU A N   1 
ATOM   349  C CA  . LEU A 1 52  ? 3.222   13.914  9.052   1.00 38.40  ? 52  LEU A CA  1 
ATOM   350  C C   . LEU A 1 52  ? 2.323   15.109  8.816   1.00 37.59  ? 52  LEU A C   1 
ATOM   351  O O   . LEU A 1 52  ? 2.625   16.191  9.294   1.00 43.67  ? 52  LEU A O   1 
ATOM   352  C CB  . LEU A 1 52  ? 4.296   13.870  7.951   1.00 42.06  ? 52  LEU A CB  1 
ATOM   353  C CG  . LEU A 1 52  ? 5.716   13.475  8.376   1.00 46.17  ? 52  LEU A CG  1 
ATOM   354  C CD1 . LEU A 1 52  ? 5.708   12.351  9.406   1.00 47.71  ? 52  LEU A CD1 1 
ATOM   355  C CD2 . LEU A 1 52  ? 6.568   13.103  7.161   1.00 47.13  ? 52  LEU A CD2 1 
ATOM   356  N N   . ALA A 1 53  ? 1.244   14.913  8.069   1.00 34.49  ? 53  ALA A N   1 
ATOM   357  C CA  . ALA A 1 53  ? 0.299   15.986  7.753   1.00 31.36  ? 53  ALA A CA  1 
ATOM   358  C C   . ALA A 1 53  ? -0.669  16.210  8.904   1.00 31.89  ? 53  ALA A C   1 
ATOM   359  O O   . ALA A 1 53  ? -1.484  17.093  8.878   1.00 35.76  ? 53  ALA A O   1 
ATOM   360  C CB  . ALA A 1 53  ? -0.469  15.612  6.511   1.00 34.70  ? 53  ALA A CB  1 
ATOM   361  N N   . GLY A 1 54  ? -0.605  15.348  9.897   1.00 30.30  ? 54  GLY A N   1 
ATOM   362  C CA  . GLY A 1 54  ? -1.244  15.534  11.159  1.00 29.49  ? 54  GLY A CA  1 
ATOM   363  C C   . GLY A 1 54  ? -2.601  14.877  11.193  1.00 31.93  ? 54  GLY A C   1 
ATOM   364  O O   . GLY A 1 54  ? -3.389  15.162  12.101  1.00 33.83  ? 54  GLY A O   1 
ATOM   365  N N   . HIS A 1 55  ? -2.900  13.991  10.243  1.00 29.00  ? 55  HIS A N   1 
ATOM   366  C CA  . HIS A 1 55  ? -4.223  13.403  10.203  1.00 29.33  ? 55  HIS A CA  1 
ATOM   367  C C   . HIS A 1 55  ? -4.216  12.006  10.703  1.00 30.55  ? 55  HIS A C   1 
ATOM   368  O O   . HIS A 1 55  ? -5.238  11.558  11.131  1.00 33.92  ? 55  HIS A O   1 
ATOM   369  C CB  . HIS A 1 55  ? -4.785  13.474  8.798   1.00 28.81  ? 55  HIS A CB  1 
ATOM   370  C CG  . HIS A 1 55  ? -4.816  14.863  8.271   1.00 27.04  ? 55  HIS A CG  1 
ATOM   371  N ND1 . HIS A 1 55  ? -5.727  15.800  8.706   1.00 30.30  ? 55  HIS A ND1 1 
ATOM   372  C CD2 . HIS A 1 55  ? -3.988  15.505  7.423   1.00 29.43  ? 55  HIS A CD2 1 
ATOM   373  C CE1 . HIS A 1 55  ? -5.493  16.946  8.097   1.00 29.85  ? 55  HIS A CE1 1 
ATOM   374  N NE2 . HIS A 1 55  ? -4.458  16.788  7.296   1.00 28.52  ? 55  HIS A NE2 1 
ATOM   375  N N   . CYS A 1 56  ? -3.097  11.300  10.592  1.00 30.70  ? 56  CYS A N   1 
ATOM   376  C CA  . CYS A 1 56  ? -3.033  9.916   11.025  1.00 29.62  ? 56  CYS A CA  1 
ATOM   377  C C   . CYS A 1 56  ? -2.329  9.862   12.383  1.00 30.64  ? 56  CYS A C   1 
ATOM   378  O O   . CYS A 1 56  ? -1.245  10.425  12.552  1.00 31.22  ? 56  CYS A O   1 
ATOM   379  C CB  . CYS A 1 56  ? -2.303  9.083   9.961   1.00 29.27  ? 56  CYS A CB  1 
ATOM   380  S SG  . CYS A 1 56  ? -1.671  7.473   10.476  1.00 27.97  ? 56  CYS A SG  1 
ATOM   381  N N   . LYS A 1 57  ? -2.953  9.167   13.328  1.00 30.46  ? 57  LYS A N   1 
ATOM   382  C CA  . LYS A 1 57  ? -2.337  8.835   14.622  1.00 31.79  ? 57  LYS A CA  1 
ATOM   383  C C   . LYS A 1 57  ? -1.786  7.373   14.730  1.00 31.62  ? 57  LYS A C   1 
ATOM   384  O O   . LYS A 1 57  ? -0.723  7.141   15.342  1.00 33.31  ? 57  LYS A O   1 
ATOM   385  C CB  . LYS A 1 57  ? -3.369  9.096   15.744  1.00 31.38  ? 57  LYS A CB  1 
ATOM   386  N N   . GLU A 1 58  ? -2.496  6.403   14.147  1.00 28.12  ? 58  GLU A N   1 
ATOM   387  C CA  . GLU A 1 58  ? -2.139  4.988   14.270  1.00 27.58  ? 58  GLU A CA  1 
ATOM   388  C C   . GLU A 1 58  ? -1.982  4.375   12.854  1.00 25.67  ? 58  GLU A C   1 
ATOM   389  O O   . GLU A 1 58  ? -2.809  4.618   11.952  1.00 23.65  ? 58  GLU A O   1 
ATOM   390  C CB  . GLU A 1 58  ? -3.231  4.213   15.026  1.00 30.61  ? 58  GLU A CB  1 
ATOM   391  C CG  . GLU A 1 58  ? -3.525  4.667   16.473  1.00 34.66  ? 58  GLU A CG  1 
ATOM   392  C CD  . GLU A 1 58  ? -2.347  4.466   17.451  1.00 39.48  ? 58  GLU A CD  1 
ATOM   393  O OE1 . GLU A 1 58  ? -1.460  3.622   17.184  1.00 37.75  ? 58  GLU A OE1 1 
ATOM   394  O OE2 . GLU A 1 58  ? -2.296  5.161   18.503  1.00 40.86  ? 58  GLU A OE2 1 
ATOM   395  N N   . ILE A 1 59  ? -0.914  3.616   12.672  1.00 22.82  ? 59  ILE A N   1 
ATOM   396  C CA  . ILE A 1 59  ? -0.670  2.837   11.468  1.00 21.27  ? 59  ILE A CA  1 
ATOM   397  C C   . ILE A 1 59  ? -0.526  1.379   11.937  1.00 21.40  ? 59  ILE A C   1 
ATOM   398  O O   . ILE A 1 59  ? 0.226   1.099   12.916  1.00 16.90  ? 59  ILE A O   1 
ATOM   399  C CB  . ILE A 1 59  ? 0.611   3.258   10.755  1.00 22.15  ? 59  ILE A CB  1 
ATOM   400  C CG1 . ILE A 1 59  ? 0.584   4.740   10.353  1.00 23.08  ? 59  ILE A CG1 1 
ATOM   401  C CG2 . ILE A 1 59  ? 0.903   2.337   9.563   1.00 23.06  ? 59  ILE A CG2 1 
ATOM   402  C CD1 . ILE A 1 59  ? 1.913   5.260   9.792   1.00 24.71  ? 59  ILE A CD1 1 
ATOM   403  N N   . ILE A 1 60  ? -1.225  0.482   11.219  1.00 17.08  ? 60  ILE A N   1 
ATOM   404  C CA  . ILE A 1 60  ? -1.225  -0.926  11.562  1.00 18.10  ? 60  ILE A CA  1 
ATOM   405  C C   . ILE A 1 60  ? -0.726  -1.708  10.353  1.00 18.85  ? 60  ILE A C   1 
ATOM   406  O O   . ILE A 1 60  ? -1.376  -1.703  9.279   1.00 18.32  ? 60  ILE A O   1 
ATOM   407  C CB  . ILE A 1 60  ? -2.607  -1.488  11.972  1.00 17.16  ? 60  ILE A CB  1 
ATOM   408  C CG1 . ILE A 1 60  ? -3.288  -0.604  13.090  1.00 18.04  ? 60  ILE A CG1 1 
ATOM   409  C CG2 . ILE A 1 60  ? -2.442  -2.961  12.358  1.00 18.09  ? 60  ILE A CG2 1 
ATOM   410  C CD1 . ILE A 1 60  ? -4.784  -0.818  13.346  1.00 16.93  ? 60  ILE A CD1 1 
ATOM   411  N N   . VAL A 1 61  ? 0.418   -2.368  10.541  1.00 18.11  ? 61  VAL A N   1 
ATOM   412  C CA  . VAL A 1 61  ? 0.973   -3.198  9.529   1.00 19.24  ? 61  VAL A CA  1 
ATOM   413  C C   . VAL A 1 61  ? 0.740   -4.641  9.929   1.00 19.30  ? 61  VAL A C   1 
ATOM   414  O O   . VAL A 1 61  ? 1.141   -5.067  11.010  1.00 19.08  ? 61  VAL A O   1 
ATOM   415  C CB  . VAL A 1 61  ? 2.450   -2.911  9.342   1.00 18.64  ? 61  VAL A CB  1 
ATOM   416  C CG1 . VAL A 1 61  ? 3.026   -3.824  8.274   1.00 19.00  ? 61  VAL A CG1 1 
ATOM   417  C CG2 . VAL A 1 61  ? 2.632   -1.407  8.936   1.00 19.80  ? 61  VAL A CG2 1 
ATOM   418  N N   . THR A 1 62  ? 0.154   -5.405  9.022   1.00 17.19  ? 62  THR A N   1 
ATOM   419  C CA  . THR A 1 62  ? -0.192  -6.782  9.338   1.00 17.92  ? 62  THR A CA  1 
ATOM   420  C C   . THR A 1 62  ? 0.375   -7.734  8.295   1.00 16.69  ? 62  THR A C   1 
ATOM   421  O O   . THR A 1 62  ? 0.150   -7.543  7.081   1.00 16.85  ? 62  THR A O   1 
ATOM   422  C CB  . THR A 1 62  ? -1.732  -6.953  9.450   1.00 16.38  ? 62  THR A CB  1 
ATOM   423  O OG1 . THR A 1 62  ? -2.224  -6.013  10.368  1.00 15.51  ? 62  THR A OG1 1 
ATOM   424  C CG2 . THR A 1 62  ? -2.102  -8.326  9.947   1.00 16.15  ? 62  THR A CG2 1 
ATOM   425  N N   . ILE A 1 63  ? 1.069   -8.763  8.775   1.00 17.88  ? 63  ILE A N   1 
ATOM   426  C CA  . ILE A 1 63  ? 1.484   -9.893  7.965   1.00 20.29  ? 63  ILE A CA  1 
ATOM   427  C C   . ILE A 1 63  ? 0.370   -10.951 8.060   1.00 20.42  ? 63  ILE A C   1 
ATOM   428  O O   . ILE A 1 63  ? 0.118   -11.531 9.132   1.00 17.27  ? 63  ILE A O   1 
ATOM   429  C CB  . ILE A 1 63  ? 2.829   -10.533 8.391   1.00 22.30  ? 63  ILE A CB  1 
ATOM   430  C CG1 . ILE A 1 63  ? 3.935   -9.488  8.440   1.00 23.90  ? 63  ILE A CG1 1 
ATOM   431  C CG2 . ILE A 1 63  ? 3.254   -11.583 7.360   1.00 22.93  ? 63  ILE A CG2 1 
ATOM   432  C CD1 . ILE A 1 63  ? 5.239   -9.990  9.010   1.00 23.77  ? 63  ILE A CD1 1 
ATOM   433  N N   . HIS A 1 64  ? -0.336  -11.140 6.955   1.00 19.28  ? 64  HIS A N   1 
ATOM   434  C CA  . HIS A 1 64  ? -1.417  -12.121 6.904   1.00 20.04  ? 64  HIS A CA  1 
ATOM   435  C C   . HIS A 1 64  ? -0.884  -13.526 6.625   1.00 20.54  ? 64  HIS A C   1 
ATOM   436  O O   . HIS A 1 64  ? 0.239   -13.717 6.138   1.00 23.61  ? 64  HIS A O   1 
ATOM   437  C CB  . HIS A 1 64  ? -2.461  -11.681 5.888   1.00 18.86  ? 64  HIS A CB  1 
ATOM   438  C CG  . HIS A 1 64  ? -3.073  -10.351 6.191   1.00 18.20  ? 64  HIS A CG  1 
ATOM   439  N ND1 . HIS A 1 64  ? -4.292  -10.225 6.816   1.00 16.88  ? 64  HIS A ND1 1 
ATOM   440  C CD2 . HIS A 1 64  ? -2.656  -9.093  5.918   1.00 18.29  ? 64  HIS A CD2 1 
ATOM   441  C CE1 . HIS A 1 64  ? -4.584  -8.952  6.951   1.00 18.39  ? 64  HIS A CE1 1 
ATOM   442  N NE2 . HIS A 1 64  ? -3.619  -8.237  6.402   1.00 18.75  ? 64  HIS A NE2 1 
ATOM   443  N N   . ALA A 1 65  ? -1.694  -14.523 6.927   1.00 23.38  ? 65  ALA A N   1 
ATOM   444  C CA  . ALA A 1 65  ? -1.274  -15.950 6.817   1.00 23.42  ? 65  ALA A CA  1 
ATOM   445  C C   . ALA A 1 65  ? -1.069  -16.378 5.390   1.00 25.33  ? 65  ALA A C   1 
ATOM   446  O O   . ALA A 1 65  ? -0.310  -17.280 5.126   1.00 28.29  ? 65  ALA A O   1 
ATOM   447  C CB  . ALA A 1 65  ? -2.304  -16.869 7.481   1.00 23.77  ? 65  ALA A CB  1 
ATOM   448  N N   . ASP A 1 66  ? -1.707  -15.684 4.451   1.00 24.46  ? 66  ASP A N   1 
ATOM   449  C CA  . ASP A 1 66  ? -1.577  -16.022 3.065   1.00 24.93  ? 66  ASP A CA  1 
ATOM   450  C C   . ASP A 1 66  ? -0.409  -15.286 2.427   1.00 27.01  ? 66  ASP A C   1 
ATOM   451  O O   . ASP A 1 66  ? -0.386  -15.164 1.250   1.00 26.71  ? 66  ASP A O   1 
ATOM   452  C CB  . ASP A 1 66  ? -2.876  -15.714 2.333   1.00 23.89  ? 66  ASP A CB  1 
ATOM   453  C CG  . ASP A 1 66  ? -3.213  -14.261 2.333   1.00 23.13  ? 66  ASP A CG  1 
ATOM   454  O OD1 . ASP A 1 66  ? -2.520  -13.458 3.001   1.00 20.23  ? 66  ASP A OD1 1 
ATOM   455  O OD2 . ASP A 1 66  ? -4.197  -13.922 1.670   1.00 22.36  ? 66  ASP A OD2 1 
ATOM   456  N N   . ASN A 1 67  ? 0.488   -14.740 3.245   1.00 26.88  ? 67  ASN A N   1 
ATOM   457  C CA  . ASN A 1 67  ? 1.680   -14.016 2.807   1.00 28.14  ? 67  ASN A CA  1 
ATOM   458  C C   . ASN A 1 67  ? 1.388   -12.751 1.981   1.00 24.51  ? 67  ASN A C   1 
ATOM   459  O O   . ASN A 1 67  ? 2.164   -12.354 1.143   1.00 25.25  ? 67  ASN A O   1 
ATOM   460  C CB  . ASN A 1 67  ? 2.704   -14.921 2.100   1.00 30.88  ? 67  ASN A CB  1 
ATOM   461  C CG  . ASN A 1 67  ? 4.121   -14.374 2.216   1.00 35.81  ? 67  ASN A CG  1 
ATOM   462  O OD1 . ASN A 1 67  ? 4.636   -14.048 3.344   1.00 37.90  ? 67  ASN A OD1 1 
ATOM   463  N ND2 . ASN A 1 67  ? 4.776   -14.255 1.058   1.00 40.93  ? 67  ASN A ND2 1 
ATOM   464  N N   . SER A 1 68  ? 0.263   -12.128 2.253   1.00 20.55  ? 68  SER A N   1 
ATOM   465  C CA  . SER A 1 68  ? 0.062   -10.741 1.888   1.00 18.14  ? 68  SER A CA  1 
ATOM   466  C C   . SER A 1 68  ? 0.310   -9.869  3.102   1.00 16.90  ? 68  SER A C   1 
ATOM   467  O O   . SER A 1 68  ? 0.374   -10.359 4.232   1.00 15.40  ? 68  SER A O   1 
ATOM   468  C CB  . SER A 1 68  ? -1.370  -10.603 1.424   1.00 18.20  ? 68  SER A CB  1 
ATOM   469  O OG  . SER A 1 68  ? -2.272  -10.876 2.469   1.00 17.78  ? 68  SER A OG  1 
ATOM   470  N N   . VAL A 1 69  ? 0.418   -8.561  2.865   1.00 17.06  ? 69  VAL A N   1 
ATOM   471  C CA  . VAL A 1 69  ? 0.662   -7.551  3.921   1.00 16.48  ? 69  VAL A CA  1 
ATOM   472  C C   . VAL A 1 69  ? -0.372  -6.427  3.735   1.00 15.57  ? 69  VAL A C   1 
ATOM   473  O O   . VAL A 1 69  ? -0.628  -6.048  2.564   1.00 14.63  ? 69  VAL A O   1 
ATOM   474  C CB  . VAL A 1 69  ? 2.104   -6.970  3.888   1.00 18.54  ? 69  VAL A CB  1 
ATOM   475  C CG1 . VAL A 1 69  ? 2.209   -5.727  4.786   1.00 17.82  ? 69  VAL A CG1 1 
ATOM   476  C CG2 . VAL A 1 69  ? 3.153   -8.022  4.326   1.00 17.17  ? 69  VAL A CG2 1 
ATOM   477  N N   . SER A 1 70  ? -1.021  -6.002  4.838   1.00 15.23  ? 70  SER A N   1 
ATOM   478  C CA  . SER A 1 70  ? -1.919  -4.859  4.833   1.00 15.66  ? 70  SER A CA  1 
ATOM   479  C C   . SER A 1 70  ? -1.303  -3.724  5.660   1.00 16.20  ? 70  SER A C   1 
ATOM   480  O O   . SER A 1 70  ? -0.534  -3.961  6.562   1.00 17.21  ? 70  SER A O   1 
ATOM   481  C CB  . SER A 1 70  ? -3.360  -5.221  5.316   1.00 16.13  ? 70  SER A CB  1 
ATOM   482  O OG  . SER A 1 70  ? -3.358  -5.716  6.606   1.00 16.44  ? 70  SER A OG  1 
ATOM   483  N N   . VAL A 1 71  ? -1.585  -2.501  5.254   1.00 15.34  ? 71  VAL A N   1 
ATOM   484  C CA  . VAL A 1 71  ? -1.251  -1.339  5.962   1.00 16.94  ? 71  VAL A CA  1 
ATOM   485  C C   . VAL A 1 71  ? -2.536  -0.506  6.097   1.00 19.53  ? 71  VAL A C   1 
ATOM   486  O O   . VAL A 1 71  ? -3.137  -0.155  5.073   1.00 18.47  ? 71  VAL A O   1 
ATOM   487  C CB  . VAL A 1 71  ? -0.234  -0.497  5.192   1.00 15.52  ? 71  VAL A CB  1 
ATOM   488  C CG1 . VAL A 1 71  ? 0.159   0.705   5.984   1.00 15.83  ? 71  VAL A CG1 1 
ATOM   489  C CG2 . VAL A 1 71  ? 1.010   -1.316  4.893   1.00 18.05  ? 71  VAL A CG2 1 
ATOM   490  N N   . GLN A 1 72  ? -2.863  -0.137  7.337   1.00 20.01  ? 72  GLN A N   1 
ATOM   491  C CA  . GLN A 1 72  ? -4.043  0.625   7.680   1.00 20.88  ? 72  GLN A CA  1 
ATOM   492  C C   . GLN A 1 72  ? -3.598  1.904   8.379   1.00 20.21  ? 72  GLN A C   1 
ATOM   493  O O   . GLN A 1 72  ? -2.710  1.890   9.241   1.00 18.15  ? 72  GLN A O   1 
ATOM   494  C CB  . GLN A 1 72  ? -4.865  -0.184  8.671   1.00 25.54  ? 72  GLN A CB  1 
ATOM   495  C CG  . GLN A 1 72  ? -6.035  0.573   9.305   1.00 28.53  ? 72  GLN A CG  1 
ATOM   496  C CD  . GLN A 1 72  ? -7.261  0.608   8.394   1.00 34.18  ? 72  GLN A CD  1 
ATOM   497  O OE1 . GLN A 1 72  ? -7.912  -0.435  8.248   1.00 34.19  ? 72  GLN A OE1 1 
ATOM   498  N NE2 . GLN A 1 72  ? -7.590  1.815   7.767   1.00 28.52  ? 72  GLN A NE2 1 
ATOM   499  N N   . ASP A 1 73  ? -4.168  3.021   7.980   1.00 19.54  ? 73  ASP A N   1 
ATOM   500  C CA  . ASP A 1 73  ? -3.980  4.247   8.719   1.00 20.45  ? 73  ASP A CA  1 
ATOM   501  C C   . ASP A 1 73  ? -5.377  4.722   9.088   1.00 23.20  ? 73  ASP A C   1 
ATOM   502  O O   . ASP A 1 73  ? -6.385  4.262   8.480   1.00 20.01  ? 73  ASP A O   1 
ATOM   503  C CB  . ASP A 1 73  ? -3.156  5.286   7.932   1.00 20.84  ? 73  ASP A CB  1 
ATOM   504  C CG  . ASP A 1 73  ? -3.913  5.913   6.746   1.00 21.08  ? 73  ASP A CG  1 
ATOM   505  O OD1 . ASP A 1 73  ? -5.080  6.374   6.896   1.00 18.47  ? 73  ASP A OD1 1 
ATOM   506  O OD2 . ASP A 1 73  ? -3.276  5.998   5.667   1.00 22.97  ? 73  ASP A OD2 1 
ATOM   507  N N   . ASP A 1 74  ? -5.406  5.650   10.052  1.00 24.36  ? 74  ASP A N   1 
ATOM   508  C CA  . ASP A 1 74  ? -6.617  6.285   10.502  1.00 26.32  ? 74  ASP A CA  1 
ATOM   509  C C   . ASP A 1 74  ? -6.600  7.755   10.087  1.00 27.75  ? 74  ASP A C   1 
ATOM   510  O O   . ASP A 1 74  ? -7.114  8.602   10.807  1.00 30.03  ? 74  ASP A O   1 
ATOM   511  C CB  . ASP A 1 74  ? -6.794  6.117   12.032  1.00 28.74  ? 74  ASP A CB  1 
ATOM   512  C CG  . ASP A 1 74  ? -5.626  6.700   12.848  1.00 27.84  ? 74  ASP A CG  1 
ATOM   513  O OD1 . ASP A 1 74  ? -4.708  7.293   12.283  1.00 30.26  ? 74  ASP A OD1 1 
ATOM   514  O OD2 . ASP A 1 74  ? -5.590  6.523   14.074  1.00 30.28  ? 74  ASP A OD2 1 
ATOM   515  N N   . GLY A 1 75  ? -6.028  8.032   8.915   1.00 26.18  ? 75  GLY A N   1 
ATOM   516  C CA  . GLY A 1 75  ? -5.999  9.351   8.334   1.00 24.72  ? 75  GLY A CA  1 
ATOM   517  C C   . GLY A 1 75  ? -7.324  9.737   7.716   1.00 22.34  ? 75  GLY A C   1 
ATOM   518  O O   . GLY A 1 75  ? -8.348  9.150   8.014   1.00 22.14  ? 75  GLY A O   1 
ATOM   519  N N   . ARG A 1 76  ? -7.303  10.743  6.862   1.00 21.01  ? 76  ARG A N   1 
ATOM   520  C CA  . ARG A 1 76  ? -8.526  11.226  6.199   1.00 21.50  ? 76  ARG A CA  1 
ATOM   521  C C   . ARG A 1 76  ? -9.168  10.280  5.215   1.00 21.23  ? 76  ARG A C   1 
ATOM   522  O O   . ARG A 1 76  ? -10.307 10.450  4.951   1.00 24.49  ? 76  ARG A O   1 
ATOM   523  C CB  . ARG A 1 76  ? -8.211  12.492  5.401   1.00 23.59  ? 76  ARG A CB  1 
ATOM   524  C CG  . ARG A 1 76  ? -7.966  13.702  6.280   1.00 24.78  ? 76  ARG A CG  1 
ATOM   525  C CD  . ARG A 1 76  ? -7.339  14.873  5.544   1.00 24.34  ? 76  ARG A CD  1 
ATOM   526  N NE  . ARG A 1 76  ? -6.026  14.507  5.057   1.00 26.95  ? 76  ARG A NE  1 
ATOM   527  C CZ  . ARG A 1 76  ? -5.241  15.265  4.303   1.00 32.21  ? 76  ARG A CZ  1 
ATOM   528  N NH1 . ARG A 1 76  ? -4.046  14.806  3.911   1.00 32.99  ? 76  ARG A NH1 1 
ATOM   529  N NH2 . ARG A 1 76  ? -5.625  16.486  3.930   1.00 36.64  ? 76  ARG A NH2 1 
ATOM   530  N N   . GLY A 1 77  ? -8.423  9.354   4.616   1.00 21.97  ? 77  GLY A N   1 
ATOM   531  C CA  . GLY A 1 77  ? -8.903  8.519   3.526   1.00 22.55  ? 77  GLY A CA  1 
ATOM   532  C C   . GLY A 1 77  ? -8.492  9.158   2.212   1.00 25.33  ? 77  GLY A C   1 
ATOM   533  O O   . GLY A 1 77  ? -8.646  10.392  2.041   1.00 22.64  ? 77  GLY A O   1 
ATOM   534  N N   . ILE A 1 78  ? -7.976  8.352   1.273   1.00 22.32  ? 78  ILE A N   1 
ATOM   535  C CA  . ILE A 1 78  ? -7.600  8.905   -0.054  1.00 22.48  ? 78  ILE A CA  1 
ATOM   536  C C   . ILE A 1 78  ? -8.842  9.552   -0.675  1.00 21.27  ? 78  ILE A C   1 
ATOM   537  O O   . ILE A 1 78  ? -9.901  8.982   -0.594  1.00 22.31  ? 78  ILE A O   1 
ATOM   538  C CB  . ILE A 1 78  ? -7.021  7.825   -0.983  1.00 23.19  ? 78  ILE A CB  1 
ATOM   539  C CG1 . ILE A 1 78  ? -5.784  7.171   -0.338  1.00 23.31  ? 78  ILE A CG1 1 
ATOM   540  C CG2 . ILE A 1 78  ? -6.538  8.450   -2.290  1.00 23.89  ? 78  ILE A CG2 1 
ATOM   541  C CD1 . ILE A 1 78  ? -5.216  5.961   -1.076  1.00 23.73  ? 78  ILE A CD1 1 
ATOM   542  N N   . PRO A 1 79  ? -8.729  10.764  -1.251  1.00 22.04  ? 79  PRO A N   1 
ATOM   543  C CA  . PRO A 1 79  ? -9.927  11.346  -1.877  1.00 22.18  ? 79  PRO A CA  1 
ATOM   544  C C   . PRO A 1 79  ? -10.529 10.421  -2.938  1.00 23.23  ? 79  PRO A C   1 
ATOM   545  O O   . PRO A 1 79  ? -9.809  9.785   -3.710  1.00 21.59  ? 79  PRO A O   1 
ATOM   546  C CB  . PRO A 1 79  ? -9.411  12.657  -2.522  1.00 22.79  ? 79  PRO A CB  1 
ATOM   547  C CG  . PRO A 1 79  ? -8.187  13.025  -1.756  1.00 24.48  ? 79  PRO A CG  1 
ATOM   548  C CD  . PRO A 1 79  ? -7.562  11.671  -1.336  1.00 23.62  ? 79  PRO A CD  1 
ATOM   549  N N   . THR A 1 80  ? -11.844 10.335  -2.951  1.00 26.20  ? 80  THR A N   1 
ATOM   550  C CA  . THR A 1 80  ? -12.560 9.360   -3.775  1.00 27.97  ? 80  THR A CA  1 
ATOM   551  C C   . THR A 1 80  ? -13.301 10.008  -4.971  1.00 31.55  ? 80  THR A C   1 
ATOM   552  O O   . THR A 1 80  ? -13.755 9.284   -5.898  1.00 35.15  ? 80  THR A O   1 
ATOM   553  C CB  . THR A 1 80  ? -13.596 8.626   -2.952  1.00 26.89  ? 80  THR A CB  1 
ATOM   554  O OG1 . THR A 1 80  ? -14.560 9.591   -2.502  1.00 26.56  ? 80  THR A OG1 1 
ATOM   555  C CG2 . THR A 1 80  ? -12.948 7.891   -1.787  1.00 24.89  ? 80  THR A CG2 1 
ATOM   556  N N   . GLY A 1 81  ? -13.431 11.336  -4.955  1.00 31.92  ? 81  GLY A N   1 
ATOM   557  C CA  . GLY A 1 81  ? -14.158 12.031  -5.993  1.00 32.60  ? 81  GLY A CA  1 
ATOM   558  C C   . GLY A 1 81  ? -13.508 11.821  -7.324  1.00 32.61  ? 81  GLY A C   1 
ATOM   559  O O   . GLY A 1 81  ? -12.283 11.821  -7.443  1.00 32.03  ? 81  GLY A O   1 
ATOM   560  N N   . ILE A 1 82  ? -14.328 11.640  -8.337  1.00 37.47  ? 82  ILE A N   1 
ATOM   561  C CA  . ILE A 1 82  ? -13.818 11.397  -9.669  1.00 42.81  ? 82  ILE A CA  1 
ATOM   562  C C   . ILE A 1 82  ? -13.175 12.654  -10.191 1.00 48.10  ? 82  ILE A C   1 
ATOM   563  O O   . ILE A 1 82  ? -13.824 13.679  -10.343 1.00 48.08  ? 82  ILE A O   1 
ATOM   564  C CB  . ILE A 1 82  ? -14.905 10.900  -10.627 1.00 44.60  ? 82  ILE A CB  1 
ATOM   565  C CG1 . ILE A 1 82  ? -15.405 9.519   -10.160 1.00 45.05  ? 82  ILE A CG1 1 
ATOM   566  C CG2 . ILE A 1 82  ? -14.348 10.810  -12.036 1.00 47.18  ? 82  ILE A CG2 1 
ATOM   567  C CD1 . ILE A 1 82  ? -16.705 9.057   -10.782 1.00 44.20  ? 82  ILE A CD1 1 
ATOM   568  N N   . HIS A 1 83  ? -11.887 12.556  -10.477 1.00 59.31  ? 83  HIS A N   1 
ATOM   569  C CA  . HIS A 1 83  ? -11.179 13.669  -11.072 1.00 66.27  ? 83  HIS A CA  1 
ATOM   570  C C   . HIS A 1 83  ? -11.871 13.992  -12.393 1.00 71.02  ? 83  HIS A C   1 
ATOM   571  O O   . HIS A 1 83  ? -12.089 13.103  -13.205 1.00 70.31  ? 83  HIS A O   1 
ATOM   572  C CB  . HIS A 1 83  ? -9.715  13.314  -11.300 1.00 74.12  ? 83  HIS A CB  1 
ATOM   573  C CG  . HIS A 1 83  ? -8.810  13.678  -10.162 1.00 87.02  ? 83  HIS A CG  1 
ATOM   574  N ND1 . HIS A 1 83  ? -7.441  13.520  -10.232 1.00 91.03  ? 83  HIS A ND1 1 
ATOM   575  C CD2 . HIS A 1 83  ? -9.063  14.228  -8.948  1.00 94.56  ? 83  HIS A CD2 1 
ATOM   576  C CE1 . HIS A 1 83  ? -6.893  13.934  -9.105  1.00 89.61  ? 83  HIS A CE1 1 
ATOM   577  N NE2 . HIS A 1 83  ? -7.855  14.372  -8.311  1.00 97.64  ? 83  HIS A NE2 1 
ATOM   578  N N   . PRO A 1 84  ? -12.288 15.250  -12.585 1.00 74.36  ? 84  PRO A N   1 
ATOM   579  C CA  . PRO A 1 84  ? -12.841 15.619  -13.897 1.00 76.06  ? 84  PRO A CA  1 
ATOM   580  C C   . PRO A 1 84  ? -11.863 15.271  -15.026 1.00 79.23  ? 84  PRO A C   1 
ATOM   581  O O   . PRO A 1 84  ? -12.253 14.725  -16.046 1.00 77.06  ? 84  PRO A O   1 
ATOM   582  C CB  . PRO A 1 84  ? -13.021 17.140  -13.800 1.00 76.39  ? 84  PRO A CB  1 
ATOM   583  C CG  . PRO A 1 84  ? -12.981 17.481  -12.347 1.00 77.22  ? 84  PRO A CG  1 
ATOM   584  C CD  . PRO A 1 84  ? -12.358 16.338  -11.594 1.00 75.88  ? 84  PRO A CD  1 
ATOM   585  N N   . GLU A 1 85  ? -10.589 15.558  -14.789 1.00 82.79  ? 85  GLU A N   1 
ATOM   586  C CA  . GLU A 1 85  ? -9.563  15.528  -15.816 1.00 83.45  ? 85  GLU A CA  1 
ATOM   587  C C   . GLU A 1 85  ? -9.240  14.148  -16.381 1.00 76.48  ? 85  GLU A C   1 
ATOM   588  O O   . GLU A 1 85  ? -9.059  14.045  -17.579 1.00 76.13  ? 85  GLU A O   1 
ATOM   589  C CB  . GLU A 1 85  ? -8.307  16.272  -15.325 1.00 89.26  ? 85  GLU A CB  1 
ATOM   590  C CG  . GLU A 1 85  ? -8.551  17.802  -15.277 1.00 95.40  ? 85  GLU A CG  1 
ATOM   591  C CD  . GLU A 1 85  ? -7.819  18.578  -14.167 1.00 101.00 ? 85  GLU A CD  1 
ATOM   592  O OE1 . GLU A 1 85  ? -6.581  18.460  -14.080 1.00 112.73 ? 85  GLU A OE1 1 
ATOM   593  O OE2 . GLU A 1 85  ? -8.487  19.325  -13.395 1.00 96.30  ? 85  GLU A OE2 1 
ATOM   594  N N   . GLU A 1 86  ? -9.220  13.085  -15.572 1.00 77.32  ? 86  GLU A N   1 
ATOM   595  C CA  . GLU A 1 86  ? -8.982  11.711  -16.121 1.00 63.93  ? 86  GLU A CA  1 
ATOM   596  C C   . GLU A 1 86  ? -10.096 10.661  -15.954 1.00 53.22  ? 86  GLU A C   1 
ATOM   597  O O   . GLU A 1 86  ? -9.863  9.490   -16.262 1.00 49.45  ? 86  GLU A O   1 
ATOM   598  C CB  . GLU A 1 86  ? -7.604  11.128  -15.705 1.00 65.83  ? 86  GLU A CB  1 
ATOM   599  C CG  . GLU A 1 86  ? -7.230  11.090  -14.226 1.00 64.70  ? 86  GLU A CG  1 
ATOM   600  C CD  . GLU A 1 86  ? -6.453  12.315  -13.798 1.00 59.16  ? 86  GLU A CD  1 
ATOM   601  O OE1 . GLU A 1 86  ? -7.095  13.318  -13.449 1.00 59.36  ? 86  GLU A OE1 1 
ATOM   602  O OE2 . GLU A 1 86  ? -5.204  12.270  -13.817 1.00 57.81  ? 86  GLU A OE2 1 
ATOM   603  N N   . GLY A 1 87  ? -11.292 11.050  -15.510 1.00 42.80  ? 87  GLY A N   1 
ATOM   604  C CA  . GLY A 1 87  ? -12.468 10.167  -15.616 1.00 40.03  ? 87  GLY A CA  1 
ATOM   605  C C   . GLY A 1 87  ? -12.581 9.037   -14.608 1.00 36.21  ? 87  GLY A C   1 
ATOM   606  O O   . GLY A 1 87  ? -13.496 8.203   -14.703 1.00 35.80  ? 87  GLY A O   1 
ATOM   607  N N   . VAL A 1 88  ? -11.676 9.000   -13.622 1.00 34.54  ? 88  VAL A N   1 
ATOM   608  C CA  . VAL A 1 88  ? -11.744 7.996   -12.532 1.00 33.22  ? 88  VAL A CA  1 
ATOM   609  C C   . VAL A 1 88  ? -11.436 8.622   -11.167 1.00 27.76  ? 88  VAL A C   1 
ATOM   610  O O   . VAL A 1 88  ? -10.893 9.728   -11.094 1.00 27.17  ? 88  VAL A O   1 
ATOM   611  C CB  . VAL A 1 88  ? -10.774 6.823   -12.767 1.00 33.36  ? 88  VAL A CB  1 
ATOM   612  C CG1 . VAL A 1 88  ? -11.263 5.947   -13.895 1.00 36.62  ? 88  VAL A CG1 1 
ATOM   613  C CG2 . VAL A 1 88  ? -9.374  7.332   -13.040 1.00 34.15  ? 88  VAL A CG2 1 
ATOM   614  N N   . SER A 1 89  ? -11.783 7.882   -10.104 1.00 29.47  ? 89  SER A N   1 
ATOM   615  C CA  . SER A 1 89  ? -11.518 8.305   -8.715  1.00 25.01  ? 89  SER A CA  1 
ATOM   616  C C   . SER A 1 89  ? -10.110 8.781   -8.535  1.00 24.77  ? 89  SER A C   1 
ATOM   617  O O   . SER A 1 89  ? -9.157  8.275   -9.140  1.00 22.51  ? 89  SER A O   1 
ATOM   618  C CB  . SER A 1 89  ? -11.802 7.210   -7.744  1.00 25.92  ? 89  SER A CB  1 
ATOM   619  O OG  . SER A 1 89  ? -10.920 6.121   -7.920  1.00 25.60  ? 89  SER A OG  1 
ATOM   620  N N   . ALA A 1 90  ? -9.972  9.845   -7.750  1.00 24.62  ? 90  ALA A N   1 
ATOM   621  C CA  . ALA A 1 90  ? -8.683  10.367  -7.491  1.00 22.02  ? 90  ALA A CA  1 
ATOM   622  C C   . ALA A 1 90  ? -7.820  9.221   -6.878  1.00 20.77  ? 90  ALA A C   1 
ATOM   623  O O   . ALA A 1 90  ? -6.604  9.189   -7.056  1.00 18.91  ? 90  ALA A O   1 
ATOM   624  C CB  . ALA A 1 90  ? -8.789  11.563  -6.555  1.00 24.09  ? 90  ALA A CB  1 
ATOM   625  N N   . ALA A 1 91  ? -8.448  8.326   -6.135  1.00 18.33  ? 91  ALA A N   1 
ATOM   626  C CA  . ALA A 1 91  ? -7.749  7.190   -5.518  1.00 19.56  ? 91  ALA A CA  1 
ATOM   627  C C   . ALA A 1 91  ? -7.099  6.283   -6.549  1.00 20.68  ? 91  ALA A C   1 
ATOM   628  O O   . ALA A 1 91  ? -5.934  5.892   -6.409  1.00 21.24  ? 91  ALA A O   1 
ATOM   629  C CB  . ALA A 1 91  ? -8.744  6.405   -4.682  1.00 20.89  ? 91  ALA A CB  1 
ATOM   630  N N   . GLU A 1 92  ? -7.865  5.941   -7.589  1.00 23.30  ? 92  GLU A N   1 
ATOM   631  C CA  . GLU A 1 92  ? -7.351  5.140   -8.689  1.00 21.73  ? 92  GLU A CA  1 
ATOM   632  C C   . GLU A 1 92  ? -6.173  5.853   -9.392  1.00 20.58  ? 92  GLU A C   1 
ATOM   633  O O   . GLU A 1 92  ? -5.167  5.226   -9.670  1.00 20.72  ? 92  GLU A O   1 
ATOM   634  C CB  . GLU A 1 92  ? -8.464  4.749   -9.653  1.00 21.45  ? 92  GLU A CB  1 
ATOM   635  C CG  . GLU A 1 92  ? -7.958  3.951   -10.816 1.00 21.63  ? 92  GLU A CG  1 
ATOM   636  C CD  . GLU A 1 92  ? -9.009  3.465   -11.765 1.00 22.44  ? 92  GLU A CD  1 
ATOM   637  O OE1 . GLU A 1 92  ? -10.133 3.218   -11.346 1.00 21.36  ? 92  GLU A OE1 1 
ATOM   638  O OE2 . GLU A 1 92  ? -8.683  3.344   -12.976 1.00 22.58  ? 92  GLU A OE2 1 
ATOM   639  N N   . VAL A 1 93  ? -6.244  7.170   -9.589  1.00 19.51  ? 93  VAL A N   1 
ATOM   640  C CA  . VAL A 1 93  ? -5.078  7.887   -10.105 1.00 20.14  ? 93  VAL A CA  1 
ATOM   641  C C   . VAL A 1 93  ? -3.827  7.654   -9.257  1.00 22.25  ? 93  VAL A C   1 
ATOM   642  O O   . VAL A 1 93  ? -2.755  7.306   -9.765  1.00 23.57  ? 93  VAL A O   1 
ATOM   643  C CB  . VAL A 1 93  ? -5.347  9.400   -10.221 1.00 22.43  ? 93  VAL A CB  1 
ATOM   644  C CG1 . VAL A 1 93  ? -4.091  10.159  -10.649 1.00 24.16  ? 93  VAL A CG1 1 
ATOM   645  C CG2 . VAL A 1 93  ? -6.501  9.655   -11.184 1.00 22.65  ? 93  VAL A CG2 1 
ATOM   646  N N   . ILE A 1 94  ? -3.957  7.852   -7.951  1.00 23.66  ? 94  ILE A N   1 
ATOM   647  C CA  . ILE A 1 94  ? -2.869  7.599   -7.007  1.00 25.43  ? 94  ILE A CA  1 
ATOM   648  C C   . ILE A 1 94  ? -2.372  6.158   -7.023  1.00 23.46  ? 94  ILE A C   1 
ATOM   649  O O   . ILE A 1 94  ? -1.191  5.921   -6.899  1.00 28.67  ? 94  ILE A O   1 
ATOM   650  C CB  . ILE A 1 94  ? -3.301  8.043   -5.561  1.00 27.31  ? 94  ILE A CB  1 
ATOM   651  C CG1 . ILE A 1 94  ? -3.287  9.588   -5.472  1.00 27.88  ? 94  ILE A CG1 1 
ATOM   652  C CG2 . ILE A 1 94  ? -2.400  7.457   -4.485  1.00 29.36  ? 94  ILE A CG2 1 
ATOM   653  C CD1 . ILE A 1 94  ? -4.194  10.157  -4.377  1.00 30.73  ? 94  ILE A CD1 1 
ATOM   654  N N   . MET A 1 95  ? -3.279  5.199   -7.165  1.00 23.39  ? 95  MET A N   1 
ATOM   655  C CA  . MET A 1 95  ? -2.907  3.781   -7.175  1.00 23.68  ? 95  MET A CA  1 
ATOM   656  C C   . MET A 1 95  ? -2.207  3.312   -8.483  1.00 24.57  ? 95  MET A C   1 
ATOM   657  O O   . MET A 1 95  ? -1.631  2.232   -8.524  1.00 23.95  ? 95  MET A O   1 
ATOM   658  C CB  . MET A 1 95  ? -4.136  2.906   -6.896  1.00 23.60  ? 95  MET A CB  1 
ATOM   659  C CG  . MET A 1 95  ? -4.708  3.043   -5.468  1.00 24.58  ? 95  MET A CG  1 
ATOM   660  S SD  . MET A 1 95  ? -3.585  3.036   -4.052  1.00 28.49  ? 95  MET A SD  1 
ATOM   661  C CE  . MET A 1 95  ? -3.231  1.304   -4.112  1.00 27.61  ? 95  MET A CE  1 
ATOM   662  N N   . THR A 1 96  ? -2.345  4.081   -9.561  1.00 24.21  ? 96  THR A N   1 
ATOM   663  C CA  . THR A 1 96  ? -1.942  3.594   -10.858 1.00 27.68  ? 96  THR A CA  1 
ATOM   664  C C   . THR A 1 96  ? -0.941  4.461   -11.608 1.00 27.20  ? 96  THR A C   1 
ATOM   665  O O   . THR A 1 96  ? -0.205  3.920   -12.410 1.00 26.45  ? 96  THR A O   1 
ATOM   666  C CB  . THR A 1 96  ? -3.142  3.289   -11.773 1.00 25.43  ? 96  THR A CB  1 
ATOM   667  O OG1 . THR A 1 96  ? -3.927  4.460   -11.975 1.00 28.69  ? 96  THR A OG1 1 
ATOM   668  C CG2 . THR A 1 96  ? -4.046  2.193   -11.160 1.00 28.57  ? 96  THR A CG2 1 
ATOM   669  N N   . VAL A 1 97  ? -0.910  5.763   -11.346 1.00 27.29  ? 97  VAL A N   1 
ATOM   670  C CA  . VAL A 1 97  ? -0.006  6.653   -12.054 1.00 29.17  ? 97  VAL A CA  1 
ATOM   671  C C   . VAL A 1 97  ? 1.403   6.636   -11.474 1.00 31.41  ? 97  VAL A C   1 
ATOM   672  O O   . VAL A 1 97  ? 1.614   6.860   -10.291 1.00 30.20  ? 97  VAL A O   1 
ATOM   673  C CB  . VAL A 1 97  ? -0.571  8.084   -12.121 1.00 30.43  ? 97  VAL A CB  1 
ATOM   674  C CG1 . VAL A 1 97  ? 0.488   9.078   -12.642 1.00 27.68  ? 97  VAL A CG1 1 
ATOM   675  C CG2 . VAL A 1 97  ? -1.842  8.055   -13.015 1.00 30.45  ? 97  VAL A CG2 1 
ATOM   676  N N   . LEU A 1 98  ? 2.372   6.430   -12.362 1.00 34.97  ? 98  LEU A N   1 
ATOM   677  C CA  . LEU A 1 98  ? 3.768   6.304   -11.989 1.00 39.16  ? 98  LEU A CA  1 
ATOM   678  C C   . LEU A 1 98  ? 4.339   7.664   -11.575 1.00 45.60  ? 98  LEU A C   1 
ATOM   679  O O   . LEU A 1 98  ? 4.092   8.660   -12.248 1.00 43.94  ? 98  LEU A O   1 
ATOM   680  C CB  . LEU A 1 98  ? 4.496   5.704   -13.161 1.00 41.34  ? 98  LEU A CB  1 
ATOM   681  C CG  . LEU A 1 98  ? 5.868   5.050   -13.119 1.00 45.80  ? 98  LEU A CG  1 
ATOM   682  C CD1 . LEU A 1 98  ? 6.199   4.357   -11.807 1.00 49.61  ? 98  LEU A CD1 1 
ATOM   683  C CD2 . LEU A 1 98  ? 5.920   4.075   -14.304 1.00 46.78  ? 98  LEU A CD2 1 
ATOM   684  N N   . HIS A 1 99  ? 5.011   7.714   -10.421 1.00 53.85  ? 99  HIS A N   1 
ATOM   685  C CA  . HIS A 1 99  ? 5.672   8.923   -9.937  1.00 61.51  ? 99  HIS A CA  1 
ATOM   686  C C   . HIS A 1 99  ? 4.685   10.113  -9.912  1.00 61.65  ? 99  HIS A C   1 
ATOM   687  O O   . HIS A 1 99  ? 3.666   10.092  -9.209  1.00 57.40  ? 99  HIS A O   1 
ATOM   688  C CB  . HIS A 1 99  ? 6.906   9.173   -10.837 1.00 67.43  ? 99  HIS A CB  1 
ATOM   689  C CG  . HIS A 1 99  ? 7.666   10.432  -10.540 1.00 78.17  ? 99  HIS A CG  1 
ATOM   690  N ND1 . HIS A 1 99  ? 7.253   11.677  -10.975 1.00 79.62  ? 99  HIS A ND1 1 
ATOM   691  C CD2 . HIS A 1 99  ? 8.851   10.628  -9.914  1.00 84.74  ? 99  HIS A CD2 1 
ATOM   692  C CE1 . HIS A 1 99  ? 8.130   12.587  -10.598 1.00 78.51  ? 99  HIS A CE1 1 
ATOM   693  N NE2 . HIS A 1 99  ? 9.111   11.977  -9.954  1.00 84.96  ? 99  HIS A NE2 1 
ATOM   694  N N   . VAL A 1 118 ? 9.272   5.797   -4.617  1.00 43.24  ? 118 VAL A N   1 
ATOM   695  C CA  . VAL A 1 118 ? 8.939   5.336   -5.988  1.00 45.11  ? 118 VAL A CA  1 
ATOM   696  C C   . VAL A 1 118 ? 7.436   5.342   -6.341  1.00 42.81  ? 118 VAL A C   1 
ATOM   697  O O   . VAL A 1 118 ? 7.094   5.140   -7.500  1.00 47.30  ? 118 VAL A O   1 
ATOM   698  C CB  . VAL A 1 118 ? 9.517   3.917   -6.314  1.00 46.72  ? 118 VAL A CB  1 
ATOM   699  C CG1 . VAL A 1 118 ? 11.056  3.926   -6.323  1.00 47.64  ? 118 VAL A CG1 1 
ATOM   700  C CG2 . VAL A 1 118 ? 8.921   2.830   -5.377  1.00 44.17  ? 118 VAL A CG2 1 
ATOM   701  N N   . GLY A 1 119 ? 6.552   5.595   -5.376  1.00 40.34  ? 119 GLY A N   1 
ATOM   702  C CA  . GLY A 1 119 ? 5.107   5.627   -5.620  1.00 37.68  ? 119 GLY A CA  1 
ATOM   703  C C   . GLY A 1 119 ? 4.433   4.265   -5.359  1.00 35.84  ? 119 GLY A C   1 
ATOM   704  O O   . GLY A 1 119 ? 5.004   3.174   -5.605  1.00 32.98  ? 119 GLY A O   1 
ATOM   705  N N   . VAL A 1 120 ? 3.236   4.323   -4.803  1.00 28.41  ? 120 VAL A N   1 
ATOM   706  C CA  . VAL A 1 120 ? 2.454   3.124   -4.549  1.00 25.45  ? 120 VAL A CA  1 
ATOM   707  C C   . VAL A 1 120 ? 2.034   2.373   -5.822  1.00 22.18  ? 120 VAL A C   1 
ATOM   708  O O   . VAL A 1 120 ? 1.806   1.179   -5.781  1.00 19.29  ? 120 VAL A O   1 
ATOM   709  C CB  . VAL A 1 120 ? 1.239   3.460   -3.649  1.00 26.18  ? 120 VAL A CB  1 
ATOM   710  C CG1 . VAL A 1 120 ? 0.202   4.274   -4.397  1.00 29.65  ? 120 VAL A CG1 1 
ATOM   711  C CG2 . VAL A 1 120 ? 0.625   2.185   -3.034  1.00 24.76  ? 120 VAL A CG2 1 
ATOM   712  N N   . SER A 1 121 ? 1.976   3.051   -6.966  1.00 21.79  ? 121 SER A N   1 
ATOM   713  C CA  . SER A 1 121 ? 1.731   2.375   -8.237  1.00 23.86  ? 121 SER A CA  1 
ATOM   714  C C   . SER A 1 121 ? 2.739   1.252   -8.566  1.00 23.02  ? 121 SER A C   1 
ATOM   715  O O   . SER A 1 121 ? 2.390   0.361   -9.286  1.00 22.24  ? 121 SER A O   1 
ATOM   716  C CB  . SER A 1 121 ? 1.661   3.364   -9.387  1.00 26.40  ? 121 SER A CB  1 
ATOM   717  O OG  . SER A 1 121 ? 2.865   4.097   -9.553  1.00 29.67  ? 121 SER A OG  1 
ATOM   718  N N   . VAL A 1 122 ? 3.966   1.337   -8.056  1.00 20.51  ? 122 VAL A N   1 
ATOM   719  C CA  . VAL A 1 122 ? 4.991   0.343   -8.326  1.00 20.87  ? 122 VAL A CA  1 
ATOM   720  C C   . VAL A 1 122 ? 4.623   -0.946  -7.612  1.00 19.88  ? 122 VAL A C   1 
ATOM   721  O O   . VAL A 1 122 ? 4.719   -1.997  -8.190  1.00 19.90  ? 122 VAL A O   1 
ATOM   722  C CB  . VAL A 1 122 ? 6.385   0.796   -7.862  1.00 20.48  ? 122 VAL A CB  1 
ATOM   723  C CG1 . VAL A 1 122 ? 7.376   -0.354  -7.749  1.00 21.00  ? 122 VAL A CG1 1 
ATOM   724  C CG2 . VAL A 1 122 ? 6.923   1.861   -8.799  1.00 22.66  ? 122 VAL A CG2 1 
ATOM   725  N N   . VAL A 1 123 ? 4.245   -0.832  -6.349  1.00 20.07  ? 123 VAL A N   1 
ATOM   726  C CA  . VAL A 1 123 ? 3.787   -1.970  -5.549  1.00 18.21  ? 123 VAL A CA  1 
ATOM   727  C C   . VAL A 1 123 ? 2.553   -2.533  -6.204  1.00 17.60  ? 123 VAL A C   1 
ATOM   728  O O   . VAL A 1 123 ? 2.423   -3.726  -6.321  1.00 15.08  ? 123 VAL A O   1 
ATOM   729  C CB  . VAL A 1 123 ? 3.429   -1.516  -4.114  1.00 19.43  ? 123 VAL A CB  1 
ATOM   730  C CG1 . VAL A 1 123 ? 2.875   -2.669  -3.276  1.00 18.93  ? 123 VAL A CG1 1 
ATOM   731  C CG2 . VAL A 1 123 ? 4.644   -0.875  -3.414  1.00 19.73  ? 123 VAL A CG2 1 
ATOM   732  N N   . ASN A 1 124 ? 1.627   -1.673  -6.643  1.00 18.62  ? 124 ASN A N   1 
ATOM   733  C CA  . ASN A 1 124 ? 0.416   -2.158  -7.358  1.00 18.50  ? 124 ASN A CA  1 
ATOM   734  C C   . ASN A 1 124 ? 0.780   -3.029  -8.611  1.00 17.85  ? 124 ASN A C   1 
ATOM   735  O O   . ASN A 1 124 ? 0.264   -4.159  -8.799  1.00 19.05  ? 124 ASN A O   1 
ATOM   736  C CB  . ASN A 1 124 ? -0.499  -0.942  -7.761  1.00 18.07  ? 124 ASN A CB  1 
ATOM   737  C CG  . ASN A 1 124 ? -1.944  -1.302  -7.874  1.00 17.24  ? 124 ASN A CG  1 
ATOM   738  O OD1 . ASN A 1 124 ? -2.356  -2.500  -7.688  1.00 18.07  ? 124 ASN A OD1 1 
ATOM   739  N ND2 . ASN A 1 124 ? -2.739  -0.318  -8.268  1.00 17.65  ? 124 ASN A ND2 1 
ATOM   740  N N   . ALA A 1 125 ? 1.698   -2.498  -9.417  1.00 17.51  ? 125 ALA A N   1 
ATOM   741  C CA  . ALA A 1 125 ? 2.159   -3.132  -10.641 1.00 17.35  ? 125 ALA A CA  1 
ATOM   742  C C   . ALA A 1 125 ? 2.746   -4.487  -10.382 1.00 17.74  ? 125 ALA A C   1 
ATOM   743  O O   . ALA A 1 125 ? 2.545   -5.413  -11.173 1.00 19.42  ? 125 ALA A O   1 
ATOM   744  C CB  . ALA A 1 125 ? 3.194   -2.258  -11.337 1.00 18.61  ? 125 ALA A CB  1 
ATOM   745  N N   . LEU A 1 126 ? 3.470   -4.616  -9.267  1.00 18.63  ? 126 LEU A N   1 
ATOM   746  C CA  . LEU A 1 126 ? 4.151   -5.869  -8.909  1.00 17.16  ? 126 LEU A CA  1 
ATOM   747  C C   . LEU A 1 126 ? 3.417   -6.729  -7.918  1.00 18.45  ? 126 LEU A C   1 
ATOM   748  O O   . LEU A 1 126 ? 4.012   -7.701  -7.367  1.00 19.19  ? 126 LEU A O   1 
ATOM   749  C CB  . LEU A 1 126 ? 5.528   -5.579  -8.412  1.00 18.51  ? 126 LEU A CB  1 
ATOM   750  C CG  . LEU A 1 126 ? 6.425   -4.757  -9.358  1.00 19.08  ? 126 LEU A CG  1 
ATOM   751  C CD1 . LEU A 1 126 ? 7.809   -4.500  -8.794  1.00 20.51  ? 126 LEU A CD1 1 
ATOM   752  C CD2 . LEU A 1 126 ? 6.545   -5.380  -10.734 1.00 19.34  ? 126 LEU A CD2 1 
ATOM   753  N N   . SER A 1 127 ? 2.121   -6.455  -7.719  1.00 17.98  ? 127 SER A N   1 
ATOM   754  C CA  . SER A 1 127 ? 1.273   -7.302  -6.911  1.00 18.37  ? 127 SER A CA  1 
ATOM   755  C C   . SER A 1 127 ? 0.273   -8.073  -7.795  1.00 18.55  ? 127 SER A C   1 
ATOM   756  O O   . SER A 1 127 ? -0.419  -7.496  -8.655  1.00 15.85  ? 127 SER A O   1 
ATOM   757  C CB  . SER A 1 127 ? 0.520   -6.441  -5.900  1.00 18.34  ? 127 SER A CB  1 
ATOM   758  O OG  . SER A 1 127 ? 1.434   -5.774  -5.070  1.00 16.46  ? 127 SER A OG  1 
ATOM   759  N N   . GLN A 1 128 ? 0.162   -9.381  -7.565  1.00 19.28  ? 128 GLN A N   1 
ATOM   760  C CA  . GLN A 1 128 ? -0.856  -10.114 -8.288  1.00 21.39  ? 128 GLN A CA  1 
ATOM   761  C C   . GLN A 1 128 ? -2.258  -9.631  -7.955  1.00 22.40  ? 128 GLN A C   1 
ATOM   762  O O   . GLN A 1 128 ? -3.128  -9.681  -8.773  1.00 21.17  ? 128 GLN A O   1 
ATOM   763  C CB  . GLN A 1 128 ? -0.751  -11.607 -8.120  1.00 24.35  ? 128 GLN A CB  1 
ATOM   764  C CG  . GLN A 1 128 ? -0.785  -12.150 -6.750  1.00 28.75  ? 128 GLN A CG  1 
ATOM   765  C CD  . GLN A 1 128 ? -0.660  -13.679 -6.727  1.00 35.99  ? 128 GLN A CD  1 
ATOM   766  O OE1 . GLN A 1 128 ? -1.333  -14.381 -7.479  1.00 39.83  ? 128 GLN A OE1 1 
ATOM   767  N NE2 . GLN A 1 128 ? 0.205   -14.197 -5.851  1.00 38.75  ? 128 GLN A NE2 1 
ATOM   768  N N   . LYS A 1 129 ? -2.455  -9.173  -6.727  1.00 25.01  ? 129 LYS A N   1 
ATOM   769  C CA  . LYS A 1 129 ? -3.704  -8.552  -6.305  1.00 24.64  ? 129 LYS A CA  1 
ATOM   770  C C   . LYS A 1 129 ? -3.441  -7.477  -5.271  1.00 21.72  ? 129 LYS A C   1 
ATOM   771  O O   . LYS A 1 129 ? -2.502  -7.567  -4.495  1.00 19.30  ? 129 LYS A O   1 
ATOM   772  C CB  . LYS A 1 129 ? -4.629  -9.587  -5.720  1.00 28.24  ? 129 LYS A CB  1 
ATOM   773  C CG  . LYS A 1 129 ? -5.913  -8.995  -5.132  1.00 36.48  ? 129 LYS A CG  1 
ATOM   774  C CD  . LYS A 1 129 ? -7.159  -9.785  -5.495  1.00 42.53  ? 129 LYS A CD  1 
ATOM   775  C CE  . LYS A 1 129 ? -7.065  -11.256 -5.178  1.00 45.07  ? 129 LYS A CE  1 
ATOM   776  N NZ  . LYS A 1 129 ? -6.713  -11.398 -3.752  1.00 45.75  ? 129 LYS A NZ  1 
ATOM   777  N N   . LEU A 1 130 ? -4.231  -6.413  -5.325  1.00 19.90  ? 130 LEU A N   1 
ATOM   778  C CA  . LEU A 1 130 ? -4.183  -5.392  -4.293  1.00 19.21  ? 130 LEU A CA  1 
ATOM   779  C C   . LEU A 1 130 ? -5.605  -4.989  -3.958  1.00 19.31  ? 130 LEU A C   1 
ATOM   780  O O   . LEU A 1 130 ? -6.461  -4.775  -4.885  1.00 16.79  ? 130 LEU A O   1 
ATOM   781  C CB  . LEU A 1 130 ? -3.342  -4.218  -4.755  1.00 17.27  ? 130 LEU A CB  1 
ATOM   782  C CG  . LEU A 1 130 ? -3.129  -3.084  -3.763  1.00 16.89  ? 130 LEU A CG  1 
ATOM   783  C CD1 . LEU A 1 130 ? -1.836  -2.346  -4.043  1.00 16.61  ? 130 LEU A CD1 1 
ATOM   784  C CD2 . LEU A 1 130 ? -4.241  -2.021  -3.865  1.00 17.81  ? 130 LEU A CD2 1 
ATOM   785  N N   . GLU A 1 131 ? -5.844  -4.854  -2.658  1.00 19.73  ? 131 GLU A N   1 
ATOM   786  C CA  . GLU A 1 131 ? -7.151  -4.403  -2.122  1.00 20.43  ? 131 GLU A CA  1 
ATOM   787  C C   . GLU A 1 131 ? -7.057  -3.046  -1.468  1.00 17.79  ? 131 GLU A C   1 
ATOM   788  O O   . GLU A 1 131 ? -6.231  -2.843  -0.591  1.00 16.23  ? 131 GLU A O   1 
ATOM   789  C CB  . GLU A 1 131 ? -7.660  -5.436  -1.149  1.00 20.82  ? 131 GLU A CB  1 
ATOM   790  C CG  . GLU A 1 131 ? -8.910  -5.035  -0.388  1.00 24.02  ? 131 GLU A CG  1 
ATOM   791  C CD  . GLU A 1 131 ? -9.287  -5.996  0.731   1.00 23.37  ? 131 GLU A CD  1 
ATOM   792  O OE1 . GLU A 1 131 ? -8.416  -6.761  1.300   1.00 23.93  ? 131 GLU A OE1 1 
ATOM   793  O OE2 . GLU A 1 131 ? -10.503 -5.954  1.015   1.00 24.62  ? 131 GLU A OE2 1 
ATOM   794  N N   . LEU A 1 132 ? -7.915  -2.119  -1.903  1.00 17.57  ? 132 LEU A N   1 
ATOM   795  C CA  . LEU A 1 132 ? -7.959  -0.753  -1.390  1.00 17.99  ? 132 LEU A CA  1 
ATOM   796  C C   . LEU A 1 132 ? -9.296  -0.519  -0.630  1.00 18.70  ? 132 LEU A C   1 
ATOM   797  O O   . LEU A 1 132 ? -10.349 -0.740  -1.222  1.00 16.96  ? 132 LEU A O   1 
ATOM   798  C CB  . LEU A 1 132 ? -7.890  0.224   -2.533  1.00 19.86  ? 132 LEU A CB  1 
ATOM   799  C CG  . LEU A 1 132 ? -7.986  1.709   -2.175  1.00 21.72  ? 132 LEU A CG  1 
ATOM   800  C CD1 . LEU A 1 132 ? -6.863  2.105   -1.239  1.00 23.23  ? 132 LEU A CD1 1 
ATOM   801  C CD2 . LEU A 1 132 ? -7.967  2.587   -3.384  1.00 23.76  ? 132 LEU A CD2 1 
ATOM   802  N N   . VAL A 1 133 ? -9.235  -0.117  0.661   1.00 17.08  ? 133 VAL A N   1 
ATOM   803  C CA  . VAL A 1 133 ? -10.433 0.230   1.468   1.00 17.46  ? 133 VAL A CA  1 
ATOM   804  C C   . VAL A 1 133 ? -10.240 1.610   2.043   1.00 18.16  ? 133 VAL A C   1 
ATOM   805  O O   . VAL A 1 133 ? -9.284  1.879   2.753   1.00 18.87  ? 133 VAL A O   1 
ATOM   806  C CB  . VAL A 1 133 ? -10.788 -0.782  2.575   1.00 18.75  ? 133 VAL A CB  1 
ATOM   807  C CG1 . VAL A 1 133 ? -12.124 -0.417  3.249   1.00 19.94  ? 133 VAL A CG1 1 
ATOM   808  C CG2 . VAL A 1 133 ? -10.965 -2.147  1.988   1.00 18.10  ? 133 VAL A CG2 1 
ATOM   809  N N   . ILE A 1 134 ? -11.113 2.513   1.649   1.00 19.99  ? 134 ILE A N   1 
ATOM   810  C CA  . ILE A 1 134 ? -11.074 3.897   2.045   1.00 21.99  ? 134 ILE A CA  1 
ATOM   811  C C   . ILE A 1 134 ? -12.335 4.205   2.890   1.00 24.58  ? 134 ILE A C   1 
ATOM   812  O O   . ILE A 1 134 ? -13.478 3.922   2.473   1.00 26.06  ? 134 ILE A O   1 
ATOM   813  C CB  . ILE A 1 134 ? -11.047 4.821   0.843   1.00 23.95  ? 134 ILE A CB  1 
ATOM   814  C CG1 . ILE A 1 134 ? -9.728  4.633   0.084   1.00 23.57  ? 134 ILE A CG1 1 
ATOM   815  C CG2 . ILE A 1 134 ? -11.260 6.290   1.264   1.00 24.41  ? 134 ILE A CG2 1 
ATOM   816  C CD1 . ILE A 1 134 ? -9.744  5.388   -1.231  1.00 24.88  ? 134 ILE A CD1 1 
ATOM   817  N N   . GLN A 1 135 ? -12.127 4.834   4.047   1.00 22.07  ? 135 GLN A N   1 
ATOM   818  C CA  . GLN A 1 135 ? -13.266 5.264   4.866   1.00 22.53  ? 135 GLN A CA  1 
ATOM   819  C C   . GLN A 1 135 ? -13.198 6.768   4.899   1.00 23.34  ? 135 GLN A C   1 
ATOM   820  O O   . GLN A 1 135 ? -12.158 7.310   5.280   1.00 19.41  ? 135 GLN A O   1 
ATOM   821  C CB  . GLN A 1 135 ? -13.165 4.674   6.249   1.00 22.24  ? 135 GLN A CB  1 
ATOM   822  C CG  . GLN A 1 135 ? -13.409 3.179   6.272   1.00 22.98  ? 135 GLN A CG  1 
ATOM   823  C CD  . GLN A 1 135 ? -13.165 2.655   7.667   1.00 26.63  ? 135 GLN A CD  1 
ATOM   824  O OE1 . GLN A 1 135 ? -11.990 2.565   8.115   1.00 27.18  ? 135 GLN A OE1 1 
ATOM   825  N NE2 . GLN A 1 135 ? -14.261 2.404   8.400   1.00 27.33  ? 135 GLN A NE2 1 
ATOM   826  N N   . ARG A 1 136 ? -14.238 7.423   4.364   1.00 24.53  ? 136 ARG A N   1 
ATOM   827  C CA  . ARG A 1 136 ? -14.342 8.866   4.442   1.00 30.75  ? 136 ARG A CA  1 
ATOM   828  C C   . ARG A 1 136 ? -15.656 9.431   3.955   1.00 32.98  ? 136 ARG A C   1 
ATOM   829  O O   . ARG A 1 136 ? -16.308 8.874   3.075   1.00 30.09  ? 136 ARG A O   1 
ATOM   830  C CB  . ARG A 1 136 ? -13.211 9.606   3.734   1.00 32.52  ? 136 ARG A CB  1 
ATOM   831  C CG  . ARG A 1 136 ? -13.285 9.762   2.266   1.00 32.57  ? 136 ARG A CG  1 
ATOM   832  C CD  . ARG A 1 136 ? -12.033 10.513  1.779   1.00 31.15  ? 136 ARG A CD  1 
ATOM   833  N NE  . ARG A 1 136 ? -12.234 11.885  1.312   1.00 31.65  ? 136 ARG A NE  1 
ATOM   834  C CZ  . ARG A 1 136 ? -11.292 12.843  1.283   1.00 28.24  ? 136 ARG A CZ  1 
ATOM   835  N NH1 . ARG A 1 136 ? -11.585 14.013  0.815   1.00 30.16  ? 136 ARG A NH1 1 
ATOM   836  N NH2 . ARG A 1 136 ? -10.051 12.661  1.715   1.00 30.38  ? 136 ARG A NH2 1 
ATOM   837  N N   . GLU A 1 137 ? -15.983 10.565  4.569   1.00 38.52  ? 137 GLU A N   1 
ATOM   838  C CA  . GLU A 1 137 ? -17.263 11.256  4.447   1.00 38.90  ? 137 GLU A CA  1 
ATOM   839  C C   . GLU A 1 137 ? -18.424 10.342  4.640   1.00 32.22  ? 137 GLU A C   1 
ATOM   840  O O   . GLU A 1 137 ? -19.329 10.353  3.859   1.00 36.05  ? 137 GLU A O   1 
ATOM   841  C CB  . GLU A 1 137 ? -17.345 11.957  3.112   1.00 42.38  ? 137 GLU A CB  1 
ATOM   842  C CG  . GLU A 1 137 ? -16.185 12.914  2.899   1.00 45.22  ? 137 GLU A CG  1 
ATOM   843  C CD  . GLU A 1 137 ? -16.336 13.724  1.626   1.00 46.78  ? 137 GLU A CD  1 
ATOM   844  O OE1 . GLU A 1 137 ? -16.974 13.254  0.667   1.00 47.68  ? 137 GLU A OE1 1 
ATOM   845  O OE2 . GLU A 1 137 ? -15.817 14.835  1.581   1.00 45.32  ? 137 GLU A OE2 1 
ATOM   846  N N   . GLY A 1 138 ? -18.356 9.540   5.683   1.00 29.26  ? 138 GLY A N   1 
ATOM   847  C CA  . GLY A 1 138 ? -19.429 8.654   6.053   1.00 34.20  ? 138 GLY A CA  1 
ATOM   848  C C   . GLY A 1 138 ? -19.570 7.380   5.251   1.00 32.47  ? 138 GLY A C   1 
ATOM   849  O O   . GLY A 1 138 ? -20.443 6.578   5.539   1.00 34.53  ? 138 GLY A O   1 
ATOM   850  N N   . LYS A 1 139 ? -18.724 7.175   4.246   1.00 35.13  ? 139 LYS A N   1 
ATOM   851  C CA  . LYS A 1 139 ? -18.842 5.994   3.350   1.00 36.74  ? 139 LYS A CA  1 
ATOM   852  C C   . LYS A 1 139 ? -17.575 5.092   3.402   1.00 35.88  ? 139 LYS A C   1 
ATOM   853  O O   . LYS A 1 139 ? -16.439 5.548   3.567   1.00 30.36  ? 139 LYS A O   1 
ATOM   854  C CB  . LYS A 1 139 ? -19.092 6.426   1.888   1.00 41.05  ? 139 LYS A CB  1 
ATOM   855  C CG  . LYS A 1 139 ? -20.199 7.438   1.583   1.00 41.61  ? 139 LYS A CG  1 
ATOM   856  C CD  . LYS A 1 139 ? -21.522 6.742   1.517   1.00 47.26  ? 139 LYS A CD  1 
ATOM   857  C CE  . LYS A 1 139 ? -22.620 7.654   1.011   1.00 50.14  ? 139 LYS A CE  1 
ATOM   858  N NZ  . LYS A 1 139 ? -23.883 7.244   1.674   1.00 51.45  ? 139 LYS A NZ  1 
ATOM   859  N N   . ILE A 1 140 ? -17.796 3.802   3.227   1.00 35.52  ? 140 ILE A N   1 
ATOM   860  C CA  . ILE A 1 140 ? -16.709 2.866   2.970   1.00 34.09  ? 140 ILE A CA  1 
ATOM   861  C C   . ILE A 1 140 ? -16.683 2.646   1.457   1.00 27.96  ? 140 ILE A C   1 
ATOM   862  O O   . ILE A 1 140 ? -17.710 2.358   0.883   1.00 23.76  ? 140 ILE A O   1 
ATOM   863  C CB  . ILE A 1 140 ? -16.969 1.529   3.652   1.00 35.37  ? 140 ILE A CB  1 
ATOM   864  C CG1 . ILE A 1 140 ? -17.349 1.759   5.133   1.00 35.82  ? 140 ILE A CG1 1 
ATOM   865  C CG2 . ILE A 1 140 ? -15.781 0.589   3.440   1.00 34.45  ? 140 ILE A CG2 1 
ATOM   866  C CD1 . ILE A 1 140 ? -17.822 0.514   5.841   1.00 37.50  ? 140 ILE A CD1 1 
ATOM   867  N N   . HIS A 1 141 ? -15.498 2.825   0.853   1.00 26.61  ? 141 HIS A N   1 
ATOM   868  C CA  . HIS A 1 141 ? -15.215 2.523   -0.558  1.00 23.43  ? 141 HIS A CA  1 
ATOM   869  C C   . HIS A 1 141 ? -14.184 1.389   -0.685  1.00 24.88  ? 141 HIS A C   1 
ATOM   870  O O   . HIS A 1 141 ? -13.219 1.314   0.097   1.00 23.07  ? 141 HIS A O   1 
ATOM   871  C CB  . HIS A 1 141 ? -14.645 3.733   -1.269  1.00 22.46  ? 141 HIS A CB  1 
ATOM   872  C CG  . HIS A 1 141 ? -15.312 5.010   -0.926  1.00 22.75  ? 141 HIS A CG  1 
ATOM   873  N ND1 . HIS A 1 141 ? -16.121 5.688   -1.815  1.00 22.96  ? 141 HIS A ND1 1 
ATOM   874  C CD2 . HIS A 1 141 ? -15.332 5.723   0.229   1.00 25.43  ? 141 HIS A CD2 1 
ATOM   875  C CE1 . HIS A 1 141 ? -16.560 6.793   -1.245  1.00 23.62  ? 141 HIS A CE1 1 
ATOM   876  N NE2 . HIS A 1 141 ? -16.120 6.828   0.004   1.00 26.26  ? 141 HIS A NE2 1 
ATOM   877  N N   . ARG A 1 142 ? -14.357 0.573   -1.717  1.00 24.24  ? 142 ARG A N   1 
ATOM   878  C CA  . ARG A 1 142 ? -13.501 -0.562  -1.972  1.00 23.63  ? 142 ARG A CA  1 
ATOM   879  C C   . ARG A 1 142 ? -13.201 -0.750  -3.466  1.00 22.06  ? 142 ARG A C   1 
ATOM   880  O O   . ARG A 1 142 ? -14.023 -0.485  -4.342  1.00 20.72  ? 142 ARG A O   1 
ATOM   881  C CB  . ARG A 1 142 ? -14.101 -1.823  -1.398  1.00 24.05  ? 142 ARG A CB  1 
ATOM   882  C CG  . ARG A 1 142 ? -13.182 -3.036  -1.456  1.00 26.58  ? 142 ARG A CG  1 
ATOM   883  C CD  . ARG A 1 142 ? -13.744 -4.120  -0.522  1.00 29.21  ? 142 ARG A CD  1 
ATOM   884  N NE  . ARG A 1 142 ? -12.925 -5.333  -0.391  1.00 29.32  ? 142 ARG A NE  1 
ATOM   885  C CZ  . ARG A 1 142 ? -13.081 -6.443  -1.129  1.00 35.30  ? 142 ARG A CZ  1 
ATOM   886  N NH1 . ARG A 1 142 ? -12.318 -7.517  -0.908  1.00 34.63  ? 142 ARG A NH1 1 
ATOM   887  N NH2 . ARG A 1 142 ? -13.983 -6.501  -2.106  1.00 37.02  ? 142 ARG A NH2 1 
ATOM   888  N N   . GLN A 1 143 ? -11.955 -1.112  -3.741  1.00 20.91  ? 143 GLN A N   1 
ATOM   889  C CA  . GLN A 1 143 ? -11.521 -1.422  -5.079  1.00 20.95  ? 143 GLN A CA  1 
ATOM   890  C C   . GLN A 1 143 ? -10.508 -2.584  -5.029  1.00 21.20  ? 143 GLN A C   1 
ATOM   891  O O   . GLN A 1 143 ? -9.724  -2.721  -4.052  1.00 18.91  ? 143 GLN A O   1 
ATOM   892  C CB  . GLN A 1 143 ? -10.924 -0.212  -5.740  1.00 18.75  ? 143 GLN A CB  1 
ATOM   893  C CG  . GLN A 1 143 ? -10.759 -0.349  -7.245  1.00 18.34  ? 143 GLN A CG  1 
ATOM   894  C CD  . GLN A 1 143 ? -10.319 0.944   -7.881  1.00 18.92  ? 143 GLN A CD  1 
ATOM   895  O OE1 . GLN A 1 143 ? -9.672  1.733   -7.200  1.00 20.78  ? 143 GLN A OE1 1 
ATOM   896  N NE2 . GLN A 1 143 ? -10.665 1.188   -9.167  1.00 16.56  ? 143 GLN A NE2 1 
ATOM   897  N N   . ILE A 1 144 ? -10.542 -3.395  -6.065  1.00 20.24  ? 144 ILE A N   1 
ATOM   898  C CA  . ILE A 1 144 ? -9.638  -4.530  -6.206  1.00 22.05  ? 144 ILE A CA  1 
ATOM   899  C C   . ILE A 1 144 ? -8.827  -4.323  -7.474  1.00 21.51  ? 144 ILE A C   1 
ATOM   900  O O   . ILE A 1 144 ? -9.371  -3.919  -8.506  1.00 22.23  ? 144 ILE A O   1 
ATOM   901  C CB  . ILE A 1 144 ? -10.400 -5.895  -6.286  1.00 23.22  ? 144 ILE A CB  1 
ATOM   902  C CG1 . ILE A 1 144 ? -11.217 -6.083  -5.026  1.00 25.63  ? 144 ILE A CG1 1 
ATOM   903  C CG2 . ILE A 1 144 ? -9.443  -7.062  -6.501  1.00 24.30  ? 144 ILE A CG2 1 
ATOM   904  C CD1 . ILE A 1 144 ? -10.399 -6.239  -3.758  1.00 28.64  ? 144 ILE A CD1 1 
ATOM   905  N N   . TYR A 1 145 ? -7.521  -4.582  -7.384  1.00 21.05  ? 145 TYR A N   1 
ATOM   906  C CA  . TYR A 1 145 ? -6.607  -4.471  -8.533  1.00 19.75  ? 145 TYR A CA  1 
ATOM   907  C C   . TYR A 1 145 ? -5.928  -5.791  -8.779  1.00 18.99  ? 145 TYR A C   1 
ATOM   908  O O   . TYR A 1 145 ? -5.715  -6.569  -7.819  1.00 16.69  ? 145 TYR A O   1 
ATOM   909  C CB  . TYR A 1 145 ? -5.522  -3.418  -8.299  1.00 20.97  ? 145 TYR A CB  1 
ATOM   910  C CG  . TYR A 1 145 ? -6.000  -2.010  -8.225  1.00 20.03  ? 145 TYR A CG  1 
ATOM   911  C CD1 . TYR A 1 145 ? -6.555  -1.507  -7.045  1.00 21.80  ? 145 TYR A CD1 1 
ATOM   912  C CD2 . TYR A 1 145 ? -5.832  -1.152  -9.277  1.00 20.73  ? 145 TYR A CD2 1 
ATOM   913  C CE1 . TYR A 1 145 ? -6.989  -0.188  -6.962  1.00 21.45  ? 145 TYR A CE1 1 
ATOM   914  C CE2 . TYR A 1 145 ? -6.263  0.157   -9.222  1.00 20.88  ? 145 TYR A CE2 1 
ATOM   915  C CZ  . TYR A 1 145 ? -6.828  0.645   -8.070  1.00 22.15  ? 145 TYR A CZ  1 
ATOM   916  O OH  . TYR A 1 145 ? -7.260  1.960   -8.034  1.00 23.30  ? 145 TYR A OH  1 
ATOM   917  N N   . GLU A 1 146 ? -5.570  -6.053  -10.047 1.00 19.05  ? 146 GLU A N   1 
ATOM   918  C CA  . GLU A 1 146 ? -4.774  -7.268  -10.376 1.00 21.08  ? 146 GLU A CA  1 
ATOM   919  C C   . GLU A 1 146 ? -3.653  -6.830  -11.251 1.00 20.49  ? 146 GLU A C   1 
ATOM   920  O O   . GLU A 1 146 ? -3.897  -6.180  -12.289 1.00 17.75  ? 146 GLU A O   1 
ATOM   921  C CB  . GLU A 1 146 ? -5.572  -8.331  -11.108 1.00 24.56  ? 146 GLU A CB  1 
ATOM   922  C CG  . GLU A 1 146 ? -6.838  -8.730  -10.398 1.00 28.57  ? 146 GLU A CG  1 
ATOM   923  C CD  . GLU A 1 146 ? -7.877  -9.435  -11.332 1.00 35.77  ? 146 GLU A CD  1 
ATOM   924  O OE1 . GLU A 1 146 ? -8.180  -10.595 -11.014 1.00 38.07  ? 146 GLU A OE1 1 
ATOM   925  O OE2 . GLU A 1 146 ? -8.385  -8.831  -12.351 1.00 37.30  ? 146 GLU A OE2 1 
ATOM   926  N N   . HIS A 1 147 ? -2.416  -7.115  -10.838 1.00 19.07  ? 147 HIS A N   1 
ATOM   927  C CA  . HIS A 1 147 ? -1.251  -6.627  -11.612 1.00 19.08  ? 147 HIS A CA  1 
ATOM   928  C C   . HIS A 1 147 ? -1.354  -5.148  -11.960 1.00 19.32  ? 147 HIS A C   1 
ATOM   929  O O   . HIS A 1 147 ? -0.856  -4.746  -13.036 1.00 21.19  ? 147 HIS A O   1 
ATOM   930  C CB  . HIS A 1 147 ? -1.036  -7.454  -12.876 1.00 18.61  ? 147 HIS A CB  1 
ATOM   931  C CG  . HIS A 1 147 ? -0.873  -8.899  -12.591 1.00 19.71  ? 147 HIS A CG  1 
ATOM   932  N ND1 . HIS A 1 147 ? 0.231   -9.402  -11.926 1.00 21.81  ? 147 HIS A ND1 1 
ATOM   933  C CD2 . HIS A 1 147 ? -1.682  -9.958  -12.837 1.00 20.00  ? 147 HIS A CD2 1 
ATOM   934  C CE1 . HIS A 1 147 ? 0.091   -10.709 -11.775 1.00 21.70  ? 147 HIS A CE1 1 
ATOM   935  N NE2 . HIS A 1 147 ? -1.069  -11.066 -12.298 1.00 21.33  ? 147 HIS A NE2 1 
ATOM   936  N N   . GLY A 1 148 ? -1.931  -4.357  -11.035 1.00 19.04  ? 148 GLY A N   1 
ATOM   937  C CA  . GLY A 1 148 ? -2.051  -2.885  -11.166 1.00 19.16  ? 148 GLY A CA  1 
ATOM   938  C C   . GLY A 1 148 ? -3.287  -2.373  -11.873 1.00 18.83  ? 148 GLY A C   1 
ATOM   939  O O   . GLY A 1 148 ? -3.494  -1.166  -11.981 1.00 19.44  ? 148 GLY A O   1 
ATOM   940  N N   . VAL A 1 149 ? -4.093  -3.292  -12.359 1.00 19.77  ? 149 VAL A N   1 
ATOM   941  C CA  . VAL A 1 149 ? -5.265  -2.992  -13.167 1.00 21.30  ? 149 VAL A CA  1 
ATOM   942  C C   . VAL A 1 149 ? -6.534  -3.144  -12.329 1.00 20.33  ? 149 VAL A C   1 
ATOM   943  O O   . VAL A 1 149 ? -6.794  -4.216  -11.782 1.00 21.93  ? 149 VAL A O   1 
ATOM   944  C CB  . VAL A 1 149 ? -5.349  -3.972  -14.366 1.00 23.06  ? 149 VAL A CB  1 
ATOM   945  C CG1 . VAL A 1 149 ? -6.573  -3.705  -15.176 1.00 24.68  ? 149 VAL A CG1 1 
ATOM   946  C CG2 . VAL A 1 149 ? -4.111  -3.867  -15.252 1.00 24.83  ? 149 VAL A CG2 1 
ATOM   947  N N   . PRO A 1 150 ? -7.363  -2.101  -12.258 1.00 20.13  ? 150 PRO A N   1 
ATOM   948  C CA  . PRO A 1 150 ? -8.583  -2.195  -11.447 1.00 20.64  ? 150 PRO A CA  1 
ATOM   949  C C   . PRO A 1 150 ? -9.595  -3.143  -12.038 1.00 21.36  ? 150 PRO A C   1 
ATOM   950  O O   . PRO A 1 150 ? -9.884  -3.068  -13.236 1.00 19.81  ? 150 PRO A O   1 
ATOM   951  C CB  . PRO A 1 150 ? -9.112  -0.761  -11.426 1.00 22.30  ? 150 PRO A CB  1 
ATOM   952  C CG  . PRO A 1 150 ? -8.603  -0.164  -12.691 1.00 21.35  ? 150 PRO A CG  1 
ATOM   953  C CD  . PRO A 1 150 ? -7.231  -0.777  -12.897 1.00 23.17  ? 150 PRO A CD  1 
ATOM   954  N N   . GLN A 1 151 ? -10.127 -4.025  -11.209 1.00 21.68  ? 151 GLN A N   1 
ATOM   955  C CA  . GLN A 1 151 ? -11.221 -4.866  -11.626 1.00 23.26  ? 151 GLN A CA  1 
ATOM   956  C C   . GLN A 1 151 ? -12.475 -4.103  -11.938 1.00 23.74  ? 151 GLN A C   1 
ATOM   957  O O   . GLN A 1 151 ? -13.221 -4.520  -12.804 1.00 23.10  ? 151 GLN A O   1 
ATOM   958  C CB  . GLN A 1 151 ? -11.602 -5.846  -10.563 1.00 25.85  ? 151 GLN A CB  1 
ATOM   959  C CG  . GLN A 1 151 ? -10.608 -6.931  -10.390 1.00 28.10  ? 151 GLN A CG  1 
ATOM   960  C CD  . GLN A 1 151 ? -11.210 -8.104  -9.598  1.00 32.09  ? 151 GLN A CD  1 
ATOM   961  O OE1 . GLN A 1 151 ? -10.626 -9.186  -9.543  1.00 38.24  ? 151 GLN A OE1 1 
ATOM   962  N NE2 . GLN A 1 151 ? -12.330 -7.857  -8.936  1.00 30.44  ? 151 GLN A NE2 1 
ATOM   963  N N   . ALA A 1 152 ? -12.699 -3.003  -11.238 1.00 23.76  ? 152 ALA A N   1 
ATOM   964  C CA  . ALA A 1 152 ? -13.861 -2.137  -11.423 1.00 24.66  ? 152 ALA A CA  1 
ATOM   965  C C   . ALA A 1 152 ? -13.560 -0.810  -10.779 1.00 25.99  ? 152 ALA A C   1 
ATOM   966  O O   . ALA A 1 152 ? -12.610 -0.741  -9.970  1.00 27.43  ? 152 ALA A O   1 
ATOM   967  C CB  . ALA A 1 152 ? -15.082 -2.724  -10.751 1.00 23.63  ? 152 ALA A CB  1 
ATOM   968  N N   . PRO A 1 153 ? -14.351 0.237   -11.107 1.00 25.37  ? 153 PRO A N   1 
ATOM   969  C CA  . PRO A 1 153 ? -14.149 1.508   -10.462 1.00 25.59  ? 153 PRO A CA  1 
ATOM   970  C C   . PRO A 1 153 ? -14.362 1.423   -8.960  1.00 24.40  ? 153 PRO A C   1 
ATOM   971  O O   . PRO A 1 153 ? -15.169 0.592   -8.465  1.00 20.12  ? 153 PRO A O   1 
ATOM   972  C CB  . PRO A 1 153 ? -15.238 2.415   -11.082 1.00 26.82  ? 153 PRO A CB  1 
ATOM   973  C CG  . PRO A 1 153 ? -15.586 1.784   -12.349 1.00 27.21  ? 153 PRO A CG  1 
ATOM   974  C CD  . PRO A 1 153 ? -15.468 0.303   -12.059 1.00 27.71  ? 153 PRO A CD  1 
ATOM   975  N N   . LEU A 1 154 ? -13.685 2.321   -8.242  1.00 24.61  ? 154 LEU A N   1 
ATOM   976  C CA  . LEU A 1 154 ? -13.889 2.423   -6.785  1.00 24.95  ? 154 LEU A CA  1 
ATOM   977  C C   . LEU A 1 154 ? -15.406 2.576   -6.513  1.00 26.47  ? 154 LEU A C   1 
ATOM   978  O O   . LEU A 1 154 ? -16.084 3.357   -7.193  1.00 24.23  ? 154 LEU A O   1 
ATOM   979  C CB  . LEU A 1 154 ? -13.137 3.609   -6.234  1.00 22.31  ? 154 LEU A CB  1 
ATOM   980  C CG  . LEU A 1 154 ? -13.202 3.880   -4.741  1.00 19.86  ? 154 LEU A CG  1 
ATOM   981  C CD1 . LEU A 1 154 ? -12.334 2.894   -3.939  1.00 18.96  ? 154 LEU A CD1 1 
ATOM   982  C CD2 . LEU A 1 154 ? -12.787 5.332   -4.532  1.00 21.70  ? 154 LEU A CD2 1 
ATOM   983  N N   . ALA A 1 155 ? -15.907 1.808   -5.559  1.00 27.00  ? 155 ALA A N   1 
ATOM   984  C CA  . ALA A 1 155 ? -17.338 1.787   -5.236  1.00 27.95  ? 155 ALA A CA  1 
ATOM   985  C C   . ALA A 1 155 ? -17.604 1.754   -3.720  1.00 26.09  ? 155 ALA A C   1 
ATOM   986  O O   . ALA A 1 155 ? -16.835 1.182   -2.943  1.00 24.97  ? 155 ALA A O   1 
ATOM   987  C CB  . ALA A 1 155 ? -18.004 0.592   -5.914  1.00 28.57  ? 155 ALA A CB  1 
ATOM   988  N N   . VAL A 1 156 ? -18.738 2.347   -3.329  1.00 24.87  ? 156 VAL A N   1 
ATOM   989  C CA  . VAL A 1 156 ? -19.167 2.431   -1.927  1.00 24.26  ? 156 VAL A CA  1 
ATOM   990  C C   . VAL A 1 156 ? -19.757 1.064   -1.557  1.00 24.61  ? 156 VAL A C   1 
ATOM   991  O O   . VAL A 1 156 ? -20.572 0.534   -2.285  1.00 23.53  ? 156 VAL A O   1 
ATOM   992  C CB  . VAL A 1 156 ? -20.208 3.551   -1.773  1.00 26.37  ? 156 VAL A CB  1 
ATOM   993  C CG1 . VAL A 1 156 ? -20.928 3.499   -0.408  1.00 27.64  ? 156 VAL A CG1 1 
ATOM   994  C CG2 . VAL A 1 156 ? -19.520 4.899   -1.993  1.00 24.87  ? 156 VAL A CG2 1 
ATOM   995  N N   . THR A 1 157 ? -19.300 0.470   -0.463  1.00 23.26  ? 157 THR A N   1 
ATOM   996  C CA  . THR A 1 157 ? -19.804 -0.833  -0.015  1.00 25.24  ? 157 THR A CA  1 
ATOM   997  C C   . THR A 1 157 ? -20.656 -0.731  1.281   1.00 29.00  ? 157 THR A C   1 
ATOM   998  O O   . THR A 1 157 ? -21.221 -1.763  1.751   1.00 28.82  ? 157 THR A O   1 
ATOM   999  C CB  . THR A 1 157 ? -18.616 -1.776  0.308   1.00 23.68  ? 157 THR A CB  1 
ATOM   1000 O OG1 . THR A 1 157 ? -17.784 -1.127  1.239   1.00 23.32  ? 157 THR A OG1 1 
ATOM   1001 C CG2 . THR A 1 157 ? -17.780 -2.062  -0.913  1.00 23.96  ? 157 THR A CG2 1 
ATOM   1002 N N   . GLY A 1 158 ? -20.708 0.464   1.891   1.00 28.31  ? 158 GLY A N   1 
ATOM   1003 C CA  . GLY A 1 158 ? -21.266 0.606   3.246   1.00 31.43  ? 158 GLY A CA  1 
ATOM   1004 C C   . GLY A 1 158 ? -21.095 2.002   3.831   1.00 33.53  ? 158 GLY A C   1 
ATOM   1005 O O   . GLY A 1 158 ? -20.573 2.888   3.167   1.00 33.97  ? 158 GLY A O   1 
ATOM   1006 N N   . GLU A 1 159 ? -21.564 2.204   5.070   1.00 35.74  ? 159 GLU A N   1 
ATOM   1007 C CA  . GLU A 1 159 ? -21.387 3.479   5.766   1.00 33.93  ? 159 GLU A CA  1 
ATOM   1008 C C   . GLU A 1 159 ? -20.519 3.236   6.991   1.00 31.42  ? 159 GLU A C   1 
ATOM   1009 O O   . GLU A 1 159 ? -20.351 2.102   7.441   1.00 30.18  ? 159 GLU A O   1 
ATOM   1010 C CB  . GLU A 1 159 ? -22.745 4.155   6.104   1.00 38.05  ? 159 GLU A CB  1 
ATOM   1011 C CG  . GLU A 1 159 ? -23.599 4.417   4.862   1.00 39.41  ? 159 GLU A CG  1 
ATOM   1012 C CD  . GLU A 1 159 ? -24.911 5.197   5.090   1.00 45.24  ? 159 GLU A CD  1 
ATOM   1013 O OE1 . GLU A 1 159 ? -25.855 5.051   4.239   1.00 46.44  ? 159 GLU A OE1 1 
ATOM   1014 O OE2 . GLU A 1 159 ? -25.023 5.964   6.081   1.00 36.70  ? 159 GLU A OE2 1 
ATOM   1015 N N   . THR A 1 160 ? -19.945 4.324   7.492   1.00 31.09  ? 160 THR A N   1 
ATOM   1016 C CA  . THR A 1 160 ? -19.018 4.303   8.648   1.00 31.10  ? 160 THR A CA  1 
ATOM   1017 C C   . THR A 1 160 ? -18.897 5.687   9.236   1.00 31.13  ? 160 THR A C   1 
ATOM   1018 O O   . THR A 1 160 ? -19.157 6.702   8.581   1.00 29.20  ? 160 THR A O   1 
ATOM   1019 C CB  . THR A 1 160 ? -17.601 3.834   8.214   1.00 31.48  ? 160 THR A CB  1 
ATOM   1020 O OG1 . THR A 1 160 ? -16.691 3.870   9.305   1.00 35.47  ? 160 THR A OG1 1 
ATOM   1021 C CG2 . THR A 1 160 ? -17.030 4.734   7.160   1.00 31.94  ? 160 THR A CG2 1 
ATOM   1022 N N   . GLU A 1 161 ? -18.450 5.716   10.471  1.00 37.22  ? 161 GLU A N   1 
ATOM   1023 C CA  . GLU A 1 161 ? -18.150 6.968   11.125  1.00 43.50  ? 161 GLU A CA  1 
ATOM   1024 C C   . GLU A 1 161 ? -16.671 7.257   11.087  1.00 37.30  ? 161 GLU A C   1 
ATOM   1025 O O   . GLU A 1 161 ? -16.280 8.331   11.456  1.00 39.26  ? 161 GLU A O   1 
ATOM   1026 C CB  . GLU A 1 161 ? -18.636 6.901   12.586  1.00 53.12  ? 161 GLU A CB  1 
ATOM   1027 C CG  . GLU A 1 161 ? -19.516 8.066   13.028  1.00 61.03  ? 161 GLU A CG  1 
ATOM   1028 C CD  . GLU A 1 161 ? -20.910 7.999   12.425  1.00 66.02  ? 161 GLU A CD  1 
ATOM   1029 O OE1 . GLU A 1 161 ? -21.887 7.885   13.208  1.00 65.25  ? 161 GLU A OE1 1 
ATOM   1030 O OE2 . GLU A 1 161 ? -21.014 8.041   11.167  1.00 64.16  ? 161 GLU A OE2 1 
ATOM   1031 N N   . LYS A 1 162 ? -15.873 6.290   10.655  1.00 35.62  ? 162 LYS A N   1 
ATOM   1032 C CA  . LYS A 1 162 ? -14.432 6.368   10.724  1.00 37.33  ? 162 LYS A CA  1 
ATOM   1033 C C   . LYS A 1 162 ? -13.862 6.922   9.439   1.00 31.88  ? 162 LYS A C   1 
ATOM   1034 O O   . LYS A 1 162 ? -14.558 7.059   8.403   1.00 29.36  ? 162 LYS A O   1 
ATOM   1035 C CB  . LYS A 1 162 ? -13.828 4.983   10.998  1.00 42.61  ? 162 LYS A CB  1 
ATOM   1036 C CG  . LYS A 1 162 ? -14.228 4.404   12.361  1.00 47.47  ? 162 LYS A CG  1 
ATOM   1037 C CD  . LYS A 1 162 ? -13.505 3.100   12.695  1.00 51.94  ? 162 LYS A CD  1 
ATOM   1038 C CE  . LYS A 1 162 ? -14.423 1.890   12.670  1.00 56.44  ? 162 LYS A CE  1 
ATOM   1039 N NZ  . LYS A 1 162 ? -14.837 1.537   11.281  1.00 64.74  ? 162 LYS A NZ  1 
ATOM   1040 N N   . THR A 1 163 ? -12.584 7.251   9.532   1.00 28.37  ? 163 THR A N   1 
ATOM   1041 C CA  . THR A 1 163 ? -11.796 7.570   8.395   1.00 26.44  ? 163 THR A CA  1 
ATOM   1042 C C   . THR A 1 163 ? -10.492 6.792   8.350   1.00 26.13  ? 163 THR A C   1 
ATOM   1043 O O   . THR A 1 163 ? -9.948  6.415   9.369   1.00 25.19  ? 163 THR A O   1 
ATOM   1044 C CB  . THR A 1 163 ? -11.460 9.059   8.360   1.00 30.57  ? 163 THR A CB  1 
ATOM   1045 O OG1 . THR A 1 163 ? -10.683 9.372   9.520   1.00 33.24  ? 163 THR A OG1 1 
ATOM   1046 C CG2 . THR A 1 163 ? -12.758 9.917   8.298   1.00 30.73  ? 163 THR A CG2 1 
ATOM   1047 N N   . GLY A 1 164 ? -9.982  6.612   7.133   1.00 26.73  ? 164 GLY A N   1 
ATOM   1048 C CA  . GLY A 1 164 ? -8.665  6.044   6.888   1.00 24.39  ? 164 GLY A CA  1 
ATOM   1049 C C   . GLY A 1 164 ? -8.532  5.289   5.571   1.00 21.84  ? 164 GLY A C   1 
ATOM   1050 O O   . GLY A 1 164 ? -9.499  5.145   4.800   1.00 18.82  ? 164 GLY A O   1 
ATOM   1051 N N   . THR A 1 165 ? -7.314  4.812   5.339   1.00 19.90  ? 165 THR A N   1 
ATOM   1052 C CA  . THR A 1 165 ? -6.932  4.085   4.112   1.00 17.79  ? 165 THR A CA  1 
ATOM   1053 C C   . THR A 1 165 ? -6.306  2.815   4.530   1.00 16.68  ? 165 THR A C   1 
ATOM   1054 O O   . THR A 1 165 ? -5.461  2.851   5.428   1.00 18.78  ? 165 THR A O   1 
ATOM   1055 C CB  . THR A 1 165 ? -5.957  4.895   3.336   1.00 18.86  ? 165 THR A CB  1 
ATOM   1056 O OG1 . THR A 1 165 ? -6.644  6.128   2.945   1.00 17.46  ? 165 THR A OG1 1 
ATOM   1057 C CG2 . THR A 1 165 ? -5.425  4.086   2.126   1.00 19.70  ? 165 THR A CG2 1 
ATOM   1058 N N   . MET A 1 166 ? -6.766  1.697   3.947   1.00 16.47  ? 166 MET A N   1 
ATOM   1059 C CA  . MET A 1 166 ? -6.193  0.365   4.141   1.00 17.60  ? 166 MET A CA  1 
ATOM   1060 C C   . MET A 1 166 ? -5.794  -0.191  2.745   1.00 18.58  ? 166 MET A C   1 
ATOM   1061 O O   . MET A 1 166 ? -6.624  -0.263  1.832   1.00 16.91  ? 166 MET A O   1 
ATOM   1062 C CB  . MET A 1 166 ? -7.233  -0.561  4.740   1.00 19.28  ? 166 MET A CB  1 
ATOM   1063 C CG  . MET A 1 166 ? -6.769  -1.956  5.150   1.00 20.35  ? 166 MET A CG  1 
ATOM   1064 S SD  . MET A 1 166 ? -6.214  -3.078  3.877   1.00 22.76  ? 166 MET A SD  1 
ATOM   1065 C CE  . MET A 1 166 ? -7.757  -3.493  3.093   1.00 23.17  ? 166 MET A CE  1 
ATOM   1066 N N   . VAL A 1 167 ? -4.534  -0.611  2.597   1.00 17.64  ? 167 VAL A N   1 
ATOM   1067 C CA  . VAL A 1 167 ? -4.028  -1.245  1.366   1.00 15.18  ? 167 VAL A CA  1 
ATOM   1068 C C   . VAL A 1 167 ? -3.478  -2.595  1.771   1.00 15.44  ? 167 VAL A C   1 
ATOM   1069 O O   . VAL A 1 167 ? -2.609  -2.679  2.648   1.00 15.36  ? 167 VAL A O   1 
ATOM   1070 C CB  . VAL A 1 167 ? -2.940  -0.409  0.693   1.00 14.80  ? 167 VAL A CB  1 
ATOM   1071 C CG1 . VAL A 1 167 ? -2.211  -1.168  -0.414  1.00 15.40  ? 167 VAL A CG1 1 
ATOM   1072 C CG2 . VAL A 1 167 ? -3.559  0.810   0.079   1.00 14.51  ? 167 VAL A CG2 1 
ATOM   1073 N N   . ARG A 1 168 ? -4.046  -3.641  1.190   1.00 15.55  ? 168 ARG A N   1 
ATOM   1074 C CA  . ARG A 1 168 ? -3.557  -5.004  1.346   1.00 15.09  ? 168 ARG A CA  1 
ATOM   1075 C C   . ARG A 1 168 ? -3.051  -5.445  -0.031  1.00 15.65  ? 168 ARG A C   1 
ATOM   1076 O O   . ARG A 1 168 ? -3.698  -5.211  -1.047  1.00 14.83  ? 168 ARG A O   1 
ATOM   1077 C CB  . ARG A 1 168 ? -4.629  -5.910  1.862   1.00 14.27  ? 168 ARG A CB  1 
ATOM   1078 C CG  . ARG A 1 168 ? -4.122  -7.290  2.204   1.00 14.24  ? 168 ARG A CG  1 
ATOM   1079 C CD  . ARG A 1 168 ? -5.197  -8.110  2.885   1.00 14.44  ? 168 ARG A CD  1 
ATOM   1080 N NE  . ARG A 1 168 ? -4.842  -9.520  3.024   1.00 15.71  ? 168 ARG A NE  1 
ATOM   1081 C CZ  . ARG A 1 168 ? -5.648  -10.441 3.544   1.00 18.13  ? 168 ARG A CZ  1 
ATOM   1082 N NH1 . ARG A 1 168 ? -5.290  -11.715 3.650   1.00 19.89  ? 168 ARG A NH1 1 
ATOM   1083 N NH2 . ARG A 1 168 ? -6.814  -10.085 4.038   1.00 19.81  ? 168 ARG A NH2 1 
ATOM   1084 N N   . PHE A 1 169 ? -1.861  -6.055  -0.090  1.00 16.82  ? 169 PHE A N   1 
ATOM   1085 C CA  . PHE A 1 169 ? -1.303  -6.470  -1.397  1.00 15.20  ? 169 PHE A CA  1 
ATOM   1086 C C   . PHE A 1 169 ? -0.722  -7.886  -1.302  1.00 15.72  ? 169 PHE A C   1 
ATOM   1087 O O   . PHE A 1 169 ? -0.100  -8.273  -0.285  1.00 14.83  ? 169 PHE A O   1 
ATOM   1088 C CB  . PHE A 1 169 ? -0.310  -5.434  -1.944  1.00 15.43  ? 169 PHE A CB  1 
ATOM   1089 C CG  . PHE A 1 169 ? 0.994   -5.373  -1.211  1.00 15.56  ? 169 PHE A CG  1 
ATOM   1090 C CD1 . PHE A 1 169 ? 2.085   -6.222  -1.574  1.00 17.14  ? 169 PHE A CD1 1 
ATOM   1091 C CD2 . PHE A 1 169 ? 1.179   -4.504  -0.145  1.00 16.29  ? 169 PHE A CD2 1 
ATOM   1092 C CE1 . PHE A 1 169 ? 3.279   -6.219  -0.860  1.00 15.86  ? 169 PHE A CE1 1 
ATOM   1093 C CE2 . PHE A 1 169 ? 2.378   -4.526  0.572   1.00 17.10  ? 169 PHE A CE2 1 
ATOM   1094 C CZ  . PHE A 1 169 ? 3.439   -5.357  0.191   1.00 15.76  ? 169 PHE A CZ  1 
ATOM   1095 N N   . TRP A 1 170 ? -0.872  -8.616  -2.398  1.00 15.41  ? 170 TRP A N   1 
ATOM   1096 C CA  . TRP A 1 170 ? -0.333  -9.975  -2.522  1.00 16.78  ? 170 TRP A CA  1 
ATOM   1097 C C   . TRP A 1 170 ? 0.743   -9.940  -3.620  1.00 16.14  ? 170 TRP A C   1 
ATOM   1098 O O   . TRP A 1 170 ? 0.418   -9.747  -4.792  1.00 15.74  ? 170 TRP A O   1 
ATOM   1099 C CB  . TRP A 1 170 ? -1.426  -10.946 -2.936  1.00 17.66  ? 170 TRP A CB  1 
ATOM   1100 C CG  . TRP A 1 170 ? -2.451  -11.232 -1.945  1.00 19.46  ? 170 TRP A CG  1 
ATOM   1101 C CD1 . TRP A 1 170 ? -2.584  -12.392 -1.257  1.00 20.19  ? 170 TRP A CD1 1 
ATOM   1102 C CD2 . TRP A 1 170 ? -3.572  -10.426 -1.591  1.00 21.74  ? 170 TRP A CD2 1 
ATOM   1103 N NE1 . TRP A 1 170 ? -3.656  -12.338 -0.448  1.00 22.12  ? 170 TRP A NE1 1 
ATOM   1104 C CE2 . TRP A 1 170 ? -4.305  -11.153 -0.627  1.00 21.68  ? 170 TRP A CE2 1 
ATOM   1105 C CE3 . TRP A 1 170 ? -4.029  -9.143  -1.967  1.00 20.67  ? 170 TRP A CE3 1 
ATOM   1106 C CZ2 . TRP A 1 170 ? -5.475  -10.663 -0.040  1.00 21.08  ? 170 TRP A CZ2 1 
ATOM   1107 C CZ3 . TRP A 1 170 ? -5.156  -8.646  -1.335  1.00 21.08  ? 170 TRP A CZ3 1 
ATOM   1108 C CH2 . TRP A 1 170 ? -5.868  -9.395  -0.390  1.00 20.62  ? 170 TRP A CH2 1 
ATOM   1109 N N   . PRO A 1 171 ? 2.028   -10.079 -3.260  1.00 18.33  ? 171 PRO A N   1 
ATOM   1110 C CA  . PRO A 1 171 ? 3.098   -9.854  -4.243  1.00 20.43  ? 171 PRO A CA  1 
ATOM   1111 C C   . PRO A 1 171 ? 3.112   -10.860 -5.357  1.00 21.66  ? 171 PRO A C   1 
ATOM   1112 O O   . PRO A 1 171 ? 2.922   -12.030 -5.092  1.00 21.91  ? 171 PRO A O   1 
ATOM   1113 C CB  . PRO A 1 171 ? 4.371   -10.003 -3.404  1.00 21.48  ? 171 PRO A CB  1 
ATOM   1114 C CG  . PRO A 1 171 ? 3.935   -10.763 -2.237  1.00 20.30  ? 171 PRO A CG  1 
ATOM   1115 C CD  . PRO A 1 171 ? 2.608   -10.231 -1.919  1.00 18.65  ? 171 PRO A CD  1 
ATOM   1116 N N   . SER A 1 172 ? 3.318   -10.416 -6.593  1.00 22.86  ? 172 SER A N   1 
ATOM   1117 C CA  . SER A 1 172 ? 3.342   -11.334 -7.746  1.00 24.69  ? 172 SER A CA  1 
ATOM   1118 C C   . SER A 1 172 ? 4.512   -12.318 -7.625  1.00 26.09  ? 172 SER A C   1 
ATOM   1119 O O   . SER A 1 172 ? 5.648   -11.874 -7.522  1.00 23.29  ? 172 SER A O   1 
ATOM   1120 C CB  . SER A 1 172 ? 3.536   -10.526 -9.010  1.00 24.52  ? 172 SER A CB  1 
ATOM   1121 O OG  . SER A 1 172 ? 3.883   -11.392 -10.080 1.00 27.83  ? 172 SER A OG  1 
ATOM   1122 N N   . LEU A 1 173 ? 4.258   -13.623 -7.695  1.00 30.71  ? 173 LEU A N   1 
ATOM   1123 C CA  . LEU A 1 173 ? 5.339   -14.622 -7.724  1.00 32.91  ? 173 LEU A CA  1 
ATOM   1124 C C   . LEU A 1 173 ? 5.900   -14.827 -9.131  1.00 30.00  ? 173 LEU A C   1 
ATOM   1125 O O   . LEU A 1 173 ? 6.768   -15.659 -9.360  1.00 32.74  ? 173 LEU A O   1 
ATOM   1126 C CB  . LEU A 1 173 ? 4.895   -15.945 -7.083  1.00 37.03  ? 173 LEU A CB  1 
ATOM   1127 C CG  . LEU A 1 173 ? 4.679   -15.945 -5.550  1.00 43.16  ? 173 LEU A CG  1 
ATOM   1128 C CD1 . LEU A 1 173 ? 4.824   -17.347 -4.958  1.00 48.41  ? 173 LEU A CD1 1 
ATOM   1129 C CD2 . LEU A 1 173 ? 5.599   -15.016 -4.774  1.00 46.00  ? 173 LEU A CD2 1 
ATOM   1130 N N   . GLU A 1 174 ? 5.424   -14.040 -10.063 1.00 28.44  ? 174 GLU A N   1 
ATOM   1131 C CA  . GLU A 1 174 ? 6.060   -13.934 -11.339 1.00 30.80  ? 174 GLU A CA  1 
ATOM   1132 C C   . GLU A 1 174 ? 7.228   -13.015 -11.204 1.00 30.51  ? 174 GLU A C   1 
ATOM   1133 O O   . GLU A 1 174 ? 8.288   -13.337 -11.711 1.00 29.50  ? 174 GLU A O   1 
ATOM   1134 C CB  . GLU A 1 174 ? 5.121   -13.380 -12.339 1.00 33.34  ? 174 GLU A CB  1 
ATOM   1135 C CG  . GLU A 1 174 ? 3.962   -14.306 -12.540 1.00 39.43  ? 174 GLU A CG  1 
ATOM   1136 C CD  . GLU A 1 174 ? 3.182   -13.837 -13.720 1.00 50.42  ? 174 GLU A CD  1 
ATOM   1137 O OE1 . GLU A 1 174 ? 3.795   -13.717 -14.813 1.00 59.53  ? 174 GLU A OE1 1 
ATOM   1138 O OE2 . GLU A 1 174 ? 1.986   -13.550 -13.562 1.00 52.53  ? 174 GLU A OE2 1 
ATOM   1139 N N   . THR A 1 175 ? 7.055   -11.921 -10.437 1.00 24.78  ? 175 THR A N   1 
ATOM   1140 C CA  . THR A 1 175 ? 8.138   -11.000 -10.151 1.00 22.18  ? 175 THR A CA  1 
ATOM   1141 C C   . THR A 1 175 ? 9.148   -11.502 -9.116  1.00 21.84  ? 175 THR A C   1 
ATOM   1142 O O   . THR A 1 175 ? 10.372  -11.413 -9.351  1.00 20.63  ? 175 THR A O   1 
ATOM   1143 C CB  . THR A 1 175 ? 7.564   -9.629  -9.747  1.00 22.53  ? 175 THR A CB  1 
ATOM   1144 O OG1 . THR A 1 175 ? 6.729   -9.165  -10.799 1.00 21.00  ? 175 THR A OG1 1 
ATOM   1145 C CG2 . THR A 1 175 ? 8.604   -8.630  -9.540  1.00 21.33  ? 175 THR A CG2 1 
ATOM   1146 N N   . PHE A 1 176 ? 8.681   -11.999 -7.987  1.00 20.82  ? 176 PHE A N   1 
ATOM   1147 C CA  . PHE A 1 176 ? 9.570   -12.314 -6.864  1.00 23.06  ? 176 PHE A CA  1 
ATOM   1148 C C   . PHE A 1 176 ? 9.896   -13.801 -6.753  1.00 23.20  ? 176 PHE A C   1 
ATOM   1149 O O   . PHE A 1 176 ? 9.002   -14.614 -6.853  1.00 25.70  ? 176 PHE A O   1 
ATOM   1150 C CB  . PHE A 1 176 ? 8.957   -11.788 -5.521  1.00 22.49  ? 176 PHE A CB  1 
ATOM   1151 C CG  . PHE A 1 176 ? 8.798   -10.299 -5.501  1.00 19.10  ? 176 PHE A CG  1 
ATOM   1152 C CD1 . PHE A 1 176 ? 9.878   -9.489  -5.219  1.00 18.19  ? 176 PHE A CD1 1 
ATOM   1153 C CD2 . PHE A 1 176 ? 7.632   -9.719  -5.916  1.00 19.36  ? 176 PHE A CD2 1 
ATOM   1154 C CE1 . PHE A 1 176 ? 9.785   -8.120  -5.260  1.00 16.86  ? 176 PHE A CE1 1 
ATOM   1155 C CE2 . PHE A 1 176 ? 7.499   -8.329  -5.941  1.00 17.30  ? 176 PHE A CE2 1 
ATOM   1156 C CZ  . PHE A 1 176 ? 8.559   -7.545  -5.591  1.00 16.49  ? 176 PHE A CZ  1 
ATOM   1157 N N   . THR A 1 177 ? 11.179  -14.135 -6.610  1.00 25.30  ? 177 THR A N   1 
ATOM   1158 C CA  . THR A 1 177 ? 11.585  -15.530 -6.463  1.00 29.18  ? 177 THR A CA  1 
ATOM   1159 C C   . THR A 1 177 ? 12.473  -15.654 -5.300  1.00 24.93  ? 177 THR A C   1 
ATOM   1160 O O   . THR A 1 177 ? 12.961  -14.668 -4.817  1.00 23.50  ? 177 THR A O   1 
ATOM   1161 C CB  . THR A 1 177 ? 12.379  -16.084 -7.683  1.00 35.75  ? 177 THR A CB  1 
ATOM   1162 O OG1 . THR A 1 177 ? 13.509  -15.244 -7.998  1.00 36.70  ? 177 THR A OG1 1 
ATOM   1163 C CG2 . THR A 1 177 ? 11.485  -16.195 -8.821  1.00 38.16  ? 177 THR A CG2 1 
ATOM   1164 N N   . ASN A 1 178 ? 12.691  -16.889 -4.879  1.00 26.32  ? 178 ASN A N   1 
ATOM   1165 C CA  . ASN A 1 178 ? 13.651  -17.214 -3.827  1.00 24.24  ? 178 ASN A CA  1 
ATOM   1166 C C   . ASN A 1 178 ? 13.092  -16.797 -2.466  1.00 26.98  ? 178 ASN A C   1 
ATOM   1167 O O   . ASN A 1 178 ? 12.546  -17.653 -1.772  1.00 28.23  ? 178 ASN A O   1 
ATOM   1168 C CB  . ASN A 1 178 ? 15.042  -16.649 -4.134  1.00 25.86  ? 178 ASN A CB  1 
ATOM   1169 C CG  . ASN A 1 178 ? 16.107  -17.165 -3.178  1.00 24.82  ? 178 ASN A CG  1 
ATOM   1170 O OD1 . ASN A 1 178 ? 16.064  -18.316 -2.796  1.00 30.45  ? 178 ASN A OD1 1 
ATOM   1171 N ND2 . ASN A 1 178 ? 17.036  -16.325 -2.799  1.00 22.44  ? 178 ASN A ND2 1 
ATOM   1172 N N   . VAL A 1 179 ? 13.247  -15.531 -2.075  1.00 27.62  ? 179 VAL A N   1 
ATOM   1173 C CA  . VAL A 1 179 ? 12.664  -14.988 -0.839  1.00 28.28  ? 179 VAL A CA  1 
ATOM   1174 C C   . VAL A 1 179 ? 11.326  -14.370 -1.178  1.00 27.60  ? 179 VAL A C   1 
ATOM   1175 O O   . VAL A 1 179 ? 11.246  -13.244 -1.707  1.00 27.07  ? 179 VAL A O   1 
ATOM   1176 C CB  . VAL A 1 179 ? 13.588  -13.966 -0.189  1.00 28.80  ? 179 VAL A CB  1 
ATOM   1177 C CG1 . VAL A 1 179 ? 12.983  -13.415 1.097   1.00 28.16  ? 179 VAL A CG1 1 
ATOM   1178 C CG2 . VAL A 1 179 ? 14.954  -14.621 0.080   1.00 29.51  ? 179 VAL A CG2 1 
ATOM   1179 N N   . THR A 1 180 ? 10.286  -15.168 -0.931  1.00 27.21  ? 180 THR A N   1 
ATOM   1180 C CA  . THR A 1 180 ? 8.924   -14.790 -1.184  1.00 26.96  ? 180 THR A CA  1 
ATOM   1181 C C   . THR A 1 180 ? 8.077   -14.623 0.046   1.00 25.42  ? 180 THR A C   1 
ATOM   1182 O O   . THR A 1 180 ? 6.922   -14.213 -0.064  1.00 21.93  ? 180 THR A O   1 
ATOM   1183 C CB  . THR A 1 180 ? 8.249   -15.863 -2.021  1.00 28.82  ? 180 THR A CB  1 
ATOM   1184 O OG1 . THR A 1 180 ? 8.331   -17.111 -1.329  1.00 30.33  ? 180 THR A OG1 1 
ATOM   1185 C CG2 . THR A 1 180 ? 8.915   -15.933 -3.420  1.00 29.98  ? 180 THR A CG2 1 
ATOM   1186 N N   . GLU A 1 181 ? 8.605   -14.994 1.193   1.00 24.04  ? 181 GLU A N   1 
ATOM   1187 C CA  . GLU A 1 181 ? 7.861   -14.869 2.437   1.00 29.91  ? 181 GLU A CA  1 
ATOM   1188 C C   . GLU A 1 181 ? 8.355   -13.666 3.227   1.00 27.94  ? 181 GLU A C   1 
ATOM   1189 O O   . GLU A 1 181 ? 9.546   -13.412 3.254   1.00 24.40  ? 181 GLU A O   1 
ATOM   1190 C CB  . GLU A 1 181 ? 8.019   -16.139 3.251   1.00 33.68  ? 181 GLU A CB  1 
ATOM   1191 C CG  . GLU A 1 181 ? 7.773   -17.366 2.399   1.00 40.64  ? 181 GLU A CG  1 
ATOM   1192 C CD  . GLU A 1 181 ? 6.720   -18.244 2.983   1.00 46.26  ? 181 GLU A CD  1 
ATOM   1193 O OE1 . GLU A 1 181 ? 7.026   -18.868 4.015   1.00 49.07  ? 181 GLU A OE1 1 
ATOM   1194 O OE2 . GLU A 1 181 ? 5.606   -18.292 2.402   1.00 54.77  ? 181 GLU A OE2 1 
ATOM   1195 N N   . PHE A 1 182 ? 7.420   -12.906 3.802   1.00 25.17  ? 182 PHE A N   1 
ATOM   1196 C CA  . PHE A 1 182 ? 7.784   -11.780 4.590   1.00 23.96  ? 182 PHE A CA  1 
ATOM   1197 C C   . PHE A 1 182 ? 8.415   -12.246 5.869   1.00 25.44  ? 182 PHE A C   1 
ATOM   1198 O O   . PHE A 1 182 ? 8.016   -13.264 6.443   1.00 23.89  ? 182 PHE A O   1 
ATOM   1199 C CB  . PHE A 1 182 ? 6.593   -10.880 4.858   1.00 23.07  ? 182 PHE A CB  1 
ATOM   1200 C CG  . PHE A 1 182 ? 6.092   -10.235 3.621   1.00 20.07  ? 182 PHE A CG  1 
ATOM   1201 C CD1 . PHE A 1 182 ? 6.762   -9.168  3.065   1.00 18.07  ? 182 PHE A CD1 1 
ATOM   1202 C CD2 . PHE A 1 182 ? 5.024   -10.788 2.928   1.00 19.94  ? 182 PHE A CD2 1 
ATOM   1203 C CE1 . PHE A 1 182 ? 6.313   -8.607  1.875   1.00 16.52  ? 182 PHE A CE1 1 
ATOM   1204 C CE2 . PHE A 1 182 ? 4.570   -10.227 1.732   1.00 18.51  ? 182 PHE A CE2 1 
ATOM   1205 C CZ  . PHE A 1 182 ? 5.239   -9.144  1.200   1.00 17.31  ? 182 PHE A CZ  1 
ATOM   1206 N N   . GLU A 1 183 ? 9.414   -11.493 6.287   1.00 23.32  ? 183 GLU A N   1 
ATOM   1207 C CA  . GLU A 1 183 ? 10.180  -11.829 7.426   1.00 27.33  ? 183 GLU A CA  1 
ATOM   1208 C C   . GLU A 1 183 ? 9.926   -10.731 8.494   1.00 25.35  ? 183 GLU A C   1 
ATOM   1209 O O   . GLU A 1 183 ? 10.148  -9.523  8.260   1.00 18.40  ? 183 GLU A O   1 
ATOM   1210 C CB  . GLU A 1 183 ? 11.619  -12.003 6.990   1.00 33.30  ? 183 GLU A CB  1 
ATOM   1211 C CG  . GLU A 1 183 ? 12.601  -11.933 8.123   1.00 40.57  ? 183 GLU A CG  1 
ATOM   1212 C CD  . GLU A 1 183 ? 13.831  -12.771 7.867   1.00 49.54  ? 183 GLU A CD  1 
ATOM   1213 O OE1 . GLU A 1 183 ? 14.170  -12.966 6.671   1.00 46.73  ? 183 GLU A OE1 1 
ATOM   1214 O OE2 . GLU A 1 183 ? 14.459  -13.204 8.877   1.00 49.86  ? 183 GLU A OE2 1 
ATOM   1215 N N   . TYR A 1 184 ? 9.402   -11.179 9.639   1.00 22.49  ? 184 TYR A N   1 
ATOM   1216 C CA  . TYR A 1 184 ? 8.951   -10.284 10.747  1.00 21.93  ? 184 TYR A CA  1 
ATOM   1217 C C   . TYR A 1 184 ? 10.016  -9.267  11.158  1.00 22.41  ? 184 TYR A C   1 
ATOM   1218 O O   . TYR A 1 184 ? 9.768   -8.079  11.185  1.00 19.31  ? 184 TYR A O   1 
ATOM   1219 C CB  . TYR A 1 184 ? 8.535   -11.121 11.984  1.00 20.92  ? 184 TYR A CB  1 
ATOM   1220 C CG  . TYR A 1 184 ? 7.882   -10.250 13.046  1.00 19.91  ? 184 TYR A CG  1 
ATOM   1221 C CD1 . TYR A 1 184 ? 8.644   -9.632  14.041  1.00 19.62  ? 184 TYR A CD1 1 
ATOM   1222 C CD2 . TYR A 1 184 ? 6.511   -9.985  13.009  1.00 21.43  ? 184 TYR A CD2 1 
ATOM   1223 C CE1 . TYR A 1 184 ? 8.060   -8.807  14.985  1.00 19.80  ? 184 TYR A CE1 1 
ATOM   1224 C CE2 . TYR A 1 184 ? 5.884   -9.200  13.995  1.00 21.40  ? 184 TYR A CE2 1 
ATOM   1225 C CZ  . TYR A 1 184 ? 6.676   -8.579  14.949  1.00 22.89  ? 184 TYR A CZ  1 
ATOM   1226 O OH  . TYR A 1 184 ? 6.066   -7.764  15.863  1.00 24.43  ? 184 TYR A OH  1 
ATOM   1227 N N   . GLU A 1 185 ? 11.212  -9.780  11.414  1.00 23.64  ? 185 GLU A N   1 
ATOM   1228 C CA  . GLU A 1 185 ? 12.337  -9.027  11.886  1.00 25.96  ? 185 GLU A CA  1 
ATOM   1229 C C   . GLU A 1 185 ? 12.730  -7.908  10.929  1.00 22.42  ? 185 GLU A C   1 
ATOM   1230 O O   . GLU A 1 185 ? 13.134  -6.847  11.375  1.00 18.81  ? 185 GLU A O   1 
ATOM   1231 C CB  . GLU A 1 185 ? 13.565  -9.913  12.070  1.00 31.45  ? 185 GLU A CB  1 
ATOM   1232 C CG  . GLU A 1 185 ? 13.383  -11.034 13.086  1.00 39.86  ? 185 GLU A CG  1 
ATOM   1233 C CD  . GLU A 1 185 ? 12.444  -12.166 12.645  1.00 45.64  ? 185 GLU A CD  1 
ATOM   1234 O OE1 . GLU A 1 185 ? 12.262  -12.456 11.425  1.00 46.29  ? 185 GLU A OE1 1 
ATOM   1235 O OE2 . GLU A 1 185 ? 11.843  -12.769 13.548  1.00 52.68  ? 185 GLU A OE2 1 
ATOM   1236 N N   . ILE A 1 186 ? 12.635  -8.171  9.621   1.00 20.16  ? 186 ILE A N   1 
ATOM   1237 C CA  . ILE A 1 186 ? 13.015  -7.182  8.633   1.00 20.63  ? 186 ILE A CA  1 
ATOM   1238 C C   . ILE A 1 186 ? 12.019  -6.046  8.670   1.00 19.18  ? 186 ILE A C   1 
ATOM   1239 O O   . ILE A 1 186 ? 12.388  -4.885  8.725   1.00 19.43  ? 186 ILE A O   1 
ATOM   1240 C CB  . ILE A 1 186 ? 13.139  -7.747  7.205   1.00 23.10  ? 186 ILE A CB  1 
ATOM   1241 C CG1 . ILE A 1 186 ? 14.299  -8.732  7.133   1.00 22.13  ? 186 ILE A CG1 1 
ATOM   1242 C CG2 . ILE A 1 186 ? 13.279  -6.590  6.179   1.00 24.91  ? 186 ILE A CG2 1 
ATOM   1243 C CD1 . ILE A 1 186 ? 14.508  -9.377  5.772   1.00 23.78  ? 186 ILE A CD1 1 
ATOM   1244 N N   . LEU A 1 187 ? 10.743  -6.382  8.670   1.00 19.69  ? 187 LEU A N   1 
ATOM   1245 C CA  . LEU A 1 187 ? 9.722   -5.349  8.856   1.00 19.30  ? 187 LEU A CA  1 
ATOM   1246 C C   . LEU A 1 187 ? 9.854   -4.633  10.201  1.00 18.79  ? 187 LEU A C   1 
ATOM   1247 O O   . LEU A 1 187 ? 9.700   -3.432  10.289  1.00 18.01  ? 187 LEU A O   1 
ATOM   1248 C CB  . LEU A 1 187 ? 8.328   -5.936  8.715   1.00 19.33  ? 187 LEU A CB  1 
ATOM   1249 C CG  . LEU A 1 187 ? 8.065   -6.638  7.376   1.00 20.53  ? 187 LEU A CG  1 
ATOM   1250 C CD1 . LEU A 1 187 ? 6.592   -7.038  7.307   1.00 23.79  ? 187 LEU A CD1 1 
ATOM   1251 C CD2 . LEU A 1 187 ? 8.376   -5.725  6.210   1.00 20.87  ? 187 LEU A CD2 1 
ATOM   1252 N N   . ALA A 1 188 ? 10.104  -5.376  11.259  1.00 19.23  ? 188 ALA A N   1 
ATOM   1253 C CA  . ALA A 1 188 ? 10.189  -4.747  12.590  1.00 18.89  ? 188 ALA A CA  1 
ATOM   1254 C C   . ALA A 1 188 ? 11.312  -3.700  12.636  1.00 19.39  ? 188 ALA A C   1 
ATOM   1255 O O   . ALA A 1 188 ? 11.093  -2.588  13.121  1.00 19.11  ? 188 ALA A O   1 
ATOM   1256 C CB  . ALA A 1 188 ? 10.395  -5.811  13.651  1.00 18.70  ? 188 ALA A CB  1 
ATOM   1257 N N   . LYS A 1 189 ? 12.503  -4.057  12.136  1.00 20.26  ? 189 LYS A N   1 
ATOM   1258 C CA  . LYS A 1 189 ? 13.678  -3.127  12.176  1.00 20.21  ? 189 LYS A CA  1 
ATOM   1259 C C   . LYS A 1 189 ? 13.335  -1.804  11.517  1.00 19.27  ? 189 LYS A C   1 
ATOM   1260 O O   . LYS A 1 189 ? 13.477  -0.733  12.127  1.00 18.08  ? 189 LYS A O   1 
ATOM   1261 C CB  . LYS A 1 189 ? 14.853  -3.764  11.508  1.00 20.20  ? 189 LYS A CB  1 
ATOM   1262 C CG  . LYS A 1 189 ? 16.022  -2.842  11.275  1.00 21.10  ? 189 LYS A CG  1 
ATOM   1263 C CD  . LYS A 1 189 ? 17.263  -3.578  10.881  1.00 22.25  ? 189 LYS A CD  1 
ATOM   1264 C CE  . LYS A 1 189 ? 18.490  -2.653  10.874  1.00 23.91  ? 189 LYS A CE  1 
ATOM   1265 N NZ  . LYS A 1 189 ? 18.529  -1.728  9.717   1.00 26.11  ? 189 LYS A NZ  1 
ATOM   1266 N N   . ARG A 1 190 ? 12.814  -1.880  10.282  1.00 20.33  ? 190 ARG A N   1 
ATOM   1267 C CA  . ARG A 1 190 ? 12.512  -0.665  9.531   1.00 20.84  ? 190 ARG A CA  1 
ATOM   1268 C C   . ARG A 1 190 ? 11.388  0.132   10.146  1.00 20.64  ? 190 ARG A C   1 
ATOM   1269 O O   . ARG A 1 190 ? 11.446  1.366   10.173  1.00 20.65  ? 190 ARG A O   1 
ATOM   1270 C CB  . ARG A 1 190 ? 12.229  -0.977  8.053   1.00 21.84  ? 190 ARG A CB  1 
ATOM   1271 C CG  . ARG A 1 190 ? 11.921  0.239   7.169   1.00 21.98  ? 190 ARG A CG  1 
ATOM   1272 C CD  . ARG A 1 190 ? 13.151  1.128   7.030   1.00 24.42  ? 190 ARG A CD  1 
ATOM   1273 N NE  . ARG A 1 190 ? 12.870  2.428   6.424   1.00 26.91  ? 190 ARG A NE  1 
ATOM   1274 C CZ  . ARG A 1 190 ? 13.643  3.511   6.552   1.00 28.47  ? 190 ARG A CZ  1 
ATOM   1275 N NH1 . ARG A 1 190 ? 14.749  3.486   7.303   1.00 27.58  ? 190 ARG A NH1 1 
ATOM   1276 N NH2 . ARG A 1 190 ? 13.314  4.634   5.927   1.00 27.42  ? 190 ARG A NH2 1 
ATOM   1277 N N   . LEU A 1 191 ? 10.325  -0.552  10.613  1.00 20.13  ? 191 LEU A N   1 
ATOM   1278 C CA  . LEU A 1 191 ? 9.189   0.193   11.210  1.00 18.63  ? 191 LEU A CA  1 
ATOM   1279 C C   . LEU A 1 191 ? 9.629   0.921   12.498  1.00 20.47  ? 191 LEU A C   1 
ATOM   1280 O O   . LEU A 1 191 ? 9.192   2.056   12.789  1.00 16.39  ? 191 LEU A O   1 
ATOM   1281 C CB  . LEU A 1 191 ? 7.998   -0.760  11.525  1.00 19.44  ? 191 LEU A CB  1 
ATOM   1282 C CG  . LEU A 1 191 ? 7.317   -1.349  10.279  1.00 20.15  ? 191 LEU A CG  1 
ATOM   1283 C CD1 . LEU A 1 191 ? 6.176   -2.304  10.636  1.00 19.93  ? 191 LEU A CD1 1 
ATOM   1284 C CD2 . LEU A 1 191 ? 6.824   -0.201  9.391   1.00 18.15  ? 191 LEU A CD2 1 
ATOM   1285 N N   . ARG A 1 192 ? 10.474  0.239   13.296  1.00 19.12  ? 192 ARG A N   1 
ATOM   1286 C CA  . ARG A 1 192 ? 11.072  0.875   14.466  1.00 18.71  ? 192 ARG A CA  1 
ATOM   1287 C C   . ARG A 1 192 ? 11.898  2.100   14.067  1.00 18.72  ? 192 ARG A C   1 
ATOM   1288 O O   . ARG A 1 192 ? 11.853  3.135   14.753  1.00 19.74  ? 192 ARG A O   1 
ATOM   1289 C CB  . ARG A 1 192 ? 11.938  -0.120  15.222  1.00 19.64  ? 192 ARG A CB  1 
ATOM   1290 C CG  . ARG A 1 192 ? 12.340  0.360   16.591  1.00 22.46  ? 192 ARG A CG  1 
ATOM   1291 C CD  . ARG A 1 192 ? 13.340  -0.571  17.281  1.00 23.16  ? 192 ARG A CD  1 
ATOM   1292 N NE  . ARG A 1 192 ? 12.761  -1.903  17.543  1.00 23.58  ? 192 ARG A NE  1 
ATOM   1293 C CZ  . ARG A 1 192 ? 13.054  -3.024  16.875  1.00 27.35  ? 192 ARG A CZ  1 
ATOM   1294 N NH1 . ARG A 1 192 ? 13.903  -3.025  15.854  1.00 30.01  ? 192 ARG A NH1 1 
ATOM   1295 N NH2 . ARG A 1 192 ? 12.465  -4.170  17.211  1.00 27.44  ? 192 ARG A NH2 1 
ATOM   1296 N N   . GLU A 1 193 ? 12.651  1.983   12.970  1.00 17.73  ? 193 GLU A N   1 
ATOM   1297 C CA  . GLU A 1 193 ? 13.434  3.128   12.452  1.00 18.79  ? 193 GLU A CA  1 
ATOM   1298 C C   . GLU A 1 193 ? 12.533  4.270   12.065  1.00 19.83  ? 193 GLU A C   1 
ATOM   1299 O O   . GLU A 1 193 ? 12.768  5.436   12.402  1.00 19.26  ? 193 GLU A O   1 
ATOM   1300 C CB  . GLU A 1 193 ? 14.307  2.727   11.259  1.00 17.86  ? 193 GLU A CB  1 
ATOM   1301 C CG  . GLU A 1 193 ? 15.486  1.874   11.644  1.00 17.85  ? 193 GLU A CG  1 
ATOM   1302 C CD  . GLU A 1 193 ? 16.141  1.146   10.459  1.00 17.31  ? 193 GLU A CD  1 
ATOM   1303 O OE1 . GLU A 1 193 ? 17.171  0.560   10.656  1.00 20.44  ? 193 GLU A OE1 1 
ATOM   1304 O OE2 . GLU A 1 193 ? 15.658  1.120   9.328   1.00 19.50  ? 193 GLU A OE2 1 
ATOM   1305 N N   . LEU A 1 194 ? 11.476  3.915   11.353  1.00 20.52  ? 194 LEU A N   1 
ATOM   1306 C CA  . LEU A 1 194 ? 10.548  4.922   10.895  1.00 21.38  ? 194 LEU A CA  1 
ATOM   1307 C C   . LEU A 1 194 ? 9.842   5.693   12.033  1.00 21.24  ? 194 LEU A C   1 
ATOM   1308 O O   . LEU A 1 194 ? 9.601   6.925   11.940  1.00 19.91  ? 194 LEU A O   1 
ATOM   1309 C CB  . LEU A 1 194 ? 9.560   4.284   9.956   1.00 21.14  ? 194 LEU A CB  1 
ATOM   1310 C CG  . LEU A 1 194 ? 10.087  4.041   8.542   1.00 23.63  ? 194 LEU A CG  1 
ATOM   1311 C CD1 . LEU A 1 194 ? 9.105   3.165   7.768   1.00 23.56  ? 194 LEU A CD1 1 
ATOM   1312 C CD2 . LEU A 1 194 ? 10.298  5.340   7.770   1.00 21.83  ? 194 LEU A CD2 1 
ATOM   1313 N N   . SER A 1 195 ? 9.528   4.981   13.097  1.00 22.63  ? 195 SER A N   1 
ATOM   1314 C CA  . SER A 1 195 ? 8.906   5.609   14.282  1.00 24.67  ? 195 SER A CA  1 
ATOM   1315 C C   . SER A 1 195 ? 9.873   6.545   15.003  1.00 23.36  ? 195 SER A C   1 
ATOM   1316 O O   . SER A 1 195 ? 9.484   7.601   15.500  1.00 26.79  ? 195 SER A O   1 
ATOM   1317 C CB  . SER A 1 195 ? 8.274   4.589   15.207  1.00 24.73  ? 195 SER A CB  1 
ATOM   1318 O OG  . SER A 1 195 ? 9.258   3.882   15.930  1.00 24.40  ? 195 SER A OG  1 
ATOM   1319 N N   . PHE A 1 196 ? 11.135  6.166   14.999  1.00 24.56  ? 196 PHE A N   1 
ATOM   1320 C CA  . PHE A 1 196 ? 12.221  7.014   15.472  1.00 25.15  ? 196 PHE A CA  1 
ATOM   1321 C C   . PHE A 1 196 ? 12.383  8.297   14.645  1.00 25.15  ? 196 PHE A C   1 
ATOM   1322 O O   . PHE A 1 196 ? 12.572  9.402   15.177  1.00 24.18  ? 196 PHE A O   1 
ATOM   1323 C CB  . PHE A 1 196 ? 13.536  6.230   15.418  1.00 27.15  ? 196 PHE A CB  1 
ATOM   1324 C CG  . PHE A 1 196 ? 14.734  7.020   15.826  1.00 27.09  ? 196 PHE A CG  1 
ATOM   1325 C CD1 . PHE A 1 196 ? 15.023  7.209   17.160  1.00 33.65  ? 196 PHE A CD1 1 
ATOM   1326 C CD2 . PHE A 1 196 ? 15.610  7.549   14.882  1.00 30.35  ? 196 PHE A CD2 1 
ATOM   1327 C CE1 . PHE A 1 196 ? 16.151  7.962   17.549  1.00 35.88  ? 196 PHE A CE1 1 
ATOM   1328 C CE2 . PHE A 1 196 ? 16.750  8.266   15.256  1.00 31.18  ? 196 PHE A CE2 1 
ATOM   1329 C CZ  . PHE A 1 196 ? 17.014  8.488   16.597  1.00 33.52  ? 196 PHE A CZ  1 
ATOM   1330 N N   . LEU A 1 197 ? 12.312  8.157   13.339  1.00 24.95  ? 197 LEU A N   1 
ATOM   1331 C CA  . LEU A 1 197 ? 12.503  9.289   12.459  1.00 26.53  ? 197 LEU A CA  1 
ATOM   1332 C C   . LEU A 1 197 ? 11.304  10.210  12.483  1.00 28.79  ? 197 LEU A C   1 
ATOM   1333 O O   . LEU A 1 197 ? 11.439  11.372  12.155  1.00 28.94  ? 197 LEU A O   1 
ATOM   1334 C CB  . LEU A 1 197 ? 12.734  8.816   11.016  1.00 26.82  ? 197 LEU A CB  1 
ATOM   1335 C CG  . LEU A 1 197 ? 14.103  8.225   10.724  1.00 28.00  ? 197 LEU A CG  1 
ATOM   1336 C CD1 . LEU A 1 197 ? 14.151  7.600   9.326   1.00 27.15  ? 197 LEU A CD1 1 
ATOM   1337 C CD2 . LEU A 1 197 ? 15.157  9.320   10.844  1.00 28.03  ? 197 LEU A CD2 1 
ATOM   1338 N N   . ASN A 1 198 ? 10.132  9.672   12.823  1.00 28.32  ? 198 ASN A N   1 
ATOM   1339 C CA  . ASN A 1 198 ? 8.883   10.409  12.688  1.00 30.05  ? 198 ASN A CA  1 
ATOM   1340 C C   . ASN A 1 198 ? 8.243   10.439  14.038  1.00 30.33  ? 198 ASN A C   1 
ATOM   1341 O O   . ASN A 1 198 ? 7.218   9.843   14.266  1.00 28.61  ? 198 ASN A O   1 
ATOM   1342 C CB  . ASN A 1 198 ? 7.976   9.752   11.639  1.00 31.70  ? 198 ASN A CB  1 
ATOM   1343 C CG  . ASN A 1 198 ? 8.599   9.737   10.268  1.00 32.99  ? 198 ASN A CG  1 
ATOM   1344 O OD1 . ASN A 1 198 ? 8.552   10.740  9.580   1.00 38.13  ? 198 ASN A OD1 1 
ATOM   1345 N ND2 . ASN A 1 198 ? 9.183   8.603   9.857   1.00 34.17  ? 198 ASN A ND2 1 
ATOM   1346 N N   . SER A 1 199 ? 8.887   11.125  14.975  1.00 34.40  ? 199 SER A N   1 
ATOM   1347 C CA  . SER A 1 199 ? 8.426   11.123  16.352  1.00 36.98  ? 199 SER A CA  1 
ATOM   1348 C C   . SER A 1 199 ? 6.953   11.521  16.454  1.00 38.49  ? 199 SER A C   1 
ATOM   1349 O O   . SER A 1 199 ? 6.519   12.451  15.795  1.00 41.72  ? 199 SER A O   1 
ATOM   1350 C CB  . SER A 1 199 ? 9.247   12.089  17.210  1.00 42.87  ? 199 SER A CB  1 
ATOM   1351 O OG  . SER A 1 199 ? 8.847   11.912  18.556  1.00 47.38  ? 199 SER A OG  1 
ATOM   1352 N N   . GLY A 1 200 ? 6.185   10.785  17.240  1.00 34.50  ? 200 GLY A N   1 
ATOM   1353 C CA  . GLY A 1 200 ? 4.769   11.006  17.272  1.00 35.94  ? 200 GLY A CA  1 
ATOM   1354 C C   . GLY A 1 200 ? 3.957   9.932   16.585  1.00 33.48  ? 200 GLY A C   1 
ATOM   1355 O O   . GLY A 1 200 ? 2.957   9.497   17.143  1.00 33.62  ? 200 GLY A O   1 
ATOM   1356 N N   . VAL A 1 201 ? 4.391   9.469   15.417  1.00 31.08  ? 201 VAL A N   1 
ATOM   1357 C CA  . VAL A 1 201 ? 3.660   8.384   14.741  1.00 30.80  ? 201 VAL A CA  1 
ATOM   1358 C C   . VAL A 1 201 ? 3.746   7.069   15.555  1.00 28.14  ? 201 VAL A C   1 
ATOM   1359 O O   . VAL A 1 201 ? 4.764   6.752   16.190  1.00 27.96  ? 201 VAL A O   1 
ATOM   1360 C CB  . VAL A 1 201 ? 4.126   8.192   13.304  1.00 35.73  ? 201 VAL A CB  1 
ATOM   1361 C CG1 . VAL A 1 201 ? 4.248   9.543   12.604  1.00 36.40  ? 201 VAL A CG1 1 
ATOM   1362 C CG2 . VAL A 1 201 ? 5.436   7.426   13.241  1.00 40.62  ? 201 VAL A CG2 1 
ATOM   1363 N N   . SER A 1 202 ? 2.636   6.360   15.598  1.00 26.29  ? 202 SER A N   1 
ATOM   1364 C CA  . SER A 1 202 ? 2.518   5.123   16.386  1.00 25.52  ? 202 SER A CA  1 
ATOM   1365 C C   . SER A 1 202 ? 2.272   3.989   15.386  1.00 25.00  ? 202 SER A C   1 
ATOM   1366 O O   . SER A 1 202 ? 1.336   4.048   14.580  1.00 19.99  ? 202 SER A O   1 
ATOM   1367 C CB  . SER A 1 202 ? 1.350   5.216   17.394  1.00 26.40  ? 202 SER A CB  1 
ATOM   1368 O OG  . SER A 1 202 ? 1.094   3.940   17.959  1.00 24.57  ? 202 SER A OG  1 
ATOM   1369 N N   . ILE A 1 203 ? 3.139   2.982   15.416  1.00 22.90  ? 203 ILE A N   1 
ATOM   1370 C CA  . ILE A 1 203 ? 3.070   1.915   14.476  1.00 21.44  ? 203 ILE A CA  1 
ATOM   1371 C C   . ILE A 1 203 ? 2.923   0.571   15.193  1.00 23.48  ? 203 ILE A C   1 
ATOM   1372 O O   . ILE A 1 203 ? 3.693   0.219   16.116  1.00 24.63  ? 203 ILE A O   1 
ATOM   1373 C CB  . ILE A 1 203 ? 4.294   1.895   13.566  1.00 21.69  ? 203 ILE A CB  1 
ATOM   1374 C CG1 . ILE A 1 203 ? 4.441   3.241   12.839  1.00 21.75  ? 203 ILE A CG1 1 
ATOM   1375 C CG2 . ILE A 1 203 ? 4.173   0.757   12.537  1.00 22.35  ? 203 ILE A CG2 1 
ATOM   1376 C CD1 . ILE A 1 203 ? 5.630   3.337   11.896  1.00 22.46  ? 203 ILE A CD1 1 
ATOM   1377 N N   . ARG A 1 204 ? 1.921   -0.168  14.772  1.00 20.67  ? 204 ARG A N   1 
ATOM   1378 C CA  . ARG A 1 204 ? 1.709   -1.509  15.215  1.00 20.34  ? 204 ARG A CA  1 
ATOM   1379 C C   . ARG A 1 204 ? 2.139   -2.456  14.066  1.00 20.04  ? 204 ARG A C   1 
ATOM   1380 O O   . ARG A 1 204 ? 1.846   -2.216  12.906  1.00 21.47  ? 204 ARG A O   1 
ATOM   1381 C CB  . ARG A 1 204 ? 0.217   -1.698  15.523  1.00 21.07  ? 204 ARG A CB  1 
ATOM   1382 C CG  . ARG A 1 204 ? -0.226  -3.158  15.823  1.00 23.82  ? 204 ARG A CG  1 
ATOM   1383 C CD  . ARG A 1 204 ? 0.142   -3.558  17.259  1.00 25.82  ? 204 ARG A CD  1 
ATOM   1384 N NE  . ARG A 1 204 ? -0.657  -2.802  18.189  1.00 26.98  ? 204 ARG A NE  1 
ATOM   1385 C CZ  . ARG A 1 204 ? -0.568  -2.824  19.508  1.00 29.76  ? 204 ARG A CZ  1 
ATOM   1386 N NH1 . ARG A 1 204 ? -1.429  -2.076  20.211  1.00 28.25  ? 204 ARG A NH1 1 
ATOM   1387 N NH2 . ARG A 1 204 ? 0.333   -3.575  20.131  1.00 33.73  ? 204 ARG A NH2 1 
ATOM   1388 N N   . LEU A 1 205 ? 2.814   -3.527  14.417  1.00 18.20  ? 205 LEU A N   1 
ATOM   1389 C CA  . LEU A 1 205 ? 3.100   -4.591  13.515  1.00 18.33  ? 205 LEU A CA  1 
ATOM   1390 C C   . LEU A 1 205 ? 2.529   -5.839  14.155  1.00 18.24  ? 205 LEU A C   1 
ATOM   1391 O O   . LEU A 1 205 ? 2.751   -6.090  15.336  1.00 17.03  ? 205 LEU A O   1 
ATOM   1392 C CB  . LEU A 1 205 ? 4.587   -4.781  13.322  1.00 18.81  ? 205 LEU A CB  1 
ATOM   1393 C CG  . LEU A 1 205 ? 5.182   -5.959  12.573  1.00 19.40  ? 205 LEU A CG  1 
ATOM   1394 C CD1 . LEU A 1 205 ? 4.712   -5.929  11.126  1.00 19.41  ? 205 LEU A CD1 1 
ATOM   1395 C CD2 . LEU A 1 205 ? 6.714   -5.898  12.634  1.00 21.70  ? 205 LEU A CD2 1 
ATOM   1396 N N   . ARG A 1 206 ? 1.820   -6.610  13.364  1.00 17.29  ? 206 ARG A N   1 
ATOM   1397 C CA  . ARG A 1 206 ? 1.228   -7.853  13.831  1.00 18.54  ? 206 ARG A CA  1 
ATOM   1398 C C   . ARG A 1 206 ? 1.398   -8.932  12.800  1.00 18.77  ? 206 ARG A C   1 
ATOM   1399 O O   . ARG A 1 206 ? 1.151   -8.738  11.597  1.00 15.71  ? 206 ARG A O   1 
ATOM   1400 C CB  . ARG A 1 206 ? -0.270  -7.657  14.145  1.00 18.73  ? 206 ARG A CB  1 
ATOM   1401 C CG  . ARG A 1 206 ? -0.938  -8.905  14.793  1.00 21.72  ? 206 ARG A CG  1 
ATOM   1402 C CD  . ARG A 1 206 ? -2.367  -8.664  15.319  1.00 21.70  ? 206 ARG A CD  1 
ATOM   1403 N NE  . ARG A 1 206 ? -2.434  -7.651  16.382  1.00 22.87  ? 206 ARG A NE  1 
ATOM   1404 C CZ  . ARG A 1 206 ? -2.786  -6.349  16.255  1.00 23.90  ? 206 ARG A CZ  1 
ATOM   1405 N NH1 . ARG A 1 206 ? -2.803  -5.583  17.369  1.00 24.87  ? 206 ARG A NH1 1 
ATOM   1406 N NH2 . ARG A 1 206 ? -3.138  -5.786  15.080  1.00 21.45  ? 206 ARG A NH2 1 
ATOM   1407 N N   . ASP A 1 207 ? 1.791   -10.100 13.285  1.00 19.86  ? 207 ASP A N   1 
ATOM   1408 C CA  . ASP A 1 207 ? 1.992   -11.233 12.420  1.00 19.82  ? 207 ASP A CA  1 
ATOM   1409 C C   . ASP A 1 207 ? 0.891   -12.224 12.682  1.00 21.92  ? 207 ASP A C   1 
ATOM   1410 O O   . ASP A 1 207 ? 0.917   -12.867 13.741  1.00 22.41  ? 207 ASP A O   1 
ATOM   1411 C CB  . ASP A 1 207 ? 3.332   -11.884 12.742  1.00 21.41  ? 207 ASP A CB  1 
ATOM   1412 C CG  . ASP A 1 207 ? 3.803   -12.891 11.666  1.00 21.94  ? 207 ASP A CG  1 
ATOM   1413 O OD1 . ASP A 1 207 ? 2.984   -13.536 10.946  1.00 22.85  ? 207 ASP A OD1 1 
ATOM   1414 O OD2 . ASP A 1 207 ? 5.029   -13.073 11.585  1.00 22.45  ? 207 ASP A OD2 1 
ATOM   1415 N N   . LYS A 1 208 ? -0.023  -12.392 11.711  1.00 20.51  ? 208 LYS A N   1 
ATOM   1416 C CA  . LYS A 1 208 ? -1.134  -13.346 11.867  1.00 21.75  ? 208 LYS A CA  1 
ATOM   1417 C C   . LYS A 1 208 ? -0.668  -14.778 11.820  1.00 21.94  ? 208 LYS A C   1 
ATOM   1418 O O   . LYS A 1 208 ? -1.425  -15.649 12.176  1.00 21.63  ? 208 LYS A O   1 
ATOM   1419 C CB  . LYS A 1 208 ? -2.234  -13.203 10.785  1.00 22.29  ? 208 LYS A CB  1 
ATOM   1420 C CG  . LYS A 1 208 ? -2.852  -11.846 10.566  1.00 24.07  ? 208 LYS A CG  1 
ATOM   1421 C CD  . LYS A 1 208 ? -3.453  -11.289 11.790  1.00 26.73  ? 208 LYS A CD  1 
ATOM   1422 C CE  . LYS A 1 208 ? -4.653  -12.101 12.227  1.00 26.31  ? 208 LYS A CE  1 
ATOM   1423 N NZ  . LYS A 1 208 ? -5.034  -11.571 13.542  1.00 28.49  ? 208 LYS A NZ  1 
ATOM   1424 N N   . ARG A 1 209 ? 0.529   -15.053 11.332  1.00 22.91  ? 209 ARG A N   1 
ATOM   1425 C CA  . ARG A 1 209 ? 0.982   -16.417 11.198  1.00 24.27  ? 209 ARG A CA  1 
ATOM   1426 C C   . ARG A 1 209 ? 1.264   -17.043 12.580  1.00 26.11  ? 209 ARG A C   1 
ATOM   1427 O O   . ARG A 1 209 ? 1.101   -18.251 12.734  1.00 27.05  ? 209 ARG A O   1 
ATOM   1428 C CB  . ARG A 1 209 ? 2.233   -16.518 10.304  1.00 24.86  ? 209 ARG A CB  1 
ATOM   1429 C CG  . ARG A 1 209 ? 1.995   -16.053 8.866   1.00 25.58  ? 209 ARG A CG  1 
ATOM   1430 C CD  . ARG A 1 209 ? 3.275   -15.805 8.056   1.00 27.38  ? 209 ARG A CD  1 
ATOM   1431 N NE  . ARG A 1 209 ? 4.175   -14.910 8.750   1.00 30.00  ? 209 ARG A NE  1 
ATOM   1432 C CZ  . ARG A 1 209 ? 5.321   -14.410 8.275   1.00 31.46  ? 209 ARG A CZ  1 
ATOM   1433 N NH1 . ARG A 1 209 ? 6.040   -13.599 9.046   1.00 29.60  ? 209 ARG A NH1 1 
ATOM   1434 N NH2 . ARG A 1 209 ? 5.763   -14.689 7.049   1.00 31.25  ? 209 ARG A NH2 1 
ATOM   1435 N N   . ASP A 1 210 ? 1.656   -16.227 13.574  1.00 24.60  ? 210 ASP A N   1 
ATOM   1436 C CA  . ASP A 1 210 ? 1.953   -16.714 14.906  1.00 22.50  ? 210 ASP A CA  1 
ATOM   1437 C C   . ASP A 1 210 ? 1.544   -15.789 16.083  1.00 22.41  ? 210 ASP A C   1 
ATOM   1438 O O   . ASP A 1 210 ? 1.916   -16.082 17.208  1.00 19.88  ? 210 ASP A O   1 
ATOM   1439 C CB  . ASP A 1 210 ? 3.422   -16.967 15.007  1.00 22.58  ? 210 ASP A CB  1 
ATOM   1440 C CG  . ASP A 1 210 ? 4.233   -15.699 15.026  1.00 25.15  ? 210 ASP A CG  1 
ATOM   1441 O OD1 . ASP A 1 210 ? 3.736   -14.591 14.601  1.00 24.43  ? 210 ASP A OD1 1 
ATOM   1442 O OD2 . ASP A 1 210 ? 5.394   -15.856 15.424  1.00 26.75  ? 210 ASP A OD2 1 
ATOM   1443 N N   . GLY A 1 211 ? 0.791   -14.707 15.812  1.00 20.25  ? 211 GLY A N   1 
ATOM   1444 C CA  . GLY A 1 211 ? 0.362   -13.800 16.823  1.00 19.63  ? 211 GLY A CA  1 
ATOM   1445 C C   . GLY A 1 211 ? 1.374   -12.813 17.349  1.00 19.09  ? 211 GLY A C   1 
ATOM   1446 O O   . GLY A 1 211 ? 1.072   -12.031 18.221  1.00 17.75  ? 211 GLY A O   1 
ATOM   1447 N N   . LYS A 1 212 ? 2.574   -12.821 16.826  1.00 19.67  ? 212 LYS A N   1 
ATOM   1448 C CA  . LYS A 1 212 ? 3.593   -11.904 17.294  1.00 22.30  ? 212 LYS A CA  1 
ATOM   1449 C C   . LYS A 1 212 ? 3.185   -10.484 17.003  1.00 21.09  ? 212 LYS A C   1 
ATOM   1450 O O   . LYS A 1 212 ? 2.566   -10.207 15.979  1.00 20.72  ? 212 LYS A O   1 
ATOM   1451 C CB  . LYS A 1 212 ? 4.931   -12.242 16.636  1.00 26.28  ? 212 LYS A CB  1 
ATOM   1452 C CG  . LYS A 1 212 ? 6.111   -11.684 17.371  1.00 31.18  ? 212 LYS A CG  1 
ATOM   1453 C CD  . LYS A 1 212 ? 7.409   -12.346 16.940  1.00 35.96  ? 212 LYS A CD  1 
ATOM   1454 C CE  . LYS A 1 212 ? 8.463   -12.233 18.060  1.00 39.55  ? 212 LYS A CE  1 
ATOM   1455 N NZ  . LYS A 1 212 ? 8.821   -10.829 18.392  1.00 37.47  ? 212 LYS A NZ  1 
ATOM   1456 N N   . GLU A 1 213 ? 3.475   -9.569  17.929  1.00 22.77  ? 213 GLU A N   1 
ATOM   1457 C CA  . GLU A 1 213 ? 3.198   -8.157  17.650  1.00 19.81  ? 213 GLU A CA  1 
ATOM   1458 C C   . GLU A 1 213 ? 4.094   -7.209  18.404  1.00 19.90  ? 213 GLU A C   1 
ATOM   1459 O O   . GLU A 1 213 ? 4.767   -7.610  19.361  1.00 18.58  ? 213 GLU A O   1 
ATOM   1460 C CB  . GLU A 1 213 ? 1.723   -7.829  17.847  1.00 21.38  ? 213 GLU A CB  1 
ATOM   1461 C CG  . GLU A 1 213 ? 1.225   -7.824  19.256  1.00 24.12  ? 213 GLU A CG  1 
ATOM   1462 C CD  . GLU A 1 213 ? -0.239  -7.432  19.374  1.00 25.41  ? 213 GLU A CD  1 
ATOM   1463 O OE1 . GLU A 1 213 ? -1.127  -8.278  19.112  1.00 22.92  ? 213 GLU A OE1 1 
ATOM   1464 O OE2 . GLU A 1 213 ? -0.487  -6.303  19.851  1.00 24.51  ? 213 GLU A OE2 1 
ATOM   1465 N N   . ASP A 1 214 ? 4.173   -5.988  17.893  1.00 17.07  ? 214 ASP A N   1 
ATOM   1466 C CA  . ASP A 1 214 ? 5.050   -4.960  18.403  1.00 19.02  ? 214 ASP A CA  1 
ATOM   1467 C C   . ASP A 1 214 ? 4.360   -3.652  18.191  1.00 18.79  ? 214 ASP A C   1 
ATOM   1468 O O   . ASP A 1 214 ? 3.470   -3.563  17.387  1.00 17.17  ? 214 ASP A O   1 
ATOM   1469 C CB  . ASP A 1 214 ? 6.378   -4.922  17.639  1.00 21.43  ? 214 ASP A CB  1 
ATOM   1470 C CG  . ASP A 1 214 ? 7.431   -5.790  18.276  1.00 26.71  ? 214 ASP A CG  1 
ATOM   1471 O OD1 . ASP A 1 214 ? 7.926   -5.329  19.373  1.00 26.09  ? 214 ASP A OD1 1 
ATOM   1472 O OD2 . ASP A 1 214 ? 7.682   -6.928  17.722  1.00 22.70  ? 214 ASP A OD2 1 
ATOM   1473 N N   . HIS A 1 215 ? 4.741   -2.676  18.994  1.00 20.33  ? 215 HIS A N   1 
ATOM   1474 C CA  . HIS A 1 215 ? 4.221   -1.337  18.937  1.00 21.62  ? 215 HIS A CA  1 
ATOM   1475 C C   . HIS A 1 215 ? 5.395   -0.407  18.955  1.00 21.62  ? 215 HIS A C   1 
ATOM   1476 O O   . HIS A 1 215 ? 6.178   -0.450  19.895  1.00 22.49  ? 215 HIS A O   1 
ATOM   1477 C CB  . HIS A 1 215 ? 3.331   -1.057  20.164  1.00 23.13  ? 215 HIS A CB  1 
ATOM   1478 C CG  . HIS A 1 215 ? 2.835   0.353   20.240  1.00 23.42  ? 215 HIS A CG  1 
ATOM   1479 N ND1 . HIS A 1 215 ? 2.525   0.973   21.429  1.00 26.54  ? 215 HIS A ND1 1 
ATOM   1480 C CD2 . HIS A 1 215 ? 2.658   1.290   19.273  1.00 25.12  ? 215 HIS A CD2 1 
ATOM   1481 C CE1 . HIS A 1 215 ? 2.167   2.225   21.191  1.00 27.49  ? 215 HIS A CE1 1 
ATOM   1482 N NE2 . HIS A 1 215 ? 2.214   2.432   19.881  1.00 25.32  ? 215 HIS A NE2 1 
ATOM   1483 N N   . PHE A 1 216 ? 5.528   0.430   17.955  1.00 20.20  ? 216 PHE A N   1 
ATOM   1484 C CA  . PHE A 1 216 ? 6.674   1.303   17.886  1.00 22.83  ? 216 PHE A CA  1 
ATOM   1485 C C   . PHE A 1 216 ? 6.200   2.718   17.938  1.00 22.56  ? 216 PHE A C   1 
ATOM   1486 O O   . PHE A 1 216 ? 5.268   3.138   17.215  1.00 20.47  ? 216 PHE A O   1 
ATOM   1487 C CB  . PHE A 1 216 ? 7.534   1.078   16.615  1.00 23.34  ? 216 PHE A CB  1 
ATOM   1488 C CG  . PHE A 1 216 ? 7.875   -0.370  16.351  1.00 20.22  ? 216 PHE A CG  1 
ATOM   1489 C CD1 . PHE A 1 216 ? 8.797   -1.019  17.133  1.00 20.67  ? 216 PHE A CD1 1 
ATOM   1490 C CD2 . PHE A 1 216 ? 7.235   -1.075  15.369  1.00 20.67  ? 216 PHE A CD2 1 
ATOM   1491 C CE1 . PHE A 1 216 ? 9.145   -2.339  16.904  1.00 20.03  ? 216 PHE A CE1 1 
ATOM   1492 C CE2 . PHE A 1 216 ? 7.549   -2.401  15.144  1.00 21.35  ? 216 PHE A CE2 1 
ATOM   1493 C CZ  . PHE A 1 216 ? 8.525   -3.039  15.908  1.00 19.83  ? 216 PHE A CZ  1 
ATOM   1494 N N   . HIS A 1 217 ? 6.828   3.448   18.840  1.00 24.76  ? 217 HIS A N   1 
ATOM   1495 C CA  . HIS A 1 217 ? 6.430   4.793   19.142  1.00 32.80  ? 217 HIS A CA  1 
ATOM   1496 C C   . HIS A 1 217 ? 7.586   5.420   19.907  1.00 35.04  ? 217 HIS A C   1 
ATOM   1497 O O   . HIS A 1 217 ? 8.091   4.829   20.878  1.00 29.74  ? 217 HIS A O   1 
ATOM   1498 C CB  . HIS A 1 217 ? 5.180   4.803   20.037  1.00 36.17  ? 217 HIS A CB  1 
ATOM   1499 C CG  . HIS A 1 217 ? 4.692   6.178   20.375  1.00 41.86  ? 217 HIS A CG  1 
ATOM   1500 N ND1 . HIS A 1 217 ? 4.728   6.694   21.656  1.00 49.42  ? 217 HIS A ND1 1 
ATOM   1501 C CD2 . HIS A 1 217 ? 4.194   7.163   19.588  1.00 44.16  ? 217 HIS A CD2 1 
ATOM   1502 C CE1 . HIS A 1 217 ? 4.227   7.919   21.652  1.00 46.19  ? 217 HIS A CE1 1 
ATOM   1503 N NE2 . HIS A 1 217 ? 3.912   8.234   20.407  1.00 43.26  ? 217 HIS A NE2 1 
ATOM   1504 N N   . TYR A 1 218 ? 7.989   6.596   19.452  1.00 41.17  ? 218 TYR A N   1 
ATOM   1505 C CA  . TYR A 1 218 ? 9.040   7.371   20.107  1.00 52.30  ? 218 TYR A CA  1 
ATOM   1506 C C   . TYR A 1 218 ? 8.542   8.744   20.565  1.00 58.02  ? 218 TYR A C   1 
ATOM   1507 O O   . TYR A 1 218 ? 7.654   9.322   19.950  1.00 51.63  ? 218 TYR A O   1 
ATOM   1508 C CB  . TYR A 1 218 ? 10.231  7.531   19.159  1.00 55.52  ? 218 TYR A CB  1 
ATOM   1509 C CG  . TYR A 1 218 ? 11.168  6.322   19.187  1.00 64.81  ? 218 TYR A CG  1 
ATOM   1510 C CD1 . TYR A 1 218 ? 10.831  5.118   18.521  1.00 60.06  ? 218 TYR A CD1 1 
ATOM   1511 C CD2 . TYR A 1 218 ? 12.381  6.369   19.897  1.00 65.43  ? 218 TYR A CD2 1 
ATOM   1512 C CE1 . TYR A 1 218 ? 11.670  4.020   18.557  1.00 59.94  ? 218 TYR A CE1 1 
ATOM   1513 C CE2 . TYR A 1 218 ? 13.230  5.268   19.934  1.00 67.02  ? 218 TYR A CE2 1 
ATOM   1514 C CZ  . TYR A 1 218 ? 12.873  4.097   19.266  1.00 67.74  ? 218 TYR A CZ  1 
ATOM   1515 O OH  . TYR A 1 218 ? 13.716  3.001   19.308  1.00 73.20  ? 218 TYR A OH  1 
ATOM   1516 N N   . GLU A 1 219 ? 9.127   9.232   21.665  1.00 68.35  ? 219 GLU A N   1 
ATOM   1517 C CA  . GLU A 1 219 ? 9.065   10.652  22.092  1.00 74.52  ? 219 GLU A CA  1 
ATOM   1518 C C   . GLU A 1 219 ? 7.866   11.440  21.518  1.00 82.07  ? 219 GLU A C   1 
ATOM   1519 O O   . GLU A 1 219 ? 7.618   12.598  21.870  1.00 92.26  ? 219 GLU A O   1 
ATOM   1520 C CB  . GLU A 1 219 ? 10.436  11.313  21.790  1.00 74.88  ? 219 GLU A CB  1 
ATOM   1521 C CG  . GLU A 1 219 ? 10.438  12.782  21.382  1.00 78.87  ? 219 GLU A CG  1 
ATOM   1522 C CD  . GLU A 1 219 ? 11.831  13.307  21.082  1.00 80.91  ? 219 GLU A CD  1 
ATOM   1523 O OE1 . GLU A 1 219 ? 11.926  14.460  20.600  1.00 80.88  ? 219 GLU A OE1 1 
ATOM   1524 O OE2 . GLU A 1 219 ? 12.814  12.569  21.316  1.00 78.69  ? 219 GLU A OE2 1 
HETATM 1525 C C4  . E0R B 2 .   ? -2.041  6.325   0.664   1.00 24.86  ? 301 E0R A C4  1 
HETATM 1526 C C5  . E0R B 2 .   ? -2.324  5.902   2.064   1.00 24.69  ? 301 E0R A C5  1 
HETATM 1527 C C6  . E0R B 2 .   ? -2.004  4.478   2.434   1.00 24.25  ? 301 E0R A C6  1 
HETATM 1528 C C8  . E0R B 2 .   ? -2.826  8.483   1.191   1.00 26.14  ? 301 E0R A C8  1 
HETATM 1529 C C15 . E0R B 2 .   ? -5.599  12.116  2.212   1.00 30.87  ? 301 E0R A C15 1 
HETATM 1530 C C17 . E0R B 2 .   ? -6.117  14.071  0.854   1.00 31.21  ? 301 E0R A C17 1 
HETATM 1531 C C20 . E0R B 2 .   ? -6.982  15.310  0.656   1.00 31.72  ? 301 E0R A C20 1 
HETATM 1532 C C2  . E0R B 2 .   ? -1.220  4.154   0.135   1.00 23.26  ? 301 E0R A C2  1 
HETATM 1533 C C3  . E0R B 2 .   ? -1.495  5.437   -0.249  1.00 23.26  ? 301 E0R A C3  1 
HETATM 1534 C C16 . E0R B 2 .   ? -6.361  13.246  1.944   1.00 29.68  ? 301 E0R A C16 1 
HETATM 1535 C C18 . E0R B 2 .   ? -5.091  13.714  -0.037  1.00 29.95  ? 301 E0R A C18 1 
HETATM 1536 C C19 . E0R B 2 .   ? -4.321  12.567  0.228   1.00 28.38  ? 301 E0R A C19 1 
HETATM 1537 C C25 . E0R B 2 .   ? -2.204  2.665   4.122   1.00 25.99  ? 301 E0R A C25 1 
HETATM 1538 O O23 . E0R B 2 .   ? -3.594  8.862   3.354   1.00 22.62  ? 301 E0R A O23 1 
HETATM 1539 C C9  . E0R B 2 .   ? -3.094  8.048   2.556   1.00 23.82  ? 301 E0R A C9  1 
HETATM 1540 N N10 . E0R B 2 .   ? -2.844  6.781   2.925   1.00 24.68  ? 301 E0R A N10 1 
HETATM 1541 N N24 . E0R B 2 .   ? -2.271  4.025   3.657   1.00 23.82  ? 301 E0R A N24 1 
HETATM 1542 C C1  . E0R B 2 .   ? -1.486  3.667   1.432   1.00 23.77  ? 301 E0R A C1  1 
HETATM 1543 C C7  . E0R B 2 .   ? -2.318  7.609   0.248   1.00 24.26  ? 301 E0R A C7  1 
HETATM 1544 C C11 . E0R B 2 .   ? -3.238  9.854   0.805   1.00 28.02  ? 301 E0R A C11 1 
HETATM 1545 O O13 . E0R B 2 .   ? -3.066  10.088  -0.356  1.00 26.73  ? 301 E0R A O13 1 
HETATM 1546 N N12 . E0R B 2 .   ? -3.981  10.585  1.660   1.00 26.22  ? 301 E0R A N12 1 
HETATM 1547 C C14 . E0R B 2 .   ? -4.580  11.753  1.349   1.00 29.46  ? 301 E0R A C14 1 
HETATM 1548 O O22 . E0R B 2 .   ? -7.986  15.431  1.381   1.00 26.97  ? 301 E0R A O22 1 
HETATM 1549 O O21 . E0R B 2 .   ? -6.697  16.184  -0.205  1.00 32.12  ? 301 E0R A O21 1 
HETATM 1550 O O   . HOH C 3 .   ? 13.458  -13.363 4.610   1.00 35.98  ? 401 HOH A O   1 
HETATM 1551 O O   . HOH C 3 .   ? 9.682   3.025   -2.302  1.00 46.93  ? 402 HOH A O   1 
HETATM 1552 O O   . HOH C 3 .   ? -7.282  -2.386  9.331   1.00 39.56  ? 403 HOH A O   1 
HETATM 1553 O O   . HOH C 3 .   ? 9.866   -7.979  17.993  1.00 36.59  ? 404 HOH A O   1 
HETATM 1554 O O   . HOH C 3 .   ? 11.358  -14.910 3.941   1.00 26.78  ? 405 HOH A O   1 
HETATM 1555 O O   . HOH C 3 .   ? -5.823  1.992   -18.265 1.00 25.55  ? 406 HOH A O   1 
HETATM 1556 O O   . HOH C 3 .   ? -14.707 -1.224  -6.846  1.00 31.35  ? 407 HOH A O   1 
HETATM 1557 O O   . HOH C 3 .   ? -19.442 0.126   8.680   1.00 40.32  ? 408 HOH A O   1 
HETATM 1558 O O   . HOH C 3 .   ? 20.090  -6.356  -2.986  1.00 38.20  ? 409 HOH A O   1 
HETATM 1559 O O   . HOH C 3 .   ? 2.186   -8.102  -11.015 1.00 20.99  ? 410 HOH A O   1 
HETATM 1560 O O   . HOH C 3 .   ? 9.550   -9.042  -16.233 1.00 30.50  ? 411 HOH A O   1 
HETATM 1561 O O   . HOH C 3 .   ? -0.943  -10.967 19.317  1.00 23.01  ? 412 HOH A O   1 
HETATM 1562 O O   . HOH C 3 .   ? -6.465  3.804   -14.104 1.00 34.56  ? 413 HOH A O   1 
HETATM 1563 O O   . HOH C 3 .   ? 13.475  12.571  11.252  1.00 30.33  ? 414 HOH A O   1 
HETATM 1564 O O   . HOH C 3 .   ? 8.075   -8.500  -12.853 1.00 32.40  ? 415 HOH A O   1 
HETATM 1565 O O   . HOH C 3 .   ? 1.269   9.438   -0.329  1.00 32.21  ? 416 HOH A O   1 
HETATM 1566 O O   . HOH C 3 .   ? 5.071   5.314   -9.113  1.00 35.43  ? 417 HOH A O   1 
HETATM 1567 O O   . HOH C 3 .   ? 6.754   -3.179  20.500  1.00 38.69  ? 418 HOH A O   1 
HETATM 1568 O O   . HOH C 3 .   ? -11.541 12.522  5.841   1.00 30.22  ? 419 HOH A O   1 
HETATM 1569 O O   . HOH C 3 .   ? -21.654 -3.597  -0.016  1.00 49.88  ? 420 HOH A O   1 
HETATM 1570 O O   . HOH C 3 .   ? 8.303   -17.093 -7.093  1.00 30.56  ? 421 HOH A O   1 
HETATM 1571 O O   . HOH C 3 .   ? 19.581  -11.399 -7.733  1.00 29.60  ? 422 HOH A O   1 
HETATM 1572 O O   . HOH C 3 .   ? -3.188  18.621  10.093  1.00 44.86  ? 423 HOH A O   1 
HETATM 1573 O O   . HOH C 3 .   ? 8.623   6.233   -0.258  1.00 35.45  ? 424 HOH A O   1 
HETATM 1574 O O   . HOH C 3 .   ? -0.118  9.845   1.938   1.00 26.15  ? 425 HOH A O   1 
HETATM 1575 O O   . HOH C 3 .   ? -8.249  11.162  -20.699 1.00 46.63  ? 426 HOH A O   1 
HETATM 1576 O O   . HOH C 3 .   ? 4.411   -9.677  -11.971 1.00 27.61  ? 427 HOH A O   1 
HETATM 1577 O O   . HOH C 3 .   ? -15.391 7.443   -6.760  1.00 27.94  ? 428 HOH A O   1 
HETATM 1578 O O   . HOH C 3 .   ? 7.162   7.468   16.948  1.00 28.88  ? 429 HOH A O   1 
HETATM 1579 O O   . HOH C 3 .   ? -3.757  16.984  2.169   1.00 50.46  ? 430 HOH A O   1 
HETATM 1580 O O   . HOH C 3 .   ? -9.516  -9.105  0.923   1.00 37.26  ? 431 HOH A O   1 
HETATM 1581 O O   . HOH C 3 .   ? -27.176 2.794   4.385   1.00 24.65  ? 432 HOH A O   1 
HETATM 1582 O O   . HOH C 3 .   ? 0.362   9.083   17.114  1.00 30.88  ? 433 HOH A O   1 
HETATM 1583 O O   . HOH C 3 .   ? 14.319  -3.671  1.378   1.00 28.52  ? 434 HOH A O   1 
HETATM 1584 O O   . HOH C 3 .   ? -5.439  -8.996  13.132  1.00 42.24  ? 435 HOH A O   1 
HETATM 1585 O O   . HOH C 3 .   ? 12.529  -11.803 -3.509  1.00 21.39  ? 436 HOH A O   1 
HETATM 1586 O O   . HOH C 3 .   ? -7.977  17.686  3.852   1.00 41.98  ? 437 HOH A O   1 
HETATM 1587 O O   . HOH C 3 .   ? 4.022   -16.197 4.758   1.00 48.74  ? 438 HOH A O   1 
HETATM 1588 O O   . HOH C 3 .   ? -16.657 10.357  -3.930  1.00 35.97  ? 439 HOH A O   1 
HETATM 1589 O O   . HOH C 3 .   ? 6.946   9.190   3.861   1.00 36.33  ? 440 HOH A O   1 
HETATM 1590 O O   . HOH C 3 .   ? -16.579 8.522   7.499   1.00 26.74  ? 441 HOH A O   1 
HETATM 1591 O O   . HOH C 3 .   ? 9.033   -15.566 7.321   1.00 38.48  ? 442 HOH A O   1 
HETATM 1592 O O   . HOH C 3 .   ? -2.983  -3.958  8.846   1.00 16.79  ? 443 HOH A O   1 
HETATM 1593 O O   . HOH C 3 .   ? 8.114   -7.404  21.045  1.00 40.45  ? 444 HOH A O   1 
HETATM 1594 O O   . HOH C 3 .   ? -5.925  7.903   4.865   1.00 20.57  ? 445 HOH A O   1 
HETATM 1595 O O   . HOH C 3 .   ? 6.518   -9.616  19.664  1.00 34.41  ? 446 HOH A O   1 
HETATM 1596 O O   . HOH C 3 .   ? -18.384 3.612   12.143  1.00 45.95  ? 447 HOH A O   1 
HETATM 1597 O O   . HOH C 3 .   ? -11.890 4.214   -9.548  1.00 18.86  ? 448 HOH A O   1 
HETATM 1598 O O   . HOH C 3 .   ? 11.628  1.402   -17.148 1.00 26.33  ? 449 HOH A O   1 
HETATM 1599 O O   . HOH C 3 .   ? -3.764  -8.038  19.618  1.00 22.06  ? 450 HOH A O   1 
HETATM 1600 O O   . HOH C 3 .   ? -15.569 -4.754  -3.415  1.00 35.80  ? 451 HOH A O   1 
HETATM 1601 O O   . HOH C 3 .   ? 1.622   -5.321  -13.935 1.00 24.81  ? 452 HOH A O   1 
HETATM 1602 O O   . HOH C 3 .   ? 1.383   3.535   -14.562 1.00 22.75  ? 453 HOH A O   1 
HETATM 1603 O O   . HOH C 3 .   ? 3.060   14.928  5.011   1.00 37.52  ? 454 HOH A O   1 
HETATM 1604 O O   . HOH C 3 .   ? -15.283 10.610  -0.093  1.00 24.87  ? 455 HOH A O   1 
HETATM 1605 O O   . HOH C 3 .   ? 19.713  -7.582  -9.056  1.00 33.42  ? 456 HOH A O   1 
HETATM 1606 O O   . HOH C 3 .   ? 10.691  -0.921  -18.405 1.00 27.05  ? 457 HOH A O   1 
HETATM 1607 O O   . HOH C 3 .   ? 14.704  -3.744  7.854   1.00 23.87  ? 458 HOH A O   1 
HETATM 1608 O O   . HOH C 3 .   ? -11.674 1.607   -12.929 1.00 31.35  ? 459 HOH A O   1 
HETATM 1609 O O   . HOH C 3 .   ? -5.409  11.646  -7.282  1.00 32.47  ? 460 HOH A O   1 
HETATM 1610 O O   . HOH C 3 .   ? -15.424 5.560   -8.688  1.00 25.08  ? 461 HOH A O   1 
HETATM 1611 O O   . HOH C 3 .   ? -4.880  2.799   11.777  1.00 30.25  ? 462 HOH A O   1 
HETATM 1612 O O   . HOH C 3 .   ? -3.882  -6.666  12.497  1.00 22.47  ? 463 HOH A O   1 
HETATM 1613 O O   . HOH C 3 .   ? 13.015  -9.440  -3.308  1.00 20.54  ? 464 HOH A O   1 
HETATM 1614 O O   . HOH C 3 .   ? -2.356  -5.253  -8.147  1.00 18.68  ? 465 HOH A O   1 
HETATM 1615 O O   . HOH C 3 .   ? 1.760   5.797   -7.481  1.00 45.54  ? 466 HOH A O   1 
HETATM 1616 O O   . HOH C 3 .   ? -17.098 11.589  -7.845  1.00 33.69  ? 467 HOH A O   1 
HETATM 1617 O O   . HOH C 3 .   ? 14.109  -6.336  13.977  1.00 47.04  ? 468 HOH A O   1 
HETATM 1618 O O   . HOH C 3 .   ? 18.429  -13.212 0.822   1.00 38.87  ? 469 HOH A O   1 
HETATM 1619 O O   . HOH C 3 .   ? 11.076  -1.827  19.822  1.00 32.13  ? 470 HOH A O   1 
HETATM 1620 O O   . HOH C 3 .   ? -8.139  -7.571  4.132   1.00 25.48  ? 471 HOH A O   1 
HETATM 1621 O O   . HOH C 3 .   ? 1.570   -7.711  -15.378 1.00 29.43  ? 472 HOH A O   1 
HETATM 1622 O O   . HOH C 3 .   ? 2.649   6.975   -3.898  1.00 29.19  ? 473 HOH A O   1 
HETATM 1623 O O   . HOH C 3 .   ? 9.319   -14.036 9.840   1.00 27.34  ? 474 HOH A O   1 
HETATM 1624 O O   . HOH C 3 .   ? 10.756  3.288   4.439   1.00 24.26  ? 475 HOH A O   1 
HETATM 1625 O O   . HOH C 3 .   ? -9.957  2.043   5.550   1.00 16.14  ? 476 HOH A O   1 
HETATM 1626 O O   . HOH C 3 .   ? 10.690  -4.491  19.630  1.00 25.82  ? 477 HOH A O   1 
HETATM 1627 O O   . HOH C 3 .   ? -12.996 13.017  -2.630  1.00 41.08  ? 478 HOH A O   1 
HETATM 1628 O O   . HOH C 3 .   ? -13.890 -5.575  -8.034  1.00 26.56  ? 479 HOH A O   1 
HETATM 1629 O O   . HOH C 3 .   ? 1.800   6.120   -15.207 1.00 31.85  ? 480 HOH A O   1 
HETATM 1630 O O   . HOH C 3 .   ? 10.408  8.596   7.196   1.00 23.23  ? 481 HOH A O   1 
HETATM 1631 O O   . HOH C 3 .   ? -11.753 -0.897  -13.887 1.00 34.10  ? 482 HOH A O   1 
HETATM 1632 O O   . HOH C 3 .   ? -0.758  12.591  2.733   1.00 31.25  ? 483 HOH A O   1 
HETATM 1633 O O   . HOH C 3 .   ? -8.601  -6.023  -13.252 1.00 23.28  ? 484 HOH A O   1 
HETATM 1634 O O   . HOH C 3 .   ? -13.826 5.738   -10.526 1.00 25.72  ? 485 HOH A O   1 
HETATM 1635 O O   . HOH C 3 .   ? -14.427 5.764   -13.230 1.00 29.37  ? 486 HOH A O   1 
HETATM 1636 O O   . HOH C 3 .   ? 6.087   -15.882 11.501  1.00 37.36  ? 487 HOH A O   1 
HETATM 1637 O O   . HOH C 3 .   ? -14.356 12.298  6.406   1.00 39.99  ? 488 HOH A O   1 
HETATM 1638 O O   . HOH C 3 .   ? 11.031  -16.981 1.353   1.00 36.82  ? 489 HOH A O   1 
HETATM 1639 O O   . HOH C 3 .   ? -12.999 -3.283  -7.801  1.00 23.50  ? 490 HOH A O   1 
HETATM 1640 O O   . HOH C 3 .   ? 15.940  -10.065 2.635   1.00 33.30  ? 491 HOH A O   1 
HETATM 1641 O O   . HOH C 3 .   ? 8.695   1.875   20.621  1.00 46.29  ? 492 HOH A O   1 
HETATM 1642 O O   . HOH C 3 .   ? -14.844 -3.459  -15.156 1.00 40.89  ? 493 HOH A O   1 
HETATM 1643 O O   . HOH C 3 .   ? 6.953   -13.598 13.987  1.00 32.14  ? 494 HOH A O   1 
HETATM 1644 O O   . HOH C 3 .   ? 12.304  9.902   18.237  1.00 40.29  ? 495 HOH A O   1 
HETATM 1645 O O   . HOH C 3 .   ? 10.508  2.407   1.257   1.00 40.17  ? 496 HOH A O   1 
HETATM 1646 O O   . HOH C 3 .   ? 18.573  -4.217  -4.305  1.00 39.57  ? 497 HOH A O   1 
HETATM 1647 O O   . HOH C 3 .   ? -10.507 -0.874  6.390   1.00 33.87  ? 498 HOH A O   1 
HETATM 1648 O O   . HOH C 3 .   ? 16.262  0.221   -22.737 1.00 43.47  ? 499 HOH A O   1 
HETATM 1649 O O   . HOH C 3 .   ? -3.747  -12.723 -4.910  1.00 49.05  ? 500 HOH A O   1 
HETATM 1650 O O   . HOH C 3 .   ? -6.593  -5.926  5.432   1.00 46.92  ? 501 HOH A O   1 
HETATM 1651 O O   . HOH C 3 .   ? 2.202   17.225  12.559  1.00 42.77  ? 502 HOH A O   1 
HETATM 1652 O O   . HOH C 3 .   ? -6.172  -6.548  8.478   1.00 29.43  ? 503 HOH A O   1 
HETATM 1653 O O   . HOH C 3 .   ? -7.606  2.543   11.270  1.00 30.10  ? 504 HOH A O   1 
HETATM 1654 O O   . HOH C 3 .   ? 14.875  0.844   -5.951  1.00 51.60  ? 505 HOH A O   1 
HETATM 1655 O O   . HOH C 3 .   ? -23.733 2.551   1.563   1.00 39.72  ? 506 HOH A O   1 
HETATM 1656 O O   . HOH C 3 .   ? -0.219  19.104  11.564  1.00 36.64  ? 507 HOH A O   1 
HETATM 1657 O O   . HOH C 3 .   ? 6.342   8.350   -0.151  1.00 41.11  ? 508 HOH A O   1 
HETATM 1658 O O   . HOH C 3 .   ? -11.673 14.982  4.370   1.00 45.52  ? 509 HOH A O   1 
HETATM 1659 O O   . HOH C 3 .   ? 5.076   8.408   -3.353  1.00 46.71  ? 510 HOH A O   1 
HETATM 1660 O O   . HOH C 3 .   ? -1.248  -17.949 16.781  1.00 44.08  ? 511 HOH A O   1 
HETATM 1661 O O   . HOH C 3 .   ? 1.018   14.581  2.584   1.00 45.07  ? 512 HOH A O   1 
HETATM 1662 O O   . HOH C 3 .   ? -18.526 8.976   -2.114  1.00 41.76  ? 513 HOH A O   1 
HETATM 1663 O O   . HOH C 3 .   ? 17.693  -4.084  -12.086 1.00 29.53  ? 514 HOH A O   1 
HETATM 1664 O O   . HOH C 3 .   ? 17.856  -5.629  -9.408  1.00 32.41  ? 515 HOH A O   1 
HETATM 1665 O O   . HOH C 3 .   ? 3.228   -9.576  -14.465 1.00 35.84  ? 516 HOH A O   1 
HETATM 1666 O O   . HOH C 3 .   ? -11.735 6.005   -26.362 1.00 31.52  ? 517 HOH A O   1 
HETATM 1667 O O   . HOH C 3 .   ? -5.860  -4.656  12.433  1.00 24.93  ? 518 HOH A O   1 
HETATM 1668 O O   . HOH C 3 .   ? -5.291  -3.484  10.274  1.00 20.95  ? 519 HOH A O   1 
HETATM 1669 O O   . HOH C 3 .   ? -18.026 5.206   -10.201 1.00 23.44  ? 520 HOH A O   1 
HETATM 1670 O O   . HOH C 3 .   ? 16.318  -6.949  2.943   1.00 37.59  ? 521 HOH A O   1 
HETATM 1671 O O   . HOH C 3 .   ? 20.503  -12.662 -5.598  1.00 29.69  ? 522 HOH A O   1 
HETATM 1672 O O   . HOH C 3 .   ? -14.254 -1.241  -15.205 1.00 28.63  ? 523 HOH A O   1 
HETATM 1673 O O   . HOH C 3 .   ? 13.850  -1.259  1.042   1.00 33.11  ? 524 HOH A O   1 
HETATM 1674 O O   . HOH C 3 .   ? -12.603 6.621   -18.521 1.00 41.12  ? 525 HOH A O   1 
HETATM 1675 O O   . HOH C 3 .   ? 14.242  1.434   -15.871 1.00 40.13  ? 526 HOH A O   1 
HETATM 1676 O O   . HOH C 3 .   ? 10.741  -16.604 6.203   1.00 36.12  ? 527 HOH A O   1 
HETATM 1677 O O   . HOH C 3 .   ? 15.088  -5.034  3.398   1.00 24.25  ? 528 HOH A O   1 
HETATM 1678 O O   . HOH C 3 .   ? -17.368 -3.121  -7.521  1.00 36.17  ? 529 HOH A O   1 
HETATM 1679 O O   . HOH C 3 .   ? -10.547 -3.097  5.757   1.00 34.07  ? 530 HOH A O   1 
HETATM 1680 O O   . HOH C 3 .   ? -13.510 4.746   -17.645 1.00 28.02  ? 531 HOH A O   1 
HETATM 1681 O O   . HOH C 3 .   ? 20.821  -18.951 -2.612  1.00 30.61  ? 532 HOH A O   1 
HETATM 1682 O O   . HOH C 3 .   ? -14.999 0.986   -15.817 1.00 22.29  ? 533 HOH A O   1 
# 
loop_
_pdbx_poly_seq_scheme.asym_id 
_pdbx_poly_seq_scheme.entity_id 
_pdbx_poly_seq_scheme.seq_id 
_pdbx_poly_seq_scheme.mon_id 
_pdbx_poly_seq_scheme.ndb_seq_num 
_pdbx_poly_seq_scheme.pdb_seq_num 
_pdbx_poly_seq_scheme.auth_seq_num 
_pdbx_poly_seq_scheme.pdb_mon_id 
_pdbx_poly_seq_scheme.auth_mon_id 
_pdbx_poly_seq_scheme.pdb_strand_id 
_pdbx_poly_seq_scheme.pdb_ins_code 
_pdbx_poly_seq_scheme.hetero 
A 1 1   MET 1   1   ?   ?   ?   A . n 
A 1 2   SER 2   2   ?   ?   ?   A . n 
A 1 3   ASN 3   3   ?   ?   ?   A . n 
A 1 4   SER 4   4   ?   ?   ?   A . n 
A 1 5   TYR 5   5   ?   ?   ?   A . n 
A 1 6   ASP 6   6   6   ASP ASP A . n 
A 1 7   SER 7   7   7   SER SER A . n 
A 1 8   SER 8   8   8   SER SER A . n 
A 1 9   SER 9   9   9   SER SER A . n 
A 1 10  ILE 10  10  10  ILE ILE A . n 
A 1 11  LYS 11  11  11  LYS LYS A . n 
A 1 12  VAL 12  12  12  VAL VAL A . n 
A 1 13  LEU 13  13  13  LEU LEU A . n 
A 1 14  LYS 14  14  14  LYS LYS A . n 
A 1 15  GLY 15  15  15  GLY GLY A . n 
A 1 16  LEU 16  16  16  LEU LEU A . n 
A 1 17  ASP 17  17  17  ASP ASP A . n 
A 1 18  ALA 18  18  18  ALA ALA A . n 
A 1 19  VAL 19  19  19  VAL VAL A . n 
A 1 20  ARG 20  20  20  ARG ARG A . n 
A 1 21  LYS 21  21  21  LYS LYS A . n 
A 1 22  ARG 22  22  22  ARG ARG A . n 
A 1 23  PRO 23  23  23  PRO PRO A . n 
A 1 24  GLY 24  24  24  GLY GLY A . n 
A 1 25  MET 25  25  25  MET MET A . n 
A 1 26  TYR 26  26  26  TYR TYR A . n 
A 1 27  ILE 27  27  27  ILE ILE A . n 
A 1 28  GLY 28  28  28  GLY GLY A . n 
A 1 29  ASP 29  29  29  ASP ASP A . n 
A 1 30  THR 30  30  30  THR THR A . n 
A 1 31  ASP 31  31  31  ASP ASP A . n 
A 1 32  ASP 32  32  32  ASP ASP A . n 
A 1 33  GLY 33  33  33  GLY GLY A . n 
A 1 34  THR 34  34  34  THR THR A . n 
A 1 35  GLY 35  35  35  GLY GLY A . n 
A 1 36  LEU 36  36  36  LEU LEU A . n 
A 1 37  HIS 37  37  37  HIS HIS A . n 
A 1 38  HIS 38  38  38  HIS HIS A . n 
A 1 39  MET 39  39  39  MET MET A . n 
A 1 40  VAL 40  40  40  VAL VAL A . n 
A 1 41  PHE 41  41  41  PHE PHE A . n 
A 1 42  GLU 42  42  42  GLU GLU A . n 
A 1 43  VAL 43  43  43  VAL VAL A . n 
A 1 44  VAL 44  44  44  VAL VAL A . n 
A 1 45  ASP 45  45  45  ASP ASP A . n 
A 1 46  ASN 46  46  46  ASN ASN A . n 
A 1 47  ALA 47  47  47  ALA ALA A . n 
A 1 48  ILE 48  48  48  ILE ILE A . n 
A 1 49  ASP 49  49  49  ASP ASP A . n 
A 1 50  GLU 50  50  50  GLU GLU A . n 
A 1 51  ALA 51  51  51  ALA ALA A . n 
A 1 52  LEU 52  52  52  LEU LEU A . n 
A 1 53  ALA 53  53  53  ALA ALA A . n 
A 1 54  GLY 54  54  54  GLY GLY A . n 
A 1 55  HIS 55  55  55  HIS HIS A . n 
A 1 56  CYS 56  56  56  CYS CYS A . n 
A 1 57  LYS 57  57  57  LYS LYS A . n 
A 1 58  GLU 58  58  58  GLU GLU A . n 
A 1 59  ILE 59  59  59  ILE ILE A . n 
A 1 60  ILE 60  60  60  ILE ILE A . n 
A 1 61  VAL 61  61  61  VAL VAL A . n 
A 1 62  THR 62  62  62  THR THR A . n 
A 1 63  ILE 63  63  63  ILE ILE A . n 
A 1 64  HIS 64  64  64  HIS HIS A . n 
A 1 65  ALA 65  65  65  ALA ALA A . n 
A 1 66  ASP 66  66  66  ASP ASP A . n 
A 1 67  ASN 67  67  67  ASN ASN A . n 
A 1 68  SER 68  68  68  SER SER A . n 
A 1 69  VAL 69  69  69  VAL VAL A . n 
A 1 70  SER 70  70  70  SER SER A . n 
A 1 71  VAL 71  71  71  VAL VAL A . n 
A 1 72  GLN 72  72  72  GLN GLN A . n 
A 1 73  ASP 73  73  73  ASP ASP A . n 
A 1 74  ASP 74  74  74  ASP ASP A . n 
A 1 75  GLY 75  75  75  GLY GLY A . n 
A 1 76  ARG 76  76  76  ARG ARG A . n 
A 1 77  GLY 77  77  77  GLY GLY A . n 
A 1 78  ILE 78  78  78  ILE ILE A . n 
A 1 79  PRO 79  79  79  PRO PRO A . n 
A 1 80  THR 80  80  80  THR THR A . n 
A 1 81  GLY 81  81  81  GLY GLY A . n 
A 1 82  ILE 82  82  82  ILE ILE A . n 
A 1 83  HIS 83  83  83  HIS HIS A . n 
A 1 84  PRO 84  84  84  PRO PRO A . n 
A 1 85  GLU 85  85  85  GLU GLU A . n 
A 1 86  GLU 86  86  86  GLU GLU A . n 
A 1 87  GLY 87  87  87  GLY GLY A . n 
A 1 88  VAL 88  88  88  VAL VAL A . n 
A 1 89  SER 89  89  89  SER SER A . n 
A 1 90  ALA 90  90  90  ALA ALA A . n 
A 1 91  ALA 91  91  91  ALA ALA A . n 
A 1 92  GLU 92  92  92  GLU GLU A . n 
A 1 93  VAL 93  93  93  VAL VAL A . n 
A 1 94  ILE 94  94  94  ILE ILE A . n 
A 1 95  MET 95  95  95  MET MET A . n 
A 1 96  THR 96  96  96  THR THR A . n 
A 1 97  VAL 97  97  97  VAL VAL A . n 
A 1 98  LEU 98  98  98  LEU LEU A . n 
A 1 99  HIS 99  99  99  HIS HIS A . n 
A 1 100 ALA 100 100 ?   ?   ?   A . n 
A 1 101 GLY 101 101 ?   ?   ?   A . n 
A 1 102 GLY 102 102 ?   ?   ?   A . n 
A 1 103 LYS 103 103 ?   ?   ?   A . n 
A 1 104 PHE 104 104 ?   ?   ?   A . n 
A 1 105 ASP 105 105 ?   ?   ?   A . n 
A 1 106 ASP 106 106 ?   ?   ?   A . n 
A 1 107 ASN 107 107 ?   ?   ?   A . n 
A 1 108 SER 108 108 ?   ?   ?   A . n 
A 1 109 TYR 109 109 ?   ?   ?   A . n 
A 1 110 LYS 110 110 ?   ?   ?   A . n 
A 1 111 VAL 111 111 ?   ?   ?   A . n 
A 1 112 SER 112 112 ?   ?   ?   A . n 
A 1 113 GLY 113 113 ?   ?   ?   A . n 
A 1 114 GLY 114 114 ?   ?   ?   A . n 
A 1 115 LEU 115 115 ?   ?   ?   A . n 
A 1 116 HIS 116 116 ?   ?   ?   A . n 
A 1 117 GLY 117 117 ?   ?   ?   A . n 
A 1 118 VAL 118 118 118 VAL VAL A . n 
A 1 119 GLY 119 119 119 GLY GLY A . n 
A 1 120 VAL 120 120 120 VAL VAL A . n 
A 1 121 SER 121 121 121 SER SER A . n 
A 1 122 VAL 122 122 122 VAL VAL A . n 
A 1 123 VAL 123 123 123 VAL VAL A . n 
A 1 124 ASN 124 124 124 ASN ASN A . n 
A 1 125 ALA 125 125 125 ALA ALA A . n 
A 1 126 LEU 126 126 126 LEU LEU A . n 
A 1 127 SER 127 127 127 SER SER A . n 
A 1 128 GLN 128 128 128 GLN GLN A . n 
A 1 129 LYS 129 129 129 LYS LYS A . n 
A 1 130 LEU 130 130 130 LEU LEU A . n 
A 1 131 GLU 131 131 131 GLU GLU A . n 
A 1 132 LEU 132 132 132 LEU LEU A . n 
A 1 133 VAL 133 133 133 VAL VAL A . n 
A 1 134 ILE 134 134 134 ILE ILE A . n 
A 1 135 GLN 135 135 135 GLN GLN A . n 
A 1 136 ARG 136 136 136 ARG ARG A . n 
A 1 137 GLU 137 137 137 GLU GLU A . n 
A 1 138 GLY 138 138 138 GLY GLY A . n 
A 1 139 LYS 139 139 139 LYS LYS A . n 
A 1 140 ILE 140 140 140 ILE ILE A . n 
A 1 141 HIS 141 141 141 HIS HIS A . n 
A 1 142 ARG 142 142 142 ARG ARG A . n 
A 1 143 GLN 143 143 143 GLN GLN A . n 
A 1 144 ILE 144 144 144 ILE ILE A . n 
A 1 145 TYR 145 145 145 TYR TYR A . n 
A 1 146 GLU 146 146 146 GLU GLU A . n 
A 1 147 HIS 147 147 147 HIS HIS A . n 
A 1 148 GLY 148 148 148 GLY GLY A . n 
A 1 149 VAL 149 149 149 VAL VAL A . n 
A 1 150 PRO 150 150 150 PRO PRO A . n 
A 1 151 GLN 151 151 151 GLN GLN A . n 
A 1 152 ALA 152 152 152 ALA ALA A . n 
A 1 153 PRO 153 153 153 PRO PRO A . n 
A 1 154 LEU 154 154 154 LEU LEU A . n 
A 1 155 ALA 155 155 155 ALA ALA A . n 
A 1 156 VAL 156 156 156 VAL VAL A . n 
A 1 157 THR 157 157 157 THR THR A . n 
A 1 158 GLY 158 158 158 GLY GLY A . n 
A 1 159 GLU 159 159 159 GLU GLU A . n 
A 1 160 THR 160 160 160 THR THR A . n 
A 1 161 GLU 161 161 161 GLU GLU A . n 
A 1 162 LYS 162 162 162 LYS LYS A . n 
A 1 163 THR 163 163 163 THR THR A . n 
A 1 164 GLY 164 164 164 GLY GLY A . n 
A 1 165 THR 165 165 165 THR THR A . n 
A 1 166 MET 166 166 166 MET MET A . n 
A 1 167 VAL 167 167 167 VAL VAL A . n 
A 1 168 ARG 168 168 168 ARG ARG A . n 
A 1 169 PHE 169 169 169 PHE PHE A . n 
A 1 170 TRP 170 170 170 TRP TRP A . n 
A 1 171 PRO 171 171 171 PRO PRO A . n 
A 1 172 SER 172 172 172 SER SER A . n 
A 1 173 LEU 173 173 173 LEU LEU A . n 
A 1 174 GLU 174 174 174 GLU GLU A . n 
A 1 175 THR 175 175 175 THR THR A . n 
A 1 176 PHE 176 176 176 PHE PHE A . n 
A 1 177 THR 177 177 177 THR THR A . n 
A 1 178 ASN 178 178 178 ASN ASN A . n 
A 1 179 VAL 179 179 179 VAL VAL A . n 
A 1 180 THR 180 180 180 THR THR A . n 
A 1 181 GLU 181 181 181 GLU GLU A . n 
A 1 182 PHE 182 182 182 PHE PHE A . n 
A 1 183 GLU 183 183 183 GLU GLU A . n 
A 1 184 TYR 184 184 184 TYR TYR A . n 
A 1 185 GLU 185 185 185 GLU GLU A . n 
A 1 186 ILE 186 186 186 ILE ILE A . n 
A 1 187 LEU 187 187 187 LEU LEU A . n 
A 1 188 ALA 188 188 188 ALA ALA A . n 
A 1 189 LYS 189 189 189 LYS LYS A . n 
A 1 190 ARG 190 190 190 ARG ARG A . n 
A 1 191 LEU 191 191 191 LEU LEU A . n 
A 1 192 ARG 192 192 192 ARG ARG A . n 
A 1 193 GLU 193 193 193 GLU GLU A . n 
A 1 194 LEU 194 194 194 LEU LEU A . n 
A 1 195 SER 195 195 195 SER SER A . n 
A 1 196 PHE 196 196 196 PHE PHE A . n 
A 1 197 LEU 197 197 197 LEU LEU A . n 
A 1 198 ASN 198 198 198 ASN ASN A . n 
A 1 199 SER 199 199 199 SER SER A . n 
A 1 200 GLY 200 200 200 GLY GLY A . n 
A 1 201 VAL 201 201 201 VAL VAL A . n 
A 1 202 SER 202 202 202 SER SER A . n 
A 1 203 ILE 203 203 203 ILE ILE A . n 
A 1 204 ARG 204 204 204 ARG ARG A . n 
A 1 205 LEU 205 205 205 LEU LEU A . n 
A 1 206 ARG 206 206 206 ARG ARG A . n 
A 1 207 ASP 207 207 207 ASP ASP A . n 
A 1 208 LYS 208 208 208 LYS LYS A . n 
A 1 209 ARG 209 209 209 ARG ARG A . n 
A 1 210 ASP 210 210 210 ASP ASP A . n 
A 1 211 GLY 211 211 211 GLY GLY A . n 
A 1 212 LYS 212 212 212 LYS LYS A . n 
A 1 213 GLU 213 213 213 GLU GLU A . n 
A 1 214 ASP 214 214 214 ASP ASP A . n 
A 1 215 HIS 215 215 215 HIS HIS A . n 
A 1 216 PHE 216 216 216 PHE PHE A . n 
A 1 217 HIS 217 217 217 HIS HIS A . n 
A 1 218 TYR 218 218 218 TYR TYR A . n 
A 1 219 GLU 219 219 219 GLU GLU A . n 
A 1 220 GLY 220 220 ?   ?   ?   A . n 
# 
loop_
_pdbx_nonpoly_scheme.asym_id 
_pdbx_nonpoly_scheme.entity_id 
_pdbx_nonpoly_scheme.mon_id 
_pdbx_nonpoly_scheme.ndb_seq_num 
_pdbx_nonpoly_scheme.pdb_seq_num 
_pdbx_nonpoly_scheme.auth_seq_num 
_pdbx_nonpoly_scheme.pdb_mon_id 
_pdbx_nonpoly_scheme.auth_mon_id 
_pdbx_nonpoly_scheme.pdb_strand_id 
_pdbx_nonpoly_scheme.pdb_ins_code 
B 2 E0R 1   301 1219 E0R G92 A . 
C 3 HOH 1   401 1423 HOH HOH A . 
C 3 HOH 2   402 1411 HOH HOH A . 
C 3 HOH 3   403 1420 HOH HOH A . 
C 3 HOH 4   404 1450 HOH HOH A . 
C 3 HOH 5   405 1422 HOH HOH A . 
C 3 HOH 6   406 1351 HOH HOH A . 
C 3 HOH 7   407 1429 HOH HOH A . 
C 3 HOH 8   408 1359 HOH HOH A . 
C 3 HOH 9   409 1369 HOH HOH A . 
C 3 HOH 10  410 1333 HOH HOH A . 
C 3 HOH 11  411 1434 HOH HOH A . 
C 3 HOH 12  412 1341 HOH HOH A . 
C 3 HOH 13  413 1407 HOH HOH A . 
C 3 HOH 14  414 1346 HOH HOH A . 
C 3 HOH 15  415 1372 HOH HOH A . 
C 3 HOH 16  416 1412 HOH HOH A . 
C 3 HOH 17  417 1417 HOH HOH A . 
C 3 HOH 18  418 1436 HOH HOH A . 
C 3 HOH 19  419 1355 HOH HOH A . 
C 3 HOH 20  420 1387 HOH HOH A . 
C 3 HOH 21  421 1337 HOH HOH A . 
C 3 HOH 22  422 1347 HOH HOH A . 
C 3 HOH 23  423 1376 HOH HOH A . 
C 3 HOH 24  424 1426 HOH HOH A . 
C 3 HOH 25  425 1343 HOH HOH A . 
C 3 HOH 26  426 1410 HOH HOH A . 
C 3 HOH 27  427 1349 HOH HOH A . 
C 3 HOH 28  428 1399 HOH HOH A . 
C 3 HOH 29  429 1358 HOH HOH A . 
C 3 HOH 30  430 1383 HOH HOH A . 
C 3 HOH 31  431 1362 HOH HOH A . 
C 3 HOH 32  432 1404 HOH HOH A . 
C 3 HOH 33  433 1368 HOH HOH A . 
C 3 HOH 34  434 1366 HOH HOH A . 
C 3 HOH 35  435 1360 HOH HOH A . 
C 3 HOH 36  436 1398 HOH HOH A . 
C 3 HOH 37  437 1440 HOH HOH A . 
C 3 HOH 38  438 1386 HOH HOH A . 
C 3 HOH 39  439 1444 HOH HOH A . 
C 3 HOH 40  440 1363 HOH HOH A . 
C 3 HOH 41  441 1384 HOH HOH A . 
C 3 HOH 42  442 1350 HOH HOH A . 
C 3 HOH 43  443 1322 HOH HOH A . 
C 3 HOH 44  444 1435 HOH HOH A . 
C 3 HOH 45  445 1331 HOH HOH A . 
C 3 HOH 46  446 1379 HOH HOH A . 
C 3 HOH 47  447 1448 HOH HOH A . 
C 3 HOH 48  448 1401 HOH HOH A . 
C 3 HOH 49  449 1390 HOH HOH A . 
C 3 HOH 50  450 1338 HOH HOH A . 
C 3 HOH 51  451 1365 HOH HOH A . 
C 3 HOH 52  452 1367 HOH HOH A . 
C 3 HOH 53  453 1324 HOH HOH A . 
C 3 HOH 54  454 1413 HOH HOH A . 
C 3 HOH 55  455 1344 HOH HOH A . 
C 3 HOH 56  456 1375 HOH HOH A . 
C 3 HOH 57  457 1330 HOH HOH A . 
C 3 HOH 58  458 1323 HOH HOH A . 
C 3 HOH 59  459 1356 HOH HOH A . 
C 3 HOH 60  460 1416 HOH HOH A . 
C 3 HOH 61  461 1319 HOH HOH A . 
C 3 HOH 62  462 1357 HOH HOH A . 
C 3 HOH 63  463 1327 HOH HOH A . 
C 3 HOH 64  464 1321 HOH HOH A . 
C 3 HOH 65  465 1332 HOH HOH A . 
C 3 HOH 66  466 1418 HOH HOH A . 
C 3 HOH 67  467 1361 HOH HOH A . 
C 3 HOH 68  468 1451 HOH HOH A . 
C 3 HOH 69  469 1378 HOH HOH A . 
C 3 HOH 70  470 1354 HOH HOH A . 
C 3 HOH 71  471 1334 HOH HOH A . 
C 3 HOH 72  472 1339 HOH HOH A . 
C 3 HOH 73  473 1373 HOH HOH A . 
C 3 HOH 74  474 1385 HOH HOH A . 
C 3 HOH 75  475 1325 HOH HOH A . 
C 3 HOH 76  476 1320 HOH HOH A . 
C 3 HOH 77  477 1371 HOH HOH A . 
C 3 HOH 78  478 1377 HOH HOH A . 
C 3 HOH 79  479 1352 HOH HOH A . 
C 3 HOH 80  480 1406 HOH HOH A . 
C 3 HOH 81  481 1374 HOH HOH A . 
C 3 HOH 82  482 1364 HOH HOH A . 
C 3 HOH 83  483 1336 HOH HOH A . 
C 3 HOH 84  484 1340 HOH HOH A . 
C 3 HOH 85  485 1400 HOH HOH A . 
C 3 HOH 86  486 1402 HOH HOH A . 
C 3 HOH 87  487 1370 HOH HOH A . 
C 3 HOH 88  488 1389 HOH HOH A . 
C 3 HOH 89  489 1424 HOH HOH A . 
C 3 HOH 90  490 1326 HOH HOH A . 
C 3 HOH 91  491 1348 HOH HOH A . 
C 3 HOH 92  492 1437 HOH HOH A . 
C 3 HOH 93  493 1428 HOH HOH A . 
C 3 HOH 94  494 1335 HOH HOH A . 
C 3 HOH 95  495 1345 HOH HOH A . 
C 3 HOH 96  496 1446 HOH HOH A . 
C 3 HOH 97  497 1380 HOH HOH A . 
C 3 HOH 98  498 1438 HOH HOH A . 
C 3 HOH 99  499 1443 HOH HOH A . 
C 3 HOH 100 500 1433 HOH HOH A . 
C 3 HOH 101 501 1381 HOH HOH A . 
C 3 HOH 102 502 1415 HOH HOH A . 
C 3 HOH 103 503 1394 HOH HOH A . 
C 3 HOH 104 504 1391 HOH HOH A . 
C 3 HOH 105 505 1403 HOH HOH A . 
C 3 HOH 106 506 1405 HOH HOH A . 
C 3 HOH 107 507 1414 HOH HOH A . 
C 3 HOH 108 508 1432 HOH HOH A . 
C 3 HOH 109 509 1441 HOH HOH A . 
C 3 HOH 110 510 1388 HOH HOH A . 
C 3 HOH 111 511 1442 HOH HOH A . 
C 3 HOH 112 512 1382 HOH HOH A . 
C 3 HOH 113 513 1445 HOH HOH A . 
C 3 HOH 114 514 1342 HOH HOH A . 
C 3 HOH 115 515 1431 HOH HOH A . 
C 3 HOH 116 516 1419 HOH HOH A . 
C 3 HOH 117 517 1449 HOH HOH A . 
C 3 HOH 118 518 1353 HOH HOH A . 
C 3 HOH 119 519 1328 HOH HOH A . 
C 3 HOH 120 520 1329 HOH HOH A . 
C 3 HOH 121 521 1397 HOH HOH A . 
C 3 HOH 122 522 1421 HOH HOH A . 
C 3 HOH 123 523 1392 HOH HOH A . 
C 3 HOH 124 524 1427 HOH HOH A . 
C 3 HOH 125 525 1409 HOH HOH A . 
C 3 HOH 126 526 1393 HOH HOH A . 
C 3 HOH 127 527 1425 HOH HOH A . 
C 3 HOH 128 528 1396 HOH HOH A . 
C 3 HOH 129 529 1430 HOH HOH A . 
C 3 HOH 130 530 1439 HOH HOH A . 
C 3 HOH 131 531 1408 HOH HOH A . 
C 3 HOH 132 532 1447 HOH HOH A . 
C 3 HOH 133 533 1395 HOH HOH A . 
# 
_pdbx_struct_assembly.id                   1 
_pdbx_struct_assembly.details              author_defined_assembly 
_pdbx_struct_assembly.method_details       ? 
_pdbx_struct_assembly.oligomeric_details   monomeric 
_pdbx_struct_assembly.oligomeric_count     1 
# 
_pdbx_struct_assembly_gen.assembly_id       1 
_pdbx_struct_assembly_gen.oper_expression   1 
_pdbx_struct_assembly_gen.asym_id_list      A,B,C 
# 
_pdbx_struct_oper_list.id                   1 
_pdbx_struct_oper_list.type                 'identity operation' 
_pdbx_struct_oper_list.name                 1_555 
_pdbx_struct_oper_list.symmetry_operation   x,y,z 
_pdbx_struct_oper_list.matrix[1][1]         1.0000000000 
_pdbx_struct_oper_list.matrix[1][2]         0.0000000000 
_pdbx_struct_oper_list.matrix[1][3]         0.0000000000 
_pdbx_struct_oper_list.vector[1]            0.0000000000 
_pdbx_struct_oper_list.matrix[2][1]         0.0000000000 
_pdbx_struct_oper_list.matrix[2][2]         1.0000000000 
_pdbx_struct_oper_list.matrix[2][3]         0.0000000000 
_pdbx_struct_oper_list.vector[2]            0.0000000000 
_pdbx_struct_oper_list.matrix[3][1]         0.0000000000 
_pdbx_struct_oper_list.matrix[3][2]         0.0000000000 
_pdbx_struct_oper_list.matrix[3][3]         1.0000000000 
_pdbx_struct_oper_list.vector[3]            0.0000000000 
# 
loop_
_pdbx_audit_revision_history.ordinal 
_pdbx_audit_revision_history.data_content_type 
_pdbx_audit_revision_history.major_revision 
_pdbx_audit_revision_history.minor_revision 
_pdbx_audit_revision_history.revision_date 
1 'Structure model' 1 0 2020-05-06 
2 'Structure model' 1 1 2020-05-27 
3 'Structure model' 1 2 2023-11-22 
# 
_pdbx_audit_revision_details.ordinal             1 
_pdbx_audit_revision_details.revision_ordinal    1 
_pdbx_audit_revision_details.data_content_type   'Structure model' 
_pdbx_audit_revision_details.provider            repository 
_pdbx_audit_revision_details.type                'Initial release' 
_pdbx_audit_revision_details.description         ? 
_pdbx_audit_revision_details.details             ? 
# 
loop_
_pdbx_audit_revision_group.ordinal 
_pdbx_audit_revision_group.revision_ordinal 
_pdbx_audit_revision_group.data_content_type 
_pdbx_audit_revision_group.group 
1 2 'Structure model' 'Database references'    
2 3 'Structure model' 'Data collection'        
3 3 'Structure model' 'Database references'    
4 3 'Structure model' 'Refinement description' 
# 
loop_
_pdbx_audit_revision_category.ordinal 
_pdbx_audit_revision_category.revision_ordinal 
_pdbx_audit_revision_category.data_content_type 
_pdbx_audit_revision_category.category 
1 2 'Structure model' citation                      
2 2 'Structure model' citation_author               
3 3 'Structure model' chem_comp_atom                
4 3 'Structure model' chem_comp_bond                
5 3 'Structure model' database_2                    
6 3 'Structure model' pdbx_initial_refinement_model 
# 
loop_
_pdbx_audit_revision_item.ordinal 
_pdbx_audit_revision_item.revision_ordinal 
_pdbx_audit_revision_item.data_content_type 
_pdbx_audit_revision_item.item 
1 2 'Structure model' '_citation.journal_volume'            
2 2 'Structure model' '_citation.page_first'                
3 2 'Structure model' '_citation.page_last'                 
4 2 'Structure model' '_citation.pdbx_database_id_PubMed'   
5 2 'Structure model' '_citation.title'                     
6 2 'Structure model' '_citation_author.identifier_ORCID'   
7 3 'Structure model' '_database_2.pdbx_DOI'                
8 3 'Structure model' '_database_2.pdbx_database_accession' 
# 
loop_
_software.citation_id 
_software.classification 
_software.compiler_name 
_software.compiler_version 
_software.contact_author 
_software.contact_author_email 
_software.date 
_software.description 
_software.dependencies 
_software.hardware 
_software.language 
_software.location 
_software.mods 
_software.name 
_software.os 
_software.os_version 
_software.type 
_software.version 
_software.pdbx_ordinal 
? refinement       ? ? ? ? ? ? ? ? ? ? ? REFMAC       ? ? ? 5.8.0158 1 
? 'data reduction' ? ? ? ? ? ? ? ? ? ? ? CrystalClear ? ? ? .        2 
? 'data scaling'   ? ? ? ? ? ? ? ? ? ? ? CrystalClear ? ? ? .        3 
? phasing          ? ? ? ? ? ? ? ? ? ? ? MOLREP       ? ? ? .        4 
# 
_pdbx_entry_details.entry_id                 6KZZ 
_pdbx_entry_details.has_ligand_of_interest   Y 
_pdbx_entry_details.compound_details         ? 
_pdbx_entry_details.source_details           ? 
_pdbx_entry_details.nonpolymer_details       ? 
_pdbx_entry_details.sequence_details         ? 
# 
loop_
_pdbx_validate_rmsd_angle.id 
_pdbx_validate_rmsd_angle.PDB_model_num 
_pdbx_validate_rmsd_angle.auth_atom_id_1 
_pdbx_validate_rmsd_angle.auth_asym_id_1 
_pdbx_validate_rmsd_angle.auth_comp_id_1 
_pdbx_validate_rmsd_angle.auth_seq_id_1 
_pdbx_validate_rmsd_angle.PDB_ins_code_1 
_pdbx_validate_rmsd_angle.label_alt_id_1 
_pdbx_validate_rmsd_angle.auth_atom_id_2 
_pdbx_validate_rmsd_angle.auth_asym_id_2 
_pdbx_validate_rmsd_angle.auth_comp_id_2 
_pdbx_validate_rmsd_angle.auth_seq_id_2 
_pdbx_validate_rmsd_angle.PDB_ins_code_2 
_pdbx_validate_rmsd_angle.label_alt_id_2 
_pdbx_validate_rmsd_angle.auth_atom_id_3 
_pdbx_validate_rmsd_angle.auth_asym_id_3 
_pdbx_validate_rmsd_angle.auth_comp_id_3 
_pdbx_validate_rmsd_angle.auth_seq_id_3 
_pdbx_validate_rmsd_angle.PDB_ins_code_3 
_pdbx_validate_rmsd_angle.label_alt_id_3 
_pdbx_validate_rmsd_angle.angle_value 
_pdbx_validate_rmsd_angle.angle_target_value 
_pdbx_validate_rmsd_angle.angle_deviation 
_pdbx_validate_rmsd_angle.angle_standard_deviation 
_pdbx_validate_rmsd_angle.linker_flag 
1 1 NE A ARG 136 ? ? CZ A ARG 136 ? ? NH2 A ARG 136 ? ? 123.49 120.30 3.19 0.50 N 
2 1 NE A ARG 206 ? ? CZ A ARG 206 ? ? NH2 A ARG 206 ? ? 123.31 120.30 3.01 0.50 N 
# 
_pdbx_validate_torsion.id              1 
_pdbx_validate_torsion.PDB_model_num   1 
_pdbx_validate_torsion.auth_comp_id    ASN 
_pdbx_validate_torsion.auth_asym_id    A 
_pdbx_validate_torsion.auth_seq_id     178 
_pdbx_validate_torsion.PDB_ins_code    ? 
_pdbx_validate_torsion.label_alt_id    ? 
_pdbx_validate_torsion.phi             74.04 
_pdbx_validate_torsion.psi             -84.03 
# 
loop_
_pdbx_unobs_or_zero_occ_atoms.id 
_pdbx_unobs_or_zero_occ_atoms.PDB_model_num 
_pdbx_unobs_or_zero_occ_atoms.polymer_flag 
_pdbx_unobs_or_zero_occ_atoms.occupancy_flag 
_pdbx_unobs_or_zero_occ_atoms.auth_asym_id 
_pdbx_unobs_or_zero_occ_atoms.auth_comp_id 
_pdbx_unobs_or_zero_occ_atoms.auth_seq_id 
_pdbx_unobs_or_zero_occ_atoms.PDB_ins_code 
_pdbx_unobs_or_zero_occ_atoms.auth_atom_id 
_pdbx_unobs_or_zero_occ_atoms.label_alt_id 
_pdbx_unobs_or_zero_occ_atoms.label_asym_id 
_pdbx_unobs_or_zero_occ_atoms.label_comp_id 
_pdbx_unobs_or_zero_occ_atoms.label_seq_id 
_pdbx_unobs_or_zero_occ_atoms.label_atom_id 
1 1 Y 1 A LYS 57 ? CG ? A LYS 57 CG 
2 1 Y 1 A LYS 57 ? CD ? A LYS 57 CD 
3 1 Y 1 A LYS 57 ? CE ? A LYS 57 CE 
4 1 Y 1 A LYS 57 ? NZ ? A LYS 57 NZ 
# 
loop_
_pdbx_unobs_or_zero_occ_residues.id 
_pdbx_unobs_or_zero_occ_residues.PDB_model_num 
_pdbx_unobs_or_zero_occ_residues.polymer_flag 
_pdbx_unobs_or_zero_occ_residues.occupancy_flag 
_pdbx_unobs_or_zero_occ_residues.auth_asym_id 
_pdbx_unobs_or_zero_occ_residues.auth_comp_id 
_pdbx_unobs_or_zero_occ_residues.auth_seq_id 
_pdbx_unobs_or_zero_occ_residues.PDB_ins_code 
_pdbx_unobs_or_zero_occ_residues.label_asym_id 
_pdbx_unobs_or_zero_occ_residues.label_comp_id 
_pdbx_unobs_or_zero_occ_residues.label_seq_id 
1  1 Y 1 A MET 1   ? A MET 1   
2  1 Y 1 A SER 2   ? A SER 2   
3  1 Y 1 A ASN 3   ? A ASN 3   
4  1 Y 1 A SER 4   ? A SER 4   
5  1 Y 1 A TYR 5   ? A TYR 5   
6  1 Y 1 A ALA 100 ? A ALA 100 
7  1 Y 1 A GLY 101 ? A GLY 101 
8  1 Y 1 A GLY 102 ? A GLY 102 
9  1 Y 1 A LYS 103 ? A LYS 103 
10 1 Y 1 A PHE 104 ? A PHE 104 
11 1 Y 1 A ASP 105 ? A ASP 105 
12 1 Y 1 A ASP 106 ? A ASP 106 
13 1 Y 1 A ASN 107 ? A ASN 107 
14 1 Y 1 A SER 108 ? A SER 108 
15 1 Y 1 A TYR 109 ? A TYR 109 
16 1 Y 1 A LYS 110 ? A LYS 110 
17 1 Y 1 A VAL 111 ? A VAL 111 
18 1 Y 1 A SER 112 ? A SER 112 
19 1 Y 1 A GLY 113 ? A GLY 113 
20 1 Y 1 A GLY 114 ? A GLY 114 
21 1 Y 1 A LEU 115 ? A LEU 115 
22 1 Y 1 A HIS 116 ? A HIS 116 
23 1 Y 1 A GLY 117 ? A GLY 117 
24 1 Y 1 A GLY 220 ? A GLY 220 
# 
loop_
_chem_comp_atom.comp_id 
_chem_comp_atom.atom_id 
_chem_comp_atom.type_symbol 
_chem_comp_atom.pdbx_aromatic_flag 
_chem_comp_atom.pdbx_stereo_config 
_chem_comp_atom.pdbx_ordinal 
ALA N    N N N 1   
ALA CA   C N S 2   
ALA C    C N N 3   
ALA O    O N N 4   
ALA CB   C N N 5   
ALA OXT  O N N 6   
ALA H    H N N 7   
ALA H2   H N N 8   
ALA HA   H N N 9   
ALA HB1  H N N 10  
ALA HB2  H N N 11  
ALA HB3  H N N 12  
ALA HXT  H N N 13  
ARG N    N N N 14  
ARG CA   C N S 15  
ARG C    C N N 16  
ARG O    O N N 17  
ARG CB   C N N 18  
ARG CG   C N N 19  
ARG CD   C N N 20  
ARG NE   N N N 21  
ARG CZ   C N N 22  
ARG NH1  N N N 23  
ARG NH2  N N N 24  
ARG OXT  O N N 25  
ARG H    H N N 26  
ARG H2   H N N 27  
ARG HA   H N N 28  
ARG HB2  H N N 29  
ARG HB3  H N N 30  
ARG HG2  H N N 31  
ARG HG3  H N N 32  
ARG HD2  H N N 33  
ARG HD3  H N N 34  
ARG HE   H N N 35  
ARG HH11 H N N 36  
ARG HH12 H N N 37  
ARG HH21 H N N 38  
ARG HH22 H N N 39  
ARG HXT  H N N 40  
ASN N    N N N 41  
ASN CA   C N S 42  
ASN C    C N N 43  
ASN O    O N N 44  
ASN CB   C N N 45  
ASN CG   C N N 46  
ASN OD1  O N N 47  
ASN ND2  N N N 48  
ASN OXT  O N N 49  
ASN H    H N N 50  
ASN H2   H N N 51  
ASN HA   H N N 52  
ASN HB2  H N N 53  
ASN HB3  H N N 54  
ASN HD21 H N N 55  
ASN HD22 H N N 56  
ASN HXT  H N N 57  
ASP N    N N N 58  
ASP CA   C N S 59  
ASP C    C N N 60  
ASP O    O N N 61  
ASP CB   C N N 62  
ASP CG   C N N 63  
ASP OD1  O N N 64  
ASP OD2  O N N 65  
ASP OXT  O N N 66  
ASP H    H N N 67  
ASP H2   H N N 68  
ASP HA   H N N 69  
ASP HB2  H N N 70  
ASP HB3  H N N 71  
ASP HD2  H N N 72  
ASP HXT  H N N 73  
CYS N    N N N 74  
CYS CA   C N R 75  
CYS C    C N N 76  
CYS O    O N N 77  
CYS CB   C N N 78  
CYS SG   S N N 79  
CYS OXT  O N N 80  
CYS H    H N N 81  
CYS H2   H N N 82  
CYS HA   H N N 83  
CYS HB2  H N N 84  
CYS HB3  H N N 85  
CYS HG   H N N 86  
CYS HXT  H N N 87  
E0R C4   C Y N 88  
E0R C5   C Y N 89  
E0R C6   C Y N 90  
E0R C8   C N N 91  
E0R C15  C Y N 92  
E0R C17  C Y N 93  
E0R C20  C N N 94  
E0R C2   C Y N 95  
E0R C3   C Y N 96  
E0R C16  C Y N 97  
E0R C18  C Y N 98  
E0R C19  C Y N 99  
E0R C25  C N N 100 
E0R O23  O N N 101 
E0R C9   C N N 102 
E0R N10  N N N 103 
E0R N24  N N N 104 
E0R C1   C Y N 105 
E0R C7   C N N 106 
E0R C11  C N N 107 
E0R O13  O N N 108 
E0R N12  N N N 109 
E0R C14  C Y N 110 
E0R O22  O N N 111 
E0R O21  O N N 112 
E0R H1   H N N 113 
E0R H2   H N N 114 
E0R H3   H N N 115 
E0R H4   H N N 116 
E0R H5   H N N 117 
E0R H6   H N N 118 
E0R H7   H N N 119 
E0R H8   H N N 120 
E0R H9   H N N 121 
E0R H10  H N N 122 
E0R H11  H N N 123 
E0R H12  H N N 124 
E0R H13  H N N 125 
E0R H14  H N N 126 
E0R H15  H N N 127 
GLN N    N N N 128 
GLN CA   C N S 129 
GLN C    C N N 130 
GLN O    O N N 131 
GLN CB   C N N 132 
GLN CG   C N N 133 
GLN CD   C N N 134 
GLN OE1  O N N 135 
GLN NE2  N N N 136 
GLN OXT  O N N 137 
GLN H    H N N 138 
GLN H2   H N N 139 
GLN HA   H N N 140 
GLN HB2  H N N 141 
GLN HB3  H N N 142 
GLN HG2  H N N 143 
GLN HG3  H N N 144 
GLN HE21 H N N 145 
GLN HE22 H N N 146 
GLN HXT  H N N 147 
GLU N    N N N 148 
GLU CA   C N S 149 
GLU C    C N N 150 
GLU O    O N N 151 
GLU CB   C N N 152 
GLU CG   C N N 153 
GLU CD   C N N 154 
GLU OE1  O N N 155 
GLU OE2  O N N 156 
GLU OXT  O N N 157 
GLU H    H N N 158 
GLU H2   H N N 159 
GLU HA   H N N 160 
GLU HB2  H N N 161 
GLU HB3  H N N 162 
GLU HG2  H N N 163 
GLU HG3  H N N 164 
GLU HE2  H N N 165 
GLU HXT  H N N 166 
GLY N    N N N 167 
GLY CA   C N N 168 
GLY C    C N N 169 
GLY O    O N N 170 
GLY OXT  O N N 171 
GLY H    H N N 172 
GLY H2   H N N 173 
GLY HA2  H N N 174 
GLY HA3  H N N 175 
GLY HXT  H N N 176 
HIS N    N N N 177 
HIS CA   C N S 178 
HIS C    C N N 179 
HIS O    O N N 180 
HIS CB   C N N 181 
HIS CG   C Y N 182 
HIS ND1  N Y N 183 
HIS CD2  C Y N 184 
HIS CE1  C Y N 185 
HIS NE2  N Y N 186 
HIS OXT  O N N 187 
HIS H    H N N 188 
HIS H2   H N N 189 
HIS HA   H N N 190 
HIS HB2  H N N 191 
HIS HB3  H N N 192 
HIS HD1  H N N 193 
HIS HD2  H N N 194 
HIS HE1  H N N 195 
HIS HE2  H N N 196 
HIS HXT  H N N 197 
HOH O    O N N 198 
HOH H1   H N N 199 
HOH H2   H N N 200 
ILE N    N N N 201 
ILE CA   C N S 202 
ILE C    C N N 203 
ILE O    O N N 204 
ILE CB   C N S 205 
ILE CG1  C N N 206 
ILE CG2  C N N 207 
ILE CD1  C N N 208 
ILE OXT  O N N 209 
ILE H    H N N 210 
ILE H2   H N N 211 
ILE HA   H N N 212 
ILE HB   H N N 213 
ILE HG12 H N N 214 
ILE HG13 H N N 215 
ILE HG21 H N N 216 
ILE HG22 H N N 217 
ILE HG23 H N N 218 
ILE HD11 H N N 219 
ILE HD12 H N N 220 
ILE HD13 H N N 221 
ILE HXT  H N N 222 
LEU N    N N N 223 
LEU CA   C N S 224 
LEU C    C N N 225 
LEU O    O N N 226 
LEU CB   C N N 227 
LEU CG   C N N 228 
LEU CD1  C N N 229 
LEU CD2  C N N 230 
LEU OXT  O N N 231 
LEU H    H N N 232 
LEU H2   H N N 233 
LEU HA   H N N 234 
LEU HB2  H N N 235 
LEU HB3  H N N 236 
LEU HG   H N N 237 
LEU HD11 H N N 238 
LEU HD12 H N N 239 
LEU HD13 H N N 240 
LEU HD21 H N N 241 
LEU HD22 H N N 242 
LEU HD23 H N N 243 
LEU HXT  H N N 244 
LYS N    N N N 245 
LYS CA   C N S 246 
LYS C    C N N 247 
LYS O    O N N 248 
LYS CB   C N N 249 
LYS CG   C N N 250 
LYS CD   C N N 251 
LYS CE   C N N 252 
LYS NZ   N N N 253 
LYS OXT  O N N 254 
LYS H    H N N 255 
LYS H2   H N N 256 
LYS HA   H N N 257 
LYS HB2  H N N 258 
LYS HB3  H N N 259 
LYS HG2  H N N 260 
LYS HG3  H N N 261 
LYS HD2  H N N 262 
LYS HD3  H N N 263 
LYS HE2  H N N 264 
LYS HE3  H N N 265 
LYS HZ1  H N N 266 
LYS HZ2  H N N 267 
LYS HZ3  H N N 268 
LYS HXT  H N N 269 
MET N    N N N 270 
MET CA   C N S 271 
MET C    C N N 272 
MET O    O N N 273 
MET CB   C N N 274 
MET CG   C N N 275 
MET SD   S N N 276 
MET CE   C N N 277 
MET OXT  O N N 278 
MET H    H N N 279 
MET H2   H N N 280 
MET HA   H N N 281 
MET HB2  H N N 282 
MET HB3  H N N 283 
MET HG2  H N N 284 
MET HG3  H N N 285 
MET HE1  H N N 286 
MET HE2  H N N 287 
MET HE3  H N N 288 
MET HXT  H N N 289 
PHE N    N N N 290 
PHE CA   C N S 291 
PHE C    C N N 292 
PHE O    O N N 293 
PHE CB   C N N 294 
PHE CG   C Y N 295 
PHE CD1  C Y N 296 
PHE CD2  C Y N 297 
PHE CE1  C Y N 298 
PHE CE2  C Y N 299 
PHE CZ   C Y N 300 
PHE OXT  O N N 301 
PHE H    H N N 302 
PHE H2   H N N 303 
PHE HA   H N N 304 
PHE HB2  H N N 305 
PHE HB3  H N N 306 
PHE HD1  H N N 307 
PHE HD2  H N N 308 
PHE HE1  H N N 309 
PHE HE2  H N N 310 
PHE HZ   H N N 311 
PHE HXT  H N N 312 
PRO N    N N N 313 
PRO CA   C N S 314 
PRO C    C N N 315 
PRO O    O N N 316 
PRO CB   C N N 317 
PRO CG   C N N 318 
PRO CD   C N N 319 
PRO OXT  O N N 320 
PRO H    H N N 321 
PRO HA   H N N 322 
PRO HB2  H N N 323 
PRO HB3  H N N 324 
PRO HG2  H N N 325 
PRO HG3  H N N 326 
PRO HD2  H N N 327 
PRO HD3  H N N 328 
PRO HXT  H N N 329 
SER N    N N N 330 
SER CA   C N S 331 
SER C    C N N 332 
SER O    O N N 333 
SER CB   C N N 334 
SER OG   O N N 335 
SER OXT  O N N 336 
SER H    H N N 337 
SER H2   H N N 338 
SER HA   H N N 339 
SER HB2  H N N 340 
SER HB3  H N N 341 
SER HG   H N N 342 
SER HXT  H N N 343 
THR N    N N N 344 
THR CA   C N S 345 
THR C    C N N 346 
THR O    O N N 347 
THR CB   C N R 348 
THR OG1  O N N 349 
THR CG2  C N N 350 
THR OXT  O N N 351 
THR H    H N N 352 
THR H2   H N N 353 
THR HA   H N N 354 
THR HB   H N N 355 
THR HG1  H N N 356 
THR HG21 H N N 357 
THR HG22 H N N 358 
THR HG23 H N N 359 
THR HXT  H N N 360 
TRP N    N N N 361 
TRP CA   C N S 362 
TRP C    C N N 363 
TRP O    O N N 364 
TRP CB   C N N 365 
TRP CG   C Y N 366 
TRP CD1  C Y N 367 
TRP CD2  C Y N 368 
TRP NE1  N Y N 369 
TRP CE2  C Y N 370 
TRP CE3  C Y N 371 
TRP CZ2  C Y N 372 
TRP CZ3  C Y N 373 
TRP CH2  C Y N 374 
TRP OXT  O N N 375 
TRP H    H N N 376 
TRP H2   H N N 377 
TRP HA   H N N 378 
TRP HB2  H N N 379 
TRP HB3  H N N 380 
TRP HD1  H N N 381 
TRP HE1  H N N 382 
TRP HE3  H N N 383 
TRP HZ2  H N N 384 
TRP HZ3  H N N 385 
TRP HH2  H N N 386 
TRP HXT  H N N 387 
TYR N    N N N 388 
TYR CA   C N S 389 
TYR C    C N N 390 
TYR O    O N N 391 
TYR CB   C N N 392 
TYR CG   C Y N 393 
TYR CD1  C Y N 394 
TYR CD2  C Y N 395 
TYR CE1  C Y N 396 
TYR CE2  C Y N 397 
TYR CZ   C Y N 398 
TYR OH   O N N 399 
TYR OXT  O N N 400 
TYR H    H N N 401 
TYR H2   H N N 402 
TYR HA   H N N 403 
TYR HB2  H N N 404 
TYR HB3  H N N 405 
TYR HD1  H N N 406 
TYR HD2  H N N 407 
TYR HE1  H N N 408 
TYR HE2  H N N 409 
TYR HH   H N N 410 
TYR HXT  H N N 411 
VAL N    N N N 412 
VAL CA   C N S 413 
VAL C    C N N 414 
VAL O    O N N 415 
VAL CB   C N N 416 
VAL CG1  C N N 417 
VAL CG2  C N N 418 
VAL OXT  O N N 419 
VAL H    H N N 420 
VAL H2   H N N 421 
VAL HA   H N N 422 
VAL HB   H N N 423 
VAL HG11 H N N 424 
VAL HG12 H N N 425 
VAL HG13 H N N 426 
VAL HG21 H N N 427 
VAL HG22 H N N 428 
VAL HG23 H N N 429 
VAL HXT  H N N 430 
# 
loop_
_chem_comp_bond.comp_id 
_chem_comp_bond.atom_id_1 
_chem_comp_bond.atom_id_2 
_chem_comp_bond.value_order 
_chem_comp_bond.pdbx_aromatic_flag 
_chem_comp_bond.pdbx_stereo_config 
_chem_comp_bond.pdbx_ordinal 
ALA N   CA   sing N N 1   
ALA N   H    sing N N 2   
ALA N   H2   sing N N 3   
ALA CA  C    sing N N 4   
ALA CA  CB   sing N N 5   
ALA CA  HA   sing N N 6   
ALA C   O    doub N N 7   
ALA C   OXT  sing N N 8   
ALA CB  HB1  sing N N 9   
ALA CB  HB2  sing N N 10  
ALA CB  HB3  sing N N 11  
ALA OXT HXT  sing N N 12  
ARG N   CA   sing N N 13  
ARG N   H    sing N N 14  
ARG N   H2   sing N N 15  
ARG CA  C    sing N N 16  
ARG CA  CB   sing N N 17  
ARG CA  HA   sing N N 18  
ARG C   O    doub N N 19  
ARG C   OXT  sing N N 20  
ARG CB  CG   sing N N 21  
ARG CB  HB2  sing N N 22  
ARG CB  HB3  sing N N 23  
ARG CG  CD   sing N N 24  
ARG CG  HG2  sing N N 25  
ARG CG  HG3  sing N N 26  
ARG CD  NE   sing N N 27  
ARG CD  HD2  sing N N 28  
ARG CD  HD3  sing N N 29  
ARG NE  CZ   sing N N 30  
ARG NE  HE   sing N N 31  
ARG CZ  NH1  sing N N 32  
ARG CZ  NH2  doub N N 33  
ARG NH1 HH11 sing N N 34  
ARG NH1 HH12 sing N N 35  
ARG NH2 HH21 sing N N 36  
ARG NH2 HH22 sing N N 37  
ARG OXT HXT  sing N N 38  
ASN N   CA   sing N N 39  
ASN N   H    sing N N 40  
ASN N   H2   sing N N 41  
ASN CA  C    sing N N 42  
ASN CA  CB   sing N N 43  
ASN CA  HA   sing N N 44  
ASN C   O    doub N N 45  
ASN C   OXT  sing N N 46  
ASN CB  CG   sing N N 47  
ASN CB  HB2  sing N N 48  
ASN CB  HB3  sing N N 49  
ASN CG  OD1  doub N N 50  
ASN CG  ND2  sing N N 51  
ASN ND2 HD21 sing N N 52  
ASN ND2 HD22 sing N N 53  
ASN OXT HXT  sing N N 54  
ASP N   CA   sing N N 55  
ASP N   H    sing N N 56  
ASP N   H2   sing N N 57  
ASP CA  C    sing N N 58  
ASP CA  CB   sing N N 59  
ASP CA  HA   sing N N 60  
ASP C   O    doub N N 61  
ASP C   OXT  sing N N 62  
ASP CB  CG   sing N N 63  
ASP CB  HB2  sing N N 64  
ASP CB  HB3  sing N N 65  
ASP CG  OD1  doub N N 66  
ASP CG  OD2  sing N N 67  
ASP OD2 HD2  sing N N 68  
ASP OXT HXT  sing N N 69  
CYS N   CA   sing N N 70  
CYS N   H    sing N N 71  
CYS N   H2   sing N N 72  
CYS CA  C    sing N N 73  
CYS CA  CB   sing N N 74  
CYS CA  HA   sing N N 75  
CYS C   O    doub N N 76  
CYS C   OXT  sing N N 77  
CYS CB  SG   sing N N 78  
CYS CB  HB2  sing N N 79  
CYS CB  HB3  sing N N 80  
CYS SG  HG   sing N N 81  
CYS OXT HXT  sing N N 82  
E0R O22 C20  doub N N 83  
E0R C16 C15  doub Y N 84  
E0R C16 C17  sing Y N 85  
E0R C20 C17  sing N N 86  
E0R C20 O21  sing N N 87  
E0R C15 C14  sing Y N 88  
E0R C17 C18  doub Y N 89  
E0R O23 C9   doub N N 90  
E0R C14 N12  sing N N 91  
E0R C14 C19  doub Y N 92  
E0R N12 C11  sing N N 93  
E0R C18 C19  sing Y N 94  
E0R C9  N10  sing N N 95  
E0R C9  C8   sing N N 96  
E0R N10 C5   sing N N 97  
E0R C25 N24  sing N N 98  
E0R N24 C6   sing N N 99  
E0R C11 C8   sing N N 100 
E0R C11 O13  doub N N 101 
E0R C8  C7   doub N N 102 
E0R C5  C6   doub Y N 103 
E0R C5  C4   sing Y N 104 
E0R C6  C1   sing Y N 105 
E0R C7  C4   sing N N 106 
E0R C4  C3   doub Y N 107 
E0R C1  C2   doub Y N 108 
E0R C3  C2   sing Y N 109 
E0R C15 H1   sing N N 110 
E0R C2  H2   sing N N 111 
E0R C3  H3   sing N N 112 
E0R C16 H4   sing N N 113 
E0R C18 H5   sing N N 114 
E0R C19 H6   sing N N 115 
E0R C25 H7   sing N N 116 
E0R C25 H8   sing N N 117 
E0R C25 H9   sing N N 118 
E0R N10 H10  sing N N 119 
E0R N24 H11  sing N N 120 
E0R C1  H12  sing N N 121 
E0R C7  H13  sing N N 122 
E0R N12 H14  sing N N 123 
E0R O21 H15  sing N N 124 
GLN N   CA   sing N N 125 
GLN N   H    sing N N 126 
GLN N   H2   sing N N 127 
GLN CA  C    sing N N 128 
GLN CA  CB   sing N N 129 
GLN CA  HA   sing N N 130 
GLN C   O    doub N N 131 
GLN C   OXT  sing N N 132 
GLN CB  CG   sing N N 133 
GLN CB  HB2  sing N N 134 
GLN CB  HB3  sing N N 135 
GLN CG  CD   sing N N 136 
GLN CG  HG2  sing N N 137 
GLN CG  HG3  sing N N 138 
GLN CD  OE1  doub N N 139 
GLN CD  NE2  sing N N 140 
GLN NE2 HE21 sing N N 141 
GLN NE2 HE22 sing N N 142 
GLN OXT HXT  sing N N 143 
GLU N   CA   sing N N 144 
GLU N   H    sing N N 145 
GLU N   H2   sing N N 146 
GLU CA  C    sing N N 147 
GLU CA  CB   sing N N 148 
GLU CA  HA   sing N N 149 
GLU C   O    doub N N 150 
GLU C   OXT  sing N N 151 
GLU CB  CG   sing N N 152 
GLU CB  HB2  sing N N 153 
GLU CB  HB3  sing N N 154 
GLU CG  CD   sing N N 155 
GLU CG  HG2  sing N N 156 
GLU CG  HG3  sing N N 157 
GLU CD  OE1  doub N N 158 
GLU CD  OE2  sing N N 159 
GLU OE2 HE2  sing N N 160 
GLU OXT HXT  sing N N 161 
GLY N   CA   sing N N 162 
GLY N   H    sing N N 163 
GLY N   H2   sing N N 164 
GLY CA  C    sing N N 165 
GLY CA  HA2  sing N N 166 
GLY CA  HA3  sing N N 167 
GLY C   O    doub N N 168 
GLY C   OXT  sing N N 169 
GLY OXT HXT  sing N N 170 
HIS N   CA   sing N N 171 
HIS N   H    sing N N 172 
HIS N   H2   sing N N 173 
HIS CA  C    sing N N 174 
HIS CA  CB   sing N N 175 
HIS CA  HA   sing N N 176 
HIS C   O    doub N N 177 
HIS C   OXT  sing N N 178 
HIS CB  CG   sing N N 179 
HIS CB  HB2  sing N N 180 
HIS CB  HB3  sing N N 181 
HIS CG  ND1  sing Y N 182 
HIS CG  CD2  doub Y N 183 
HIS ND1 CE1  doub Y N 184 
HIS ND1 HD1  sing N N 185 
HIS CD2 NE2  sing Y N 186 
HIS CD2 HD2  sing N N 187 
HIS CE1 NE2  sing Y N 188 
HIS CE1 HE1  sing N N 189 
HIS NE2 HE2  sing N N 190 
HIS OXT HXT  sing N N 191 
HOH O   H1   sing N N 192 
HOH O   H2   sing N N 193 
ILE N   CA   sing N N 194 
ILE N   H    sing N N 195 
ILE N   H2   sing N N 196 
ILE CA  C    sing N N 197 
ILE CA  CB   sing N N 198 
ILE CA  HA   sing N N 199 
ILE C   O    doub N N 200 
ILE C   OXT  sing N N 201 
ILE CB  CG1  sing N N 202 
ILE CB  CG2  sing N N 203 
ILE CB  HB   sing N N 204 
ILE CG1 CD1  sing N N 205 
ILE CG1 HG12 sing N N 206 
ILE CG1 HG13 sing N N 207 
ILE CG2 HG21 sing N N 208 
ILE CG2 HG22 sing N N 209 
ILE CG2 HG23 sing N N 210 
ILE CD1 HD11 sing N N 211 
ILE CD1 HD12 sing N N 212 
ILE CD1 HD13 sing N N 213 
ILE OXT HXT  sing N N 214 
LEU N   CA   sing N N 215 
LEU N   H    sing N N 216 
LEU N   H2   sing N N 217 
LEU CA  C    sing N N 218 
LEU CA  CB   sing N N 219 
LEU CA  HA   sing N N 220 
LEU C   O    doub N N 221 
LEU C   OXT  sing N N 222 
LEU CB  CG   sing N N 223 
LEU CB  HB2  sing N N 224 
LEU CB  HB3  sing N N 225 
LEU CG  CD1  sing N N 226 
LEU CG  CD2  sing N N 227 
LEU CG  HG   sing N N 228 
LEU CD1 HD11 sing N N 229 
LEU CD1 HD12 sing N N 230 
LEU CD1 HD13 sing N N 231 
LEU CD2 HD21 sing N N 232 
LEU CD2 HD22 sing N N 233 
LEU CD2 HD23 sing N N 234 
LEU OXT HXT  sing N N 235 
LYS N   CA   sing N N 236 
LYS N   H    sing N N 237 
LYS N   H2   sing N N 238 
LYS CA  C    sing N N 239 
LYS CA  CB   sing N N 240 
LYS CA  HA   sing N N 241 
LYS C   O    doub N N 242 
LYS C   OXT  sing N N 243 
LYS CB  CG   sing N N 244 
LYS CB  HB2  sing N N 245 
LYS CB  HB3  sing N N 246 
LYS CG  CD   sing N N 247 
LYS CG  HG2  sing N N 248 
LYS CG  HG3  sing N N 249 
LYS CD  CE   sing N N 250 
LYS CD  HD2  sing N N 251 
LYS CD  HD3  sing N N 252 
LYS CE  NZ   sing N N 253 
LYS CE  HE2  sing N N 254 
LYS CE  HE3  sing N N 255 
LYS NZ  HZ1  sing N N 256 
LYS NZ  HZ2  sing N N 257 
LYS NZ  HZ3  sing N N 258 
LYS OXT HXT  sing N N 259 
MET N   CA   sing N N 260 
MET N   H    sing N N 261 
MET N   H2   sing N N 262 
MET CA  C    sing N N 263 
MET CA  CB   sing N N 264 
MET CA  HA   sing N N 265 
MET C   O    doub N N 266 
MET C   OXT  sing N N 267 
MET CB  CG   sing N N 268 
MET CB  HB2  sing N N 269 
MET CB  HB3  sing N N 270 
MET CG  SD   sing N N 271 
MET CG  HG2  sing N N 272 
MET CG  HG3  sing N N 273 
MET SD  CE   sing N N 274 
MET CE  HE1  sing N N 275 
MET CE  HE2  sing N N 276 
MET CE  HE3  sing N N 277 
MET OXT HXT  sing N N 278 
PHE N   CA   sing N N 279 
PHE N   H    sing N N 280 
PHE N   H2   sing N N 281 
PHE CA  C    sing N N 282 
PHE CA  CB   sing N N 283 
PHE CA  HA   sing N N 284 
PHE C   O    doub N N 285 
PHE C   OXT  sing N N 286 
PHE CB  CG   sing N N 287 
PHE CB  HB2  sing N N 288 
PHE CB  HB3  sing N N 289 
PHE CG  CD1  doub Y N 290 
PHE CG  CD2  sing Y N 291 
PHE CD1 CE1  sing Y N 292 
PHE CD1 HD1  sing N N 293 
PHE CD2 CE2  doub Y N 294 
PHE CD2 HD2  sing N N 295 
PHE CE1 CZ   doub Y N 296 
PHE CE1 HE1  sing N N 297 
PHE CE2 CZ   sing Y N 298 
PHE CE2 HE2  sing N N 299 
PHE CZ  HZ   sing N N 300 
PHE OXT HXT  sing N N 301 
PRO N   CA   sing N N 302 
PRO N   CD   sing N N 303 
PRO N   H    sing N N 304 
PRO CA  C    sing N N 305 
PRO CA  CB   sing N N 306 
PRO CA  HA   sing N N 307 
PRO C   O    doub N N 308 
PRO C   OXT  sing N N 309 
PRO CB  CG   sing N N 310 
PRO CB  HB2  sing N N 311 
PRO CB  HB3  sing N N 312 
PRO CG  CD   sing N N 313 
PRO CG  HG2  sing N N 314 
PRO CG  HG3  sing N N 315 
PRO CD  HD2  sing N N 316 
PRO CD  HD3  sing N N 317 
PRO OXT HXT  sing N N 318 
SER N   CA   sing N N 319 
SER N   H    sing N N 320 
SER N   H2   sing N N 321 
SER CA  C    sing N N 322 
SER CA  CB   sing N N 323 
SER CA  HA   sing N N 324 
SER C   O    doub N N 325 
SER C   OXT  sing N N 326 
SER CB  OG   sing N N 327 
SER CB  HB2  sing N N 328 
SER CB  HB3  sing N N 329 
SER OG  HG   sing N N 330 
SER OXT HXT  sing N N 331 
THR N   CA   sing N N 332 
THR N   H    sing N N 333 
THR N   H2   sing N N 334 
THR CA  C    sing N N 335 
THR CA  CB   sing N N 336 
THR CA  HA   sing N N 337 
THR C   O    doub N N 338 
THR C   OXT  sing N N 339 
THR CB  OG1  sing N N 340 
THR CB  CG2  sing N N 341 
THR CB  HB   sing N N 342 
THR OG1 HG1  sing N N 343 
THR CG2 HG21 sing N N 344 
THR CG2 HG22 sing N N 345 
THR CG2 HG23 sing N N 346 
THR OXT HXT  sing N N 347 
TRP N   CA   sing N N 348 
TRP N   H    sing N N 349 
TRP N   H2   sing N N 350 
TRP CA  C    sing N N 351 
TRP CA  CB   sing N N 352 
TRP CA  HA   sing N N 353 
TRP C   O    doub N N 354 
TRP C   OXT  sing N N 355 
TRP CB  CG   sing N N 356 
TRP CB  HB2  sing N N 357 
TRP CB  HB3  sing N N 358 
TRP CG  CD1  doub Y N 359 
TRP CG  CD2  sing Y N 360 
TRP CD1 NE1  sing Y N 361 
TRP CD1 HD1  sing N N 362 
TRP CD2 CE2  doub Y N 363 
TRP CD2 CE3  sing Y N 364 
TRP NE1 CE2  sing Y N 365 
TRP NE1 HE1  sing N N 366 
TRP CE2 CZ2  sing Y N 367 
TRP CE3 CZ3  doub Y N 368 
TRP CE3 HE3  sing N N 369 
TRP CZ2 CH2  doub Y N 370 
TRP CZ2 HZ2  sing N N 371 
TRP CZ3 CH2  sing Y N 372 
TRP CZ3 HZ3  sing N N 373 
TRP CH2 HH2  sing N N 374 
TRP OXT HXT  sing N N 375 
TYR N   CA   sing N N 376 
TYR N   H    sing N N 377 
TYR N   H2   sing N N 378 
TYR CA  C    sing N N 379 
TYR CA  CB   sing N N 380 
TYR CA  HA   sing N N 381 
TYR C   O    doub N N 382 
TYR C   OXT  sing N N 383 
TYR CB  CG   sing N N 384 
TYR CB  HB2  sing N N 385 
TYR CB  HB3  sing N N 386 
TYR CG  CD1  doub Y N 387 
TYR CG  CD2  sing Y N 388 
TYR CD1 CE1  sing Y N 389 
TYR CD1 HD1  sing N N 390 
TYR CD2 CE2  doub Y N 391 
TYR CD2 HD2  sing N N 392 
TYR CE1 CZ   doub Y N 393 
TYR CE1 HE1  sing N N 394 
TYR CE2 CZ   sing Y N 395 
TYR CE2 HE2  sing N N 396 
TYR CZ  OH   sing N N 397 
TYR OH  HH   sing N N 398 
TYR OXT HXT  sing N N 399 
VAL N   CA   sing N N 400 
VAL N   H    sing N N 401 
VAL N   H2   sing N N 402 
VAL CA  C    sing N N 403 
VAL CA  CB   sing N N 404 
VAL CA  HA   sing N N 405 
VAL C   O    doub N N 406 
VAL C   OXT  sing N N 407 
VAL CB  CG1  sing N N 408 
VAL CB  CG2  sing N N 409 
VAL CB  HB   sing N N 410 
VAL CG1 HG11 sing N N 411 
VAL CG1 HG12 sing N N 412 
VAL CG1 HG13 sing N N 413 
VAL CG2 HG21 sing N N 414 
VAL CG2 HG22 sing N N 415 
VAL CG2 HG23 sing N N 416 
VAL OXT HXT  sing N N 417 
# 
_pdbx_entity_instance_feature.ordinal        1 
_pdbx_entity_instance_feature.comp_id        E0R 
_pdbx_entity_instance_feature.asym_id        ? 
_pdbx_entity_instance_feature.seq_num        ? 
_pdbx_entity_instance_feature.auth_comp_id   E0R 
_pdbx_entity_instance_feature.auth_asym_id   ? 
_pdbx_entity_instance_feature.auth_seq_num   ? 
_pdbx_entity_instance_feature.feature_type   'SUBJECT OF INVESTIGATION' 
_pdbx_entity_instance_feature.details        ? 
# 
loop_
_pdbx_entity_nonpoly.entity_id 
_pdbx_entity_nonpoly.name 
_pdbx_entity_nonpoly.comp_id 
2 '4-[[8-(methylamino)-2-oxidanylidene-1~{H}-quinolin-3-yl]carbonylamino]benzoic acid' E0R 
3 water                                                                                HOH 
# 
_pdbx_initial_refinement_model.id               1 
_pdbx_initial_refinement_model.entity_id_list   ? 
_pdbx_initial_refinement_model.type             'experimental model' 
_pdbx_initial_refinement_model.source_name      PDB 
_pdbx_initial_refinement_model.accession_code   1AJ6 
_pdbx_initial_refinement_model.details          ? 
# 
_pdbx_struct_assembly_auth_evidence.id                     1 
_pdbx_struct_assembly_auth_evidence.assembly_id            1 
_pdbx_struct_assembly_auth_evidence.experimental_support   none 
_pdbx_struct_assembly_auth_evidence.details                ? 
# 
